data_7VZZ
#
_entry.id   7VZZ
#
_cell.length_a   111.860
_cell.length_b   111.860
_cell.length_c   231.272
_cell.angle_alpha   90.000
_cell.angle_beta   90.000
_cell.angle_gamma   120.000
#
_symmetry.space_group_name_H-M   'P 31 2 1'
#
loop_
_entity.id
_entity.type
_entity.pdbx_description
1 polymer GdmN
2 non-polymer 1,2-ETHANEDIOL
3 non-polymer '[(2~{R},3~{S},4~{R},5~{R})-5-(6-aminopurin-9-yl)-3,4-bis(oxidanyl)oxolan-2-yl]methyl [(~{S})-azanyl-[[(5~{S},6~{E},8~{S},9~{S},12~{R},13~{E},15~{E})-21-chloranyl-12,20-dimethoxy-6,8,16-trimethyl-5-oxidanyl-3,11-bis(oxidanylidene)-2-azabicyclo[16.3.1]docosa-1(21),6,13,15,18(22),19-hexaen-9-yl]oxy]-oxidanyl-methyl] hydrogen phosphate'
4 non-polymer 'SULFATE ION'
5 non-polymer 'FE (III) ION'
6 non-polymer "5'-O-[(S)-(carbamoyloxy)(hydroxy)phosphoryl]adenosine"
7 non-polymer (5~{S},6~{E},8~{S},9~{S},12~{R},15~{E})-21-chloranyl-12,20-dimethoxy-6,8,16-trimethyl-5,9-bis(oxidanyl)-2-azabicyclo[16.3.1]docosa-1(21),6,15,18(22),19-pentaene-3,11-dione
8 water water
#
_entity_poly.entity_id   1
_entity_poly.type   'polypeptide(L)'
_entity_poly.pdbx_seq_one_letter_code
;MGSSHHHHHHSSGLVPRGSHMLVLGLNGNFSAADTDVVPQLGEVFFHDSAASLIRDGELVAAVEEERLNRIKKTTKFPLN
AVRECLALAGARPEDVDAVGYYFPENHIDTVLNHLYTEYPRAPLRYSRELIRQRLKEGLGWDLPDEKLVYVPHHEAHAYS
SYLHSGMDSALVLVLDGRGELHSGTVYRAEGTRLEKLADYPVPKSLGGLYLNATYLLGYGFGDEYKVMGLAPWGNPETYR
DTFAKLYTLQDNGEYELHGNIMVPNLVSPLFYAEGFRPRRKGEPFTQAHRDFAAALQETVEKIVLHILEYWAKTSGHSRL
CFGGGVAHNSSLNGLILKSGLFDEVFVHPASHDAGAGEGAAYAAAASLGTLERPGKRLLSASLGPALGGREQIRARLADW
APLIDVEFPDDAVETAAGLLAEGQVLGWAYGRSEFGPRALGHRSIVADARPEENRTRINAMVKKREGFRPFAPVVTAEAA
RDYFDLSGADGNHEFMSFVVPVLPERRTELGAVTHVDGTARVQVVSAESGERFHRLVRRFGELTGTPVLLNTSFNNNAEP
IVQSLDDVVTSFLTTDLDVLVVEDCLVRGKASPDLGVLVPRFRPVTRLVERRTAGPDASAGAKTHEIHLDYDGGPSAKVS
PELYELLGAVDGTTTLGDLAKTVGGLSDALATEVFALWEQRFLTLAPAGDIGPLADDGTRGH
;
_entity_poly.pdbx_strand_id   A,B
#
# COMPACT_ATOMS: atom_id res chain seq x y z
N MET A 21 13.60 26.63 32.41
CA MET A 21 13.58 25.39 31.62
C MET A 21 12.30 25.24 30.78
N LEU A 22 12.45 25.26 29.45
CA LEU A 22 11.33 25.21 28.52
C LEU A 22 11.63 24.18 27.43
N VAL A 23 10.87 23.09 27.41
CA VAL A 23 11.19 21.97 26.53
C VAL A 23 10.00 21.66 25.64
N LEU A 24 10.27 21.42 24.37
CA LEU A 24 9.27 21.08 23.39
C LEU A 24 9.19 19.56 23.22
N GLY A 25 7.98 19.01 23.33
CA GLY A 25 7.75 17.61 23.04
C GLY A 25 7.17 17.42 21.66
N LEU A 26 7.75 16.50 20.90
CA LEU A 26 7.36 16.28 19.50
C LEU A 26 7.02 14.82 19.26
N ASN A 27 6.06 14.62 18.35
CA ASN A 27 5.72 13.30 17.85
C ASN A 27 4.97 13.49 16.54
N GLY A 28 5.16 12.54 15.64
CA GLY A 28 4.56 12.55 14.33
C GLY A 28 5.58 12.25 13.25
N ASN A 29 5.13 12.33 12.01
CA ASN A 29 6.05 12.22 10.90
C ASN A 29 6.49 13.63 10.50
N PHE A 30 7.03 13.78 9.29
CA PHE A 30 7.72 15.01 8.90
C PHE A 30 7.17 15.60 7.60
N SER A 31 5.92 15.31 7.27
CA SER A 31 5.37 15.76 6.01
C SER A 31 4.94 17.21 6.12
N ALA A 32 5.09 17.93 5.01
CA ALA A 32 4.62 19.30 4.89
C ALA A 32 3.10 19.35 4.86
N ALA A 33 2.54 20.51 4.53
CA ALA A 33 1.09 20.62 4.59
C ALA A 33 0.43 20.07 3.33
N ASP A 34 1.07 20.20 2.19
CA ASP A 34 0.46 19.85 0.92
C ASP A 34 0.95 18.55 0.32
N THR A 35 2.05 17.97 0.84
CA THR A 35 2.61 16.72 0.37
C THR A 35 3.03 15.86 1.55
N ASP A 36 3.32 14.60 1.27
CA ASP A 36 3.82 13.69 2.29
C ASP A 36 5.25 13.29 1.95
N VAL A 37 5.99 12.78 2.95
CA VAL A 37 7.43 12.49 2.75
C VAL A 37 7.62 11.46 1.63
N VAL A 38 6.70 10.53 1.49
CA VAL A 38 6.56 9.77 0.25
C VAL A 38 5.12 9.92 -0.19
N PRO A 39 4.84 9.71 -1.49
CA PRO A 39 3.46 9.85 -1.96
C PRO A 39 2.51 8.87 -1.28
N GLN A 40 1.33 9.37 -0.92
CA GLN A 40 0.27 8.58 -0.32
C GLN A 40 0.73 7.85 0.95
N LEU A 41 1.67 8.45 1.69
CA LEU A 41 2.19 7.87 2.93
C LEU A 41 1.05 7.33 3.78
N GLY A 42 1.17 6.06 4.16
CA GLY A 42 0.09 5.41 4.88
C GLY A 42 -0.24 6.09 6.20
N GLU A 43 -1.52 6.00 6.57
CA GLU A 43 -2.07 6.76 7.70
C GLU A 43 -1.53 6.33 9.06
N VAL A 44 -0.84 5.19 9.15
CA VAL A 44 -0.32 4.67 10.42
C VAL A 44 1.16 4.98 10.64
N PHE A 45 1.80 5.71 9.74
CA PHE A 45 3.23 5.92 9.86
C PHE A 45 3.48 7.17 10.69
N PHE A 46 3.46 6.99 12.02
CA PHE A 46 3.74 8.03 13.01
C PHE A 46 2.62 9.09 13.03
N HIS A 47 1.52 8.71 13.67
CA HIS A 47 0.26 9.40 13.62
C HIS A 47 0.06 10.21 14.89
N ASP A 48 -1.08 10.92 14.94
CA ASP A 48 -1.48 11.70 16.10
C ASP A 48 -0.45 12.80 16.42
N SER A 49 0.06 13.45 15.37
CA SER A 49 1.07 14.50 15.51
C SER A 49 0.60 15.59 16.46
N ALA A 50 1.53 16.05 17.29
CA ALA A 50 1.22 17.04 18.31
C ALA A 50 2.52 17.70 18.78
N ALA A 51 2.34 18.78 19.50
CA ALA A 51 3.43 19.47 20.17
C ALA A 51 2.98 19.80 21.59
N SER A 52 3.90 19.60 22.54
CA SER A 52 3.67 19.96 23.94
C SER A 52 4.84 20.80 24.42
N LEU A 53 4.52 21.75 25.28
CA LEU A 53 5.50 22.66 25.87
C LEU A 53 5.42 22.51 27.37
N ILE A 54 6.51 22.06 28.00
CA ILE A 54 6.55 22.10 29.45
C ILE A 54 7.57 23.14 29.88
N ARG A 55 7.28 23.81 31.00
CA ARG A 55 8.12 24.88 31.54
C ARG A 55 8.18 24.78 33.07
N ASP A 56 9.37 24.58 33.62
CA ASP A 56 9.56 24.33 35.05
C ASP A 56 8.75 23.11 35.49
N GLY A 57 8.72 22.10 34.62
CA GLY A 57 8.02 20.86 34.88
C GLY A 57 6.53 20.91 34.79
N GLU A 58 5.93 22.04 34.46
CA GLU A 58 4.48 22.14 34.29
C GLU A 58 4.16 22.13 32.81
N LEU A 59 3.06 21.44 32.47
CA LEU A 59 2.63 21.30 31.08
C LEU A 59 1.79 22.53 30.75
N VAL A 60 2.39 23.49 30.02
CA VAL A 60 1.70 24.76 29.82
C VAL A 60 0.91 24.85 28.53
N ALA A 61 1.15 23.97 27.57
CA ALA A 61 0.45 24.07 26.30
C ALA A 61 0.58 22.75 25.55
N ALA A 62 -0.50 22.30 24.93
CA ALA A 62 -0.49 21.04 24.20
C ALA A 62 -1.63 21.04 23.19
N VAL A 63 -1.33 20.67 21.94
CA VAL A 63 -2.37 20.58 20.91
C VAL A 63 -1.92 19.59 19.85
N GLU A 64 -2.85 18.75 19.43
CA GLU A 64 -2.61 17.83 18.32
C GLU A 64 -2.76 18.56 17.00
N GLU A 65 -1.86 18.28 16.07
CA GLU A 65 -1.89 18.97 14.78
C GLU A 65 -3.18 18.68 13.99
N GLU A 66 -3.91 17.60 14.33
CA GLU A 66 -5.19 17.31 13.67
C GLU A 66 -6.18 18.46 13.81
N ARG A 67 -6.16 19.15 14.97
CA ARG A 67 -7.09 20.25 15.25
C ARG A 67 -6.80 21.44 14.35
N LEU A 68 -5.57 21.58 13.85
CA LEU A 68 -5.18 22.75 13.09
C LEU A 68 -5.16 22.52 11.58
N ASN A 69 -4.76 21.34 11.09
CA ASN A 69 -4.89 21.05 9.66
C ASN A 69 -6.17 20.27 9.31
N ARG A 70 -6.99 19.94 10.31
CA ARG A 70 -8.32 19.36 10.13
C ARG A 70 -8.30 17.95 9.54
N ILE A 71 -7.16 17.26 9.63
CA ILE A 71 -7.02 15.88 9.19
C ILE A 71 -6.94 14.98 10.42
N LYS A 72 -8.03 14.25 10.73
CA LYS A 72 -8.06 13.37 11.92
C LYS A 72 -6.85 12.48 12.01
N LYS A 73 -6.22 12.47 13.20
CA LYS A 73 -5.09 11.60 13.58
C LYS A 73 -3.89 11.77 12.66
N THR A 74 -3.76 12.95 12.01
CA THR A 74 -2.76 13.17 10.96
C THR A 74 -1.35 12.72 11.33
N THR A 75 -0.59 12.37 10.29
CA THR A 75 0.83 12.07 10.33
C THR A 75 1.71 13.29 10.06
N LYS A 76 1.17 14.39 9.54
CA LYS A 76 1.99 15.49 9.08
C LYS A 76 2.71 16.18 10.24
N PHE A 77 3.84 16.79 9.93
CA PHE A 77 4.67 17.43 10.95
C PHE A 77 3.86 18.47 11.72
N PRO A 78 3.87 18.43 13.10
CA PRO A 78 3.05 19.33 13.91
C PRO A 78 3.60 20.76 13.95
N LEU A 79 3.92 21.30 12.78
CA LEU A 79 4.45 22.65 12.69
C LEU A 79 3.50 23.68 13.32
N ASN A 80 2.23 23.67 12.90
CA ASN A 80 1.24 24.59 13.48
C ASN A 80 1.11 24.43 14.99
N ALA A 81 1.21 23.19 15.48
CA ALA A 81 1.05 22.97 16.91
C ALA A 81 2.24 23.54 17.68
N VAL A 82 3.44 23.52 17.11
CA VAL A 82 4.58 24.12 17.79
C VAL A 82 4.37 25.63 17.90
N ARG A 83 4.08 26.28 16.77
CA ARG A 83 3.79 27.71 16.75
C ARG A 83 2.69 28.08 17.74
N GLU A 84 1.60 27.30 17.78
CA GLU A 84 0.53 27.57 18.74
C GLU A 84 0.98 27.37 20.18
N CYS A 85 1.86 26.40 20.45
CA CYS A 85 2.34 26.21 21.82
C CYS A 85 3.28 27.33 22.24
N LEU A 86 4.15 27.80 21.34
CA LEU A 86 5.01 28.94 21.65
C LEU A 86 4.19 30.18 21.98
N ALA A 87 3.09 30.41 21.25
CA ALA A 87 2.27 31.57 21.51
C ALA A 87 1.56 31.47 22.85
N LEU A 88 1.06 30.28 23.19
CA LEU A 88 0.33 30.14 24.45
C LEU A 88 1.25 30.33 25.65
N ALA A 89 2.51 29.92 25.53
CA ALA A 89 3.53 30.12 26.57
C ALA A 89 4.15 31.50 26.53
N GLY A 90 3.83 32.33 25.54
CA GLY A 90 4.48 33.62 25.41
C GLY A 90 5.97 33.52 25.15
N ALA A 91 6.39 32.50 24.40
CA ALA A 91 7.79 32.22 24.15
C ALA A 91 8.11 32.33 22.67
N ARG A 92 9.39 32.63 22.37
CA ARG A 92 9.96 32.62 21.04
C ARG A 92 10.72 31.32 20.83
N PRO A 93 10.90 30.90 19.57
CA PRO A 93 11.70 29.67 19.30
C PRO A 93 13.07 29.67 19.96
N GLU A 94 13.74 30.82 20.00
CA GLU A 94 15.03 30.98 20.68
C GLU A 94 14.95 30.64 22.17
N ASP A 95 13.77 30.73 22.78
CA ASP A 95 13.64 30.49 24.22
C ASP A 95 13.63 29.02 24.60
N VAL A 96 13.51 28.10 23.65
CA VAL A 96 13.33 26.69 23.96
C VAL A 96 14.69 26.04 24.23
N ASP A 97 14.79 25.31 25.35
CA ASP A 97 16.06 24.74 25.78
C ASP A 97 16.33 23.37 25.17
N ALA A 98 15.32 22.54 25.02
CA ALA A 98 15.54 21.25 24.36
C ALA A 98 14.27 20.82 23.65
N VAL A 99 14.44 19.92 22.69
CA VAL A 99 13.34 19.30 21.95
C VAL A 99 13.45 17.79 22.11
N GLY A 100 12.34 17.17 22.52
CA GLY A 100 12.24 15.72 22.59
C GLY A 100 11.49 15.15 21.42
N TYR A 101 11.84 13.91 21.06
CA TYR A 101 11.12 13.18 20.02
C TYR A 101 10.81 11.79 20.54
N TYR A 102 9.62 11.31 20.25
CA TYR A 102 9.06 10.18 20.99
C TYR A 102 9.53 8.81 20.49
N PHE A 103 10.59 8.72 19.71
CA PHE A 103 11.16 7.46 19.21
C PHE A 103 12.68 7.59 19.13
N PRO A 104 13.42 6.49 19.26
CA PRO A 104 14.87 6.55 19.06
C PRO A 104 15.23 6.90 17.63
N GLU A 105 16.35 7.61 17.49
CA GLU A 105 16.74 8.14 16.19
C GLU A 105 16.92 7.03 15.18
N ASN A 106 17.55 5.92 15.58
CA ASN A 106 17.83 4.85 14.65
C ASN A 106 16.55 4.18 14.17
N HIS A 107 15.53 4.12 15.02
CA HIS A 107 14.31 3.44 14.62
C HIS A 107 13.51 4.23 13.59
N ILE A 108 13.23 5.51 13.87
CA ILE A 108 12.52 6.33 12.89
C ILE A 108 13.32 6.44 11.59
N ASP A 109 14.66 6.55 11.68
CA ASP A 109 15.46 6.68 10.46
C ASP A 109 15.47 5.39 9.64
N THR A 110 15.43 4.24 10.31
CA THR A 110 15.38 2.97 9.57
C THR A 110 14.05 2.81 8.84
N VAL A 111 12.94 3.22 9.49
CA VAL A 111 11.63 3.17 8.83
C VAL A 111 11.57 4.17 7.67
N LEU A 112 12.11 5.38 7.88
CA LEU A 112 12.22 6.30 6.76
C LEU A 112 13.02 5.67 5.64
N ASN A 113 14.16 5.06 5.98
CA ASN A 113 15.00 4.41 4.98
C ASN A 113 14.23 3.32 4.22
N HIS A 114 13.39 2.57 4.92
CA HIS A 114 12.57 1.58 4.22
C HIS A 114 11.61 2.25 3.22
N LEU A 115 10.89 3.30 3.65
CA LEU A 115 10.00 4.01 2.74
C LEU A 115 10.76 4.49 1.52
N TYR A 116 12.00 4.94 1.71
CA TYR A 116 12.81 5.42 0.59
C TYR A 116 13.16 4.31 -0.38
N THR A 117 13.43 3.08 0.10
CA THR A 117 13.74 2.02 -0.85
C THR A 117 12.55 1.65 -1.71
N GLU A 118 11.33 1.91 -1.24
CA GLU A 118 10.13 1.70 -2.04
C GLU A 118 9.79 2.87 -2.94
N TYR A 119 10.39 4.04 -2.72
CA TYR A 119 10.11 5.25 -3.50
C TYR A 119 11.44 5.85 -3.93
N PRO A 120 12.05 5.31 -4.98
CA PRO A 120 13.41 5.74 -5.34
C PRO A 120 13.55 7.19 -5.76
N ARG A 121 12.47 7.93 -5.97
CA ARG A 121 12.61 9.36 -6.25
C ARG A 121 12.77 10.20 -4.99
N ALA A 122 12.38 9.70 -3.84
CA ALA A 122 12.40 10.51 -2.63
C ALA A 122 13.83 10.76 -2.21
N PRO A 123 14.23 12.00 -1.95
CA PRO A 123 15.57 12.25 -1.43
C PRO A 123 15.77 11.60 -0.07
N LEU A 124 16.98 11.14 0.16
CA LEU A 124 17.35 10.58 1.46
C LEU A 124 17.49 11.69 2.50
N ARG A 125 16.38 12.09 3.11
CA ARG A 125 16.38 13.06 4.20
C ARG A 125 15.83 12.35 5.43
N TYR A 126 16.66 12.19 6.45
CA TYR A 126 16.25 11.47 7.64
C TYR A 126 15.80 12.44 8.72
N SER A 127 15.43 11.90 9.88
CA SER A 127 14.60 12.66 10.80
C SER A 127 15.30 13.90 11.33
N ARG A 128 16.58 13.79 11.66
CA ARG A 128 17.28 14.95 12.21
C ARG A 128 17.28 16.10 11.22
N GLU A 129 17.62 15.82 9.96
CA GLU A 129 17.55 16.84 8.92
C GLU A 129 16.11 17.35 8.74
N LEU A 130 15.13 16.46 8.81
CA LEU A 130 13.77 16.88 8.49
C LEU A 130 13.18 17.73 9.62
N ILE A 131 13.50 17.38 10.86
CA ILE A 131 13.03 18.20 11.97
C ILE A 131 13.64 19.58 11.89
N ARG A 132 14.95 19.65 11.63
CA ARG A 132 15.63 20.93 11.53
C ARG A 132 15.21 21.73 10.30
N GLN A 133 14.79 21.06 9.22
CA GLN A 133 14.30 21.81 8.06
C GLN A 133 12.91 22.38 8.33
N ARG A 134 12.05 21.60 8.98
CA ARG A 134 10.70 22.07 9.24
C ARG A 134 10.72 23.23 10.23
N LEU A 135 11.53 23.11 11.28
CA LEU A 135 11.56 24.18 12.28
C LEU A 135 12.20 25.45 11.71
N LYS A 136 13.17 25.31 10.81
CA LYS A 136 13.81 26.49 10.24
C LYS A 136 12.91 27.18 9.21
N GLU A 137 12.33 26.43 8.28
CA GLU A 137 11.47 27.04 7.27
C GLU A 137 10.18 27.55 7.87
N GLY A 138 9.61 26.81 8.81
CA GLY A 138 8.28 27.11 9.28
C GLY A 138 8.19 28.01 10.49
N LEU A 139 9.31 28.21 11.22
CA LEU A 139 9.36 29.07 12.40
C LEU A 139 10.59 29.97 12.48
N GLY A 140 11.53 29.85 11.54
CA GLY A 140 12.71 30.68 11.57
C GLY A 140 13.69 30.27 12.65
N TRP A 141 13.65 29.01 13.04
CA TRP A 141 14.35 28.50 14.22
C TRP A 141 15.45 27.56 13.74
N ASP A 142 16.69 27.95 13.96
CA ASP A 142 17.85 27.10 13.72
C ASP A 142 18.07 26.23 14.96
N LEU A 143 17.49 25.04 14.97
CA LEU A 143 17.65 24.14 16.12
C LEU A 143 19.07 23.58 16.16
N PRO A 144 19.80 23.74 17.26
CA PRO A 144 21.13 23.13 17.35
C PRO A 144 21.05 21.65 17.63
N ASP A 145 21.97 20.89 17.01
CA ASP A 145 21.97 19.43 17.14
C ASP A 145 22.00 19.01 18.61
N GLU A 146 22.76 19.73 19.43
CA GLU A 146 22.93 19.38 20.83
C GLU A 146 21.60 19.41 21.58
N LYS A 147 20.64 20.22 21.13
CA LYS A 147 19.39 20.38 21.85
C LYS A 147 18.32 19.33 21.49
N LEU A 148 18.48 18.63 20.37
CA LEU A 148 17.50 17.63 19.95
C LEU A 148 17.81 16.29 20.61
N VAL A 149 16.85 15.78 21.38
CA VAL A 149 17.00 14.54 22.13
C VAL A 149 15.93 13.56 21.68
N TYR A 150 16.35 12.40 21.17
CA TYR A 150 15.44 11.29 20.88
C TYR A 150 15.30 10.39 22.11
N VAL A 151 14.19 9.67 22.18
CA VAL A 151 13.72 9.09 23.43
C VAL A 151 13.11 7.72 23.15
N PRO A 152 13.31 6.74 24.03
CA PRO A 152 12.62 5.45 23.88
C PRO A 152 11.12 5.62 24.03
N HIS A 153 10.38 4.97 23.14
CA HIS A 153 8.98 5.32 22.95
C HIS A 153 8.16 5.07 24.21
N HIS A 154 8.31 3.91 24.84
CA HIS A 154 7.53 3.66 26.05
C HIS A 154 8.04 4.43 27.26
N GLU A 155 9.31 4.84 27.25
CA GLU A 155 9.80 5.75 28.29
C GLU A 155 9.06 7.08 28.22
N ALA A 156 8.83 7.57 26.99
CA ALA A 156 8.04 8.78 26.80
C ALA A 156 6.62 8.62 27.32
N HIS A 157 5.93 7.55 26.90
CA HIS A 157 4.61 7.23 27.43
C HIS A 157 4.57 7.24 28.95
N ALA A 158 5.53 6.54 29.56
CA ALA A 158 5.49 6.35 30.99
C ALA A 158 5.65 7.66 31.73
N TYR A 159 6.57 8.52 31.26
CA TYR A 159 6.75 9.81 31.90
C TYR A 159 5.46 10.61 31.89
N SER A 160 4.79 10.63 30.74
CA SER A 160 3.58 11.42 30.59
C SER A 160 2.49 10.89 31.54
N SER A 161 2.23 9.59 31.50
CA SER A 161 1.23 9.00 32.39
C SER A 161 1.57 9.24 33.85
N TYR A 162 2.83 9.05 34.27
CA TYR A 162 3.17 9.05 35.70
C TYR A 162 3.37 10.45 36.30
N LEU A 163 4.08 11.37 35.64
CA LEU A 163 4.36 12.67 36.26
C LEU A 163 3.08 13.49 36.47
N HIS A 164 2.04 13.25 35.68
CA HIS A 164 0.77 13.92 35.85
C HIS A 164 -0.19 13.20 36.77
N SER A 165 0.27 12.18 37.50
CA SER A 165 -0.63 11.42 38.37
C SER A 165 -0.77 11.98 39.78
N GLY A 166 0.13 12.85 40.20
CA GLY A 166 0.18 13.25 41.58
C GLY A 166 0.68 12.20 42.53
N MET A 167 1.30 11.13 42.03
CA MET A 167 1.78 10.02 42.84
C MET A 167 3.30 10.09 42.93
N ASP A 168 3.85 9.68 44.10
CA ASP A 168 5.30 9.64 44.28
C ASP A 168 5.89 8.24 44.09
N SER A 169 5.06 7.21 44.07
CA SER A 169 5.50 5.88 43.71
C SER A 169 4.35 5.22 43.00
N ALA A 170 4.67 4.42 41.99
CA ALA A 170 3.62 3.71 41.32
C ALA A 170 4.24 2.64 40.44
N LEU A 171 3.38 1.69 40.08
CA LEU A 171 3.61 0.84 38.91
C LEU A 171 3.05 1.56 37.69
N VAL A 172 3.90 1.72 36.67
CA VAL A 172 3.48 2.24 35.36
C VAL A 172 3.46 1.10 34.34
N LEU A 173 2.29 0.87 33.74
CA LEU A 173 2.12 -0.05 32.62
C LEU A 173 1.91 0.76 31.34
N VAL A 174 2.71 0.47 30.31
CA VAL A 174 2.57 1.07 28.99
C VAL A 174 2.21 -0.07 28.03
N LEU A 175 1.00 -0.04 27.49
CA LEU A 175 0.61 -0.98 26.45
C LEU A 175 0.10 -0.19 25.25
N ASP A 176 0.64 -0.46 24.07
CA ASP A 176 0.17 0.23 22.88
C ASP A 176 0.34 -0.73 21.70
N GLY A 177 0.42 -0.19 20.50
CA GLY A 177 0.70 -0.97 19.32
C GLY A 177 2.14 -1.44 19.34
N ARG A 178 3.10 -0.52 19.25
CA ARG A 178 4.49 -0.91 19.43
C ARG A 178 5.33 0.35 19.62
N GLY A 179 6.41 0.18 20.38
CA GLY A 179 7.53 1.09 20.45
C GLY A 179 8.64 0.63 19.51
N GLU A 180 9.87 1.02 19.82
CA GLU A 180 10.94 0.65 18.88
C GLU A 180 11.19 -0.86 18.90
N LEU A 181 11.13 -1.51 20.08
CA LEU A 181 11.33 -2.95 20.21
C LEU A 181 10.28 -3.68 21.04
N HIS A 182 9.34 -3.00 21.67
CA HIS A 182 8.41 -3.67 22.57
C HIS A 182 6.99 -3.21 22.30
N SER A 183 6.04 -4.09 22.56
CA SER A 183 4.64 -3.74 22.49
C SER A 183 4.09 -3.35 23.84
N GLY A 184 4.78 -3.73 24.91
CA GLY A 184 4.37 -3.38 26.26
C GLY A 184 5.59 -3.30 27.14
N THR A 185 5.53 -2.39 28.11
CA THR A 185 6.60 -2.22 29.10
C THR A 185 5.98 -2.02 30.46
N VAL A 186 6.59 -2.61 31.49
CA VAL A 186 6.21 -2.36 32.87
C VAL A 186 7.34 -1.63 33.58
N TYR A 187 7.00 -0.53 34.25
CA TYR A 187 7.98 0.31 34.95
C TYR A 187 7.64 0.35 36.44
N ARG A 188 8.68 0.64 37.22
CA ARG A 188 8.54 1.12 38.58
C ARG A 188 8.91 2.59 38.60
N ALA A 189 8.05 3.42 39.20
CA ALA A 189 8.27 4.85 39.30
C ALA A 189 8.40 5.24 40.77
N GLU A 190 9.47 5.98 41.10
CA GLU A 190 9.69 6.53 42.43
C GLU A 190 10.33 7.90 42.28
N GLY A 191 9.64 8.92 42.83
CA GLY A 191 10.10 10.29 42.66
C GLY A 191 9.99 10.68 41.19
N THR A 192 11.13 11.03 40.59
CA THR A 192 11.22 11.29 39.16
C THR A 192 11.98 10.19 38.42
N ARG A 193 12.19 9.03 39.05
CA ARG A 193 13.01 7.98 38.48
C ARG A 193 12.16 6.81 38.00
N LEU A 194 12.35 6.43 36.73
CA LEU A 194 11.73 5.25 36.15
C LEU A 194 12.71 4.09 36.14
N GLU A 195 12.20 2.90 36.48
CA GLU A 195 12.98 1.67 36.49
C GLU A 195 12.20 0.59 35.78
N LYS A 196 12.76 0.05 34.69
CA LYS A 196 12.10 -1.02 33.94
C LYS A 196 12.05 -2.31 34.75
N LEU A 197 10.89 -2.94 34.73
CA LEU A 197 10.71 -4.25 35.34
C LEU A 197 10.44 -5.35 34.33
N ALA A 198 9.92 -5.02 33.16
CA ALA A 198 9.44 -6.05 32.23
C ALA A 198 9.15 -5.39 30.89
N ASP A 199 9.29 -6.17 29.82
CA ASP A 199 8.73 -5.75 28.53
C ASP A 199 8.15 -6.98 27.81
N TYR A 200 7.35 -6.70 26.77
CA TYR A 200 6.74 -7.71 25.90
C TYR A 200 7.09 -7.41 24.45
N PRO A 201 7.51 -8.41 23.69
CA PRO A 201 7.98 -8.16 22.32
C PRO A 201 6.85 -7.67 21.41
N VAL A 202 7.30 -7.15 20.26
CA VAL A 202 6.35 -6.61 19.29
C VAL A 202 5.31 -7.63 18.85
N PRO A 203 5.66 -8.88 18.51
CA PRO A 203 4.61 -9.79 18.05
C PRO A 203 3.57 -10.17 19.11
N LYS A 204 3.64 -9.64 20.33
CA LYS A 204 2.59 -9.84 21.32
C LYS A 204 1.65 -8.63 21.43
N SER A 205 1.71 -7.68 20.50
CA SER A 205 1.03 -6.41 20.66
C SER A 205 -0.48 -6.57 20.84
N LEU A 206 -1.00 -5.97 21.92
CA LEU A 206 -2.44 -5.97 22.11
C LEU A 206 -3.11 -4.88 21.31
N GLY A 207 -2.42 -3.77 21.05
CA GLY A 207 -2.96 -2.79 20.11
C GLY A 207 -2.98 -3.32 18.70
N GLY A 208 -1.96 -4.08 18.32
CA GLY A 208 -2.01 -4.79 17.06
C GLY A 208 -3.18 -5.75 16.97
N LEU A 209 -3.44 -6.50 18.04
CA LEU A 209 -4.56 -7.43 18.01
C LEU A 209 -5.87 -6.68 17.85
N TYR A 210 -6.02 -5.58 18.60
CA TYR A 210 -7.29 -4.88 18.60
C TYR A 210 -7.53 -4.19 17.24
N LEU A 211 -6.48 -3.55 16.69
CA LEU A 211 -6.57 -3.02 15.33
C LEU A 211 -6.85 -4.13 14.33
N ASN A 212 -6.15 -5.28 14.47
CA ASN A 212 -6.37 -6.41 13.56
C ASN A 212 -7.84 -6.83 13.55
N ALA A 213 -8.42 -7.02 14.74
CA ALA A 213 -9.83 -7.41 14.83
C ALA A 213 -10.75 -6.31 14.29
N THR A 214 -10.42 -5.05 14.55
CA THR A 214 -11.22 -3.91 14.06
C THR A 214 -11.43 -3.94 12.54
N TYR A 215 -10.42 -4.38 11.78
CA TYR A 215 -10.57 -4.45 10.34
C TYR A 215 -11.63 -5.46 9.90
N LEU A 216 -11.93 -6.47 10.72
CA LEU A 216 -12.97 -7.45 10.42
C LEU A 216 -14.39 -6.89 10.48
N LEU A 217 -14.59 -5.72 11.09
CA LEU A 217 -15.90 -5.13 11.24
C LEU A 217 -16.11 -3.95 10.30
N GLY A 218 -15.36 -3.90 9.21
CA GLY A 218 -15.49 -2.80 8.27
C GLY A 218 -14.87 -1.51 8.75
N TYR A 219 -14.28 -1.49 9.94
CA TYR A 219 -13.62 -0.31 10.47
C TYR A 219 -12.14 -0.32 10.10
N GLY A 220 -11.49 0.81 10.37
CA GLY A 220 -10.07 0.94 10.18
C GLY A 220 -9.40 1.67 11.31
N PHE A 221 -8.19 2.17 11.06
CA PHE A 221 -7.44 2.79 12.13
C PHE A 221 -8.18 4.03 12.65
N GLY A 222 -8.18 4.19 13.97
CA GLY A 222 -8.97 5.22 14.62
C GLY A 222 -10.36 4.78 15.06
N ASP A 223 -10.86 3.64 14.64
CA ASP A 223 -12.26 3.30 14.91
C ASP A 223 -12.39 2.35 16.10
N GLU A 224 -11.28 2.13 16.80
CA GLU A 224 -11.24 1.06 17.80
C GLU A 224 -12.14 1.33 18.99
N TYR A 225 -12.40 2.59 19.35
CA TYR A 225 -13.39 2.85 20.40
C TYR A 225 -14.83 2.67 19.94
N LYS A 226 -15.10 2.58 18.63
CA LYS A 226 -16.41 2.13 18.18
C LYS A 226 -16.57 0.65 18.40
N VAL A 227 -15.56 -0.14 18.05
CA VAL A 227 -15.61 -1.56 18.35
C VAL A 227 -15.81 -1.78 19.84
N MET A 228 -15.11 -1.01 20.67
CA MET A 228 -15.31 -1.12 22.13
C MET A 228 -16.73 -0.70 22.52
N GLY A 229 -17.31 0.25 21.79
CA GLY A 229 -18.68 0.66 22.04
C GLY A 229 -19.73 -0.32 21.57
N LEU A 230 -19.37 -1.20 20.63
CA LEU A 230 -20.27 -2.23 20.12
C LEU A 230 -20.24 -3.48 20.99
N ALA A 231 -19.08 -3.82 21.55
CA ALA A 231 -18.94 -5.04 22.35
C ALA A 231 -20.03 -5.28 23.39
N PRO A 232 -20.48 -4.29 24.18
CA PRO A 232 -21.54 -4.58 25.17
C PRO A 232 -22.81 -5.17 24.57
N TRP A 233 -23.08 -4.93 23.29
CA TRP A 233 -24.28 -5.42 22.60
C TRP A 233 -24.18 -6.88 22.20
N GLY A 234 -23.05 -7.54 22.43
CA GLY A 234 -22.83 -8.89 21.99
C GLY A 234 -22.61 -9.83 23.16
N ASN A 235 -22.56 -11.12 22.82
CA ASN A 235 -22.39 -12.19 23.80
C ASN A 235 -20.99 -12.80 23.61
N PRO A 236 -20.07 -12.64 24.57
CA PRO A 236 -18.69 -13.10 24.32
C PRO A 236 -18.56 -14.62 24.34
N GLU A 237 -19.67 -15.35 24.43
CA GLU A 237 -19.58 -16.80 24.44
C GLU A 237 -19.32 -17.36 23.04
N THR A 238 -20.03 -16.84 22.05
CA THR A 238 -19.99 -17.36 20.68
C THR A 238 -18.56 -17.61 20.23
N TYR A 239 -17.73 -16.57 20.26
CA TYR A 239 -16.39 -16.70 19.70
C TYR A 239 -15.32 -16.78 20.78
N ARG A 240 -15.71 -16.99 22.05
CA ARG A 240 -14.72 -17.17 23.11
C ARG A 240 -13.72 -18.25 22.74
N ASP A 241 -14.19 -19.43 22.35
CA ASP A 241 -13.26 -20.53 22.06
C ASP A 241 -12.49 -20.34 20.74
N THR A 242 -13.02 -19.54 19.81
CA THR A 242 -12.24 -19.17 18.62
C THR A 242 -11.09 -18.23 18.98
N PHE A 243 -11.37 -17.14 19.71
CA PHE A 243 -10.29 -16.27 20.17
C PHE A 243 -9.29 -17.03 21.02
N ALA A 244 -9.74 -18.07 21.70
CA ALA A 244 -8.87 -18.81 22.61
C ALA A 244 -7.71 -19.48 21.88
N LYS A 245 -7.89 -19.78 20.61
CA LYS A 245 -6.83 -20.30 19.77
C LYS A 245 -5.77 -19.27 19.43
N LEU A 246 -6.05 -17.97 19.62
CA LEU A 246 -5.12 -16.92 19.23
C LEU A 246 -4.22 -16.45 20.36
N TYR A 247 -4.47 -16.86 21.60
CA TYR A 247 -3.58 -16.49 22.72
C TYR A 247 -3.56 -17.62 23.75
N THR A 248 -2.48 -17.62 24.52
CA THR A 248 -2.31 -18.51 25.65
C THR A 248 -1.80 -17.70 26.84
N LEU A 249 -2.58 -17.67 27.93
CA LEU A 249 -2.04 -17.16 29.19
C LEU A 249 -1.09 -18.18 29.79
N GLN A 250 0.17 -17.79 29.99
CA GLN A 250 1.22 -18.61 30.58
C GLN A 250 1.45 -18.16 32.04
N ASP A 251 2.44 -18.76 32.70
CA ASP A 251 2.71 -18.51 34.09
C ASP A 251 3.56 -17.27 34.29
N ASN A 252 3.40 -16.67 35.48
CA ASN A 252 4.15 -15.51 35.96
C ASN A 252 3.98 -14.30 35.04
N GLY A 253 2.71 -14.05 34.71
CA GLY A 253 2.33 -12.87 33.99
C GLY A 253 2.72 -12.87 32.55
N GLU A 254 3.10 -14.02 32.02
CA GLU A 254 3.48 -14.09 30.61
C GLU A 254 2.27 -14.51 29.77
N TYR A 255 2.38 -14.25 28.46
CA TYR A 255 1.36 -14.66 27.51
C TYR A 255 2.02 -14.82 26.14
N GLU A 256 1.33 -15.56 25.29
CA GLU A 256 1.73 -15.68 23.90
C GLU A 256 0.51 -15.31 23.06
N LEU A 257 0.75 -14.67 21.92
CA LEU A 257 -0.20 -14.63 20.83
C LEU A 257 0.32 -15.55 19.75
N HIS A 258 -0.59 -16.05 18.91
CA HIS A 258 -0.29 -17.08 17.93
C HIS A 258 -0.51 -16.58 16.50
N GLY A 259 0.60 -16.38 15.76
CA GLY A 259 0.56 -15.78 14.45
C GLY A 259 0.35 -16.79 13.35
N ASN A 260 0.32 -16.27 12.15
CA ASN A 260 0.26 -17.11 10.97
C ASN A 260 1.24 -16.56 9.97
N ILE A 261 1.56 -17.37 8.98
CA ILE A 261 2.37 -16.92 7.87
C ILE A 261 1.53 -16.67 6.63
N MET A 262 0.23 -16.42 6.78
CA MET A 262 -0.62 -16.17 5.63
C MET A 262 -0.75 -14.69 5.31
N VAL A 263 -1.26 -13.92 6.25
CA VAL A 263 -1.58 -12.51 6.04
C VAL A 263 -1.10 -11.73 7.26
N PRO A 264 -0.84 -10.45 7.10
CA PRO A 264 -0.38 -9.62 8.22
C PRO A 264 -1.55 -9.17 9.10
N ASN A 265 -2.34 -10.12 9.53
CA ASN A 265 -3.45 -9.89 10.44
C ASN A 265 -3.51 -11.10 11.33
N LEU A 266 -3.59 -10.89 12.63
CA LEU A 266 -3.57 -12.01 13.55
C LEU A 266 -4.88 -12.77 13.61
N VAL A 267 -5.97 -12.17 13.13
CA VAL A 267 -7.31 -12.60 13.46
C VAL A 267 -8.06 -13.13 12.25
N SER A 268 -7.81 -12.61 11.07
CA SER A 268 -8.72 -12.92 9.99
C SER A 268 -8.60 -14.35 9.47
N PRO A 269 -7.41 -14.96 9.35
CA PRO A 269 -7.36 -16.31 8.77
C PRO A 269 -8.14 -17.33 9.55
N LEU A 270 -8.08 -17.30 10.88
CA LEU A 270 -8.83 -18.27 11.65
C LEU A 270 -10.33 -18.02 11.53
N PHE A 271 -10.75 -16.76 11.60
CA PHE A 271 -12.18 -16.46 11.52
C PHE A 271 -12.73 -16.67 10.12
N TYR A 272 -11.92 -16.43 9.08
CA TYR A 272 -12.36 -16.82 7.73
C TYR A 272 -12.65 -18.31 7.68
N ALA A 273 -11.66 -19.11 8.12
CA ALA A 273 -11.80 -20.56 8.19
C ALA A 273 -13.10 -20.95 8.87
N GLU A 274 -13.50 -20.25 9.92
CA GLU A 274 -14.69 -20.64 10.65
C GLU A 274 -15.96 -19.98 10.10
N GLY A 275 -15.92 -19.42 8.90
CA GLY A 275 -17.11 -18.91 8.26
C GLY A 275 -17.44 -17.46 8.54
N PHE A 276 -16.57 -16.76 9.25
CA PHE A 276 -16.81 -15.36 9.56
C PHE A 276 -16.43 -14.50 8.36
N ARG A 277 -17.35 -13.70 7.89
CA ARG A 277 -17.02 -12.81 6.79
C ARG A 277 -16.93 -11.37 7.27
N PRO A 278 -15.85 -10.66 6.92
CA PRO A 278 -15.70 -9.26 7.33
C PRO A 278 -16.84 -8.37 6.84
N ARG A 279 -17.33 -7.51 7.74
CA ARG A 279 -18.42 -6.62 7.41
C ARG A 279 -18.03 -5.63 6.31
N ARG A 280 -18.99 -5.30 5.43
CA ARG A 280 -18.74 -4.30 4.40
C ARG A 280 -19.28 -2.95 4.84
N LYS A 281 -18.70 -1.90 4.28
CA LYS A 281 -19.08 -0.54 4.67
C LYS A 281 -20.46 -0.23 4.14
N GLY A 282 -21.34 0.22 5.04
CA GLY A 282 -22.72 0.42 4.75
C GLY A 282 -23.63 -0.75 5.09
N GLU A 283 -23.07 -1.89 5.47
CA GLU A 283 -23.90 -3.00 5.92
C GLU A 283 -24.22 -2.85 7.40
N PRO A 284 -25.40 -3.32 7.80
CA PRO A 284 -25.72 -3.34 9.22
C PRO A 284 -24.75 -4.22 10.00
N PHE A 285 -24.69 -3.96 11.30
CA PHE A 285 -23.89 -4.75 12.23
C PHE A 285 -24.76 -5.93 12.68
N THR A 286 -24.42 -7.13 12.22
CA THR A 286 -25.20 -8.30 12.60
C THR A 286 -24.85 -8.73 14.02
N GLN A 287 -25.67 -9.64 14.56
CA GLN A 287 -25.37 -10.21 15.86
C GLN A 287 -24.03 -10.94 15.86
N ALA A 288 -23.63 -11.50 14.72
CA ALA A 288 -22.31 -12.14 14.66
C ALA A 288 -21.20 -11.10 14.79
N HIS A 289 -21.40 -9.91 14.19
CA HIS A 289 -20.48 -8.79 14.41
C HIS A 289 -20.44 -8.38 15.88
N ARG A 290 -21.63 -8.18 16.48
CA ARG A 290 -21.69 -7.77 17.89
C ARG A 290 -21.00 -8.78 18.80
N ASP A 291 -21.19 -10.08 18.54
CA ASP A 291 -20.52 -11.11 19.33
C ASP A 291 -19.01 -11.10 19.11
N PHE A 292 -18.59 -10.80 17.88
CA PHE A 292 -17.15 -10.73 17.61
C PHE A 292 -16.51 -9.64 18.45
N ALA A 293 -17.08 -8.43 18.41
CA ALA A 293 -16.54 -7.36 19.24
C ALA A 293 -16.51 -7.78 20.70
N ALA A 294 -17.58 -8.42 21.17
CA ALA A 294 -17.63 -8.82 22.58
C ALA A 294 -16.51 -9.78 22.92
N ALA A 295 -16.26 -10.76 22.07
CA ALA A 295 -15.21 -11.73 22.34
C ALA A 295 -13.84 -11.06 22.30
N LEU A 296 -13.64 -10.14 21.36
CA LEU A 296 -12.37 -9.40 21.26
C LEU A 296 -12.11 -8.62 22.55
N GLN A 297 -13.10 -7.81 22.95
CA GLN A 297 -13.01 -7.03 24.19
C GLN A 297 -12.71 -7.93 25.39
N GLU A 298 -13.33 -9.11 25.45
CA GLU A 298 -13.09 -9.98 26.59
C GLU A 298 -11.67 -10.52 26.58
N THR A 299 -11.17 -10.88 25.41
CA THR A 299 -9.79 -11.37 25.28
C THR A 299 -8.79 -10.36 25.83
N VAL A 300 -8.87 -9.10 25.39
CA VAL A 300 -7.88 -8.11 25.82
C VAL A 300 -8.00 -7.84 27.32
N GLU A 301 -9.23 -7.79 27.84
CA GLU A 301 -9.39 -7.69 29.28
C GLU A 301 -8.71 -8.87 29.99
N LYS A 302 -8.84 -10.07 29.43
CA LYS A 302 -8.27 -11.24 30.07
C LYS A 302 -6.76 -11.16 30.13
N ILE A 303 -6.13 -10.69 29.06
CA ILE A 303 -4.67 -10.65 29.03
C ILE A 303 -4.14 -9.54 29.92
N VAL A 304 -4.76 -8.36 29.87
CA VAL A 304 -4.23 -7.22 30.60
C VAL A 304 -4.34 -7.43 32.09
N LEU A 305 -5.50 -7.90 32.56
CA LEU A 305 -5.60 -8.24 33.96
C LEU A 305 -4.69 -9.39 34.34
N HIS A 306 -4.37 -10.28 33.39
CA HIS A 306 -3.39 -11.34 33.66
C HIS A 306 -2.03 -10.72 33.94
N ILE A 307 -1.57 -9.86 33.03
CA ILE A 307 -0.36 -9.07 33.27
C ILE A 307 -0.45 -8.34 34.61
N LEU A 308 -1.55 -7.62 34.84
CA LEU A 308 -1.60 -6.71 35.98
C LEU A 308 -1.67 -7.45 37.31
N GLU A 309 -2.49 -8.52 37.38
CA GLU A 309 -2.54 -9.30 38.61
C GLU A 309 -1.14 -9.78 39.01
N TYR A 310 -0.33 -10.17 38.03
CA TYR A 310 1.01 -10.63 38.34
C TYR A 310 1.87 -9.49 38.87
N TRP A 311 2.01 -8.43 38.06
CA TRP A 311 2.93 -7.34 38.42
C TRP A 311 2.43 -6.53 39.60
N ALA A 312 1.14 -6.55 39.90
CA ALA A 312 0.68 -5.94 41.14
C ALA A 312 1.29 -6.62 42.35
N LYS A 313 1.22 -7.97 42.41
CA LYS A 313 1.75 -8.65 43.59
C LYS A 313 3.27 -8.77 43.54
N THR A 314 3.87 -8.70 42.36
CA THR A 314 5.32 -8.89 42.30
C THR A 314 6.05 -7.62 42.69
N SER A 315 5.59 -6.46 42.20
CA SER A 315 6.29 -5.21 42.46
C SER A 315 5.87 -4.56 43.76
N GLY A 316 4.71 -4.96 44.29
CA GLY A 316 4.21 -4.48 45.56
C GLY A 316 3.46 -3.16 45.51
N HIS A 317 3.37 -2.51 44.36
CA HIS A 317 2.73 -1.20 44.30
C HIS A 317 1.21 -1.32 44.39
N SER A 318 0.61 -0.44 45.18
CA SER A 318 -0.83 -0.35 45.31
C SER A 318 -1.46 0.69 44.38
N ARG A 319 -0.64 1.43 43.62
CA ARG A 319 -1.10 2.49 42.75
C ARG A 319 -0.61 2.23 41.33
N LEU A 320 -1.51 2.38 40.36
CA LEU A 320 -1.20 2.10 38.97
C LEU A 320 -1.40 3.35 38.11
N CYS A 321 -0.42 3.62 37.24
CA CYS A 321 -0.58 4.47 36.07
C CYS A 321 -0.57 3.59 34.82
N PHE A 322 -1.55 3.83 33.94
CA PHE A 322 -1.75 3.08 32.71
C PHE A 322 -1.68 4.07 31.56
N GLY A 323 -0.81 3.78 30.58
CA GLY A 323 -0.64 4.65 29.46
C GLY A 323 -0.45 3.82 28.21
N GLY A 324 -0.10 4.50 27.13
CA GLY A 324 -0.11 3.87 25.84
C GLY A 324 -1.52 3.82 25.27
N GLY A 325 -1.59 3.66 23.95
CA GLY A 325 -2.86 3.82 23.25
C GLY A 325 -3.96 2.91 23.77
N VAL A 326 -3.58 1.72 24.25
CA VAL A 326 -4.55 0.75 24.76
C VAL A 326 -5.26 1.31 25.99
N ALA A 327 -4.62 2.22 26.71
CA ALA A 327 -5.24 2.85 27.87
C ALA A 327 -6.38 3.81 27.48
N HIS A 328 -6.72 3.96 26.19
CA HIS A 328 -7.97 4.64 25.84
C HIS A 328 -9.15 3.67 25.72
N ASN A 329 -8.93 2.40 26.02
CA ASN A 329 -10.01 1.45 26.14
C ASN A 329 -10.70 1.67 27.48
N SER A 330 -11.67 2.59 27.54
CA SER A 330 -12.27 2.90 28.84
C SER A 330 -12.87 1.65 29.50
N SER A 331 -13.38 0.70 28.70
CA SER A 331 -13.98 -0.51 29.28
C SER A 331 -12.95 -1.33 30.05
N LEU A 332 -11.80 -1.59 29.43
CA LEU A 332 -10.67 -2.18 30.13
C LEU A 332 -10.34 -1.42 31.41
N ASN A 333 -10.23 -0.09 31.32
CA ASN A 333 -9.92 0.70 32.51
C ASN A 333 -10.96 0.50 33.61
N GLY A 334 -12.25 0.51 33.27
CA GLY A 334 -13.27 0.31 34.28
C GLY A 334 -13.21 -1.05 34.94
N LEU A 335 -12.61 -2.02 34.27
CA LEU A 335 -12.48 -3.34 34.82
C LEU A 335 -11.23 -3.46 35.69
N ILE A 336 -10.13 -2.80 35.31
CA ILE A 336 -8.98 -2.63 36.22
C ILE A 336 -9.41 -1.96 37.51
N LEU A 337 -10.22 -0.92 37.39
CA LEU A 337 -10.73 -0.23 38.55
C LEU A 337 -11.58 -1.16 39.44
N LYS A 338 -12.53 -1.90 38.85
CA LYS A 338 -13.39 -2.75 39.68
C LYS A 338 -12.70 -4.01 40.15
N SER A 339 -11.54 -4.37 39.58
CA SER A 339 -10.78 -5.44 40.21
C SER A 339 -10.25 -4.93 41.55
N GLY A 340 -9.63 -5.82 42.30
CA GLY A 340 -9.13 -5.32 43.55
C GLY A 340 -7.66 -4.98 43.50
N LEU A 341 -7.08 -5.04 42.31
CA LEU A 341 -5.63 -5.17 42.26
C LEU A 341 -4.94 -3.94 42.84
N PHE A 342 -5.49 -2.75 42.61
CA PHE A 342 -4.83 -1.51 42.96
C PHE A 342 -5.80 -0.65 43.77
N ASP A 343 -5.22 0.20 44.62
CA ASP A 343 -6.02 1.15 45.38
C ASP A 343 -6.27 2.47 44.65
N GLU A 344 -5.52 2.74 43.59
CA GLU A 344 -5.51 4.02 42.93
C GLU A 344 -5.05 3.76 41.50
N VAL A 345 -5.77 4.29 40.53
CA VAL A 345 -5.42 4.17 39.13
C VAL A 345 -5.46 5.55 38.50
N PHE A 346 -4.48 5.85 37.65
CA PHE A 346 -4.44 7.10 36.91
C PHE A 346 -4.23 6.83 35.43
N VAL A 347 -5.00 7.55 34.60
CA VAL A 347 -4.85 7.52 33.15
C VAL A 347 -4.85 8.95 32.63
N HIS A 348 -3.85 9.28 31.81
CA HIS A 348 -3.72 10.58 31.16
C HIS A 348 -4.86 10.80 30.16
N PRO A 349 -5.28 12.05 29.91
CA PRO A 349 -6.30 12.28 28.87
C PRO A 349 -5.80 12.08 27.45
N ALA A 350 -4.49 12.20 27.21
CA ALA A 350 -3.85 11.76 25.96
C ALA A 350 -2.87 10.64 26.33
N SER A 351 -3.33 9.41 26.26
CA SER A 351 -2.45 8.29 26.51
C SER A 351 -1.89 7.69 25.23
N HIS A 352 -2.41 8.11 24.07
CA HIS A 352 -1.88 7.71 22.78
C HIS A 352 -0.62 8.52 22.47
N ASP A 353 -0.18 8.50 21.20
CA ASP A 353 1.16 8.96 20.84
C ASP A 353 1.36 10.45 21.05
N ALA A 354 0.28 11.24 21.07
CA ALA A 354 0.43 12.63 21.45
C ALA A 354 0.85 12.79 22.90
N GLY A 355 0.35 11.91 23.79
CA GLY A 355 0.84 11.89 25.16
C GLY A 355 2.31 11.50 25.22
N ALA A 356 2.71 10.54 24.38
CA ALA A 356 4.11 10.14 24.32
C ALA A 356 5.01 11.29 23.86
N GLY A 357 4.53 12.16 22.98
CA GLY A 357 5.32 13.33 22.63
C GLY A 357 5.51 14.26 23.82
N GLU A 358 4.46 14.43 24.63
CA GLU A 358 4.64 15.20 25.87
C GLU A 358 5.69 14.54 26.76
N GLY A 359 5.63 13.21 26.89
CA GLY A 359 6.62 12.52 27.70
C GLY A 359 8.03 12.72 27.19
N ALA A 360 8.21 12.76 25.86
CA ALA A 360 9.53 12.99 25.29
C ALA A 360 10.14 14.28 25.82
N ALA A 361 9.31 15.29 26.13
CA ALA A 361 9.83 16.54 26.66
C ALA A 361 10.39 16.34 28.05
N TYR A 362 9.64 15.66 28.91
CA TYR A 362 10.15 15.36 30.24
C TYR A 362 11.42 14.53 30.16
N ALA A 363 11.47 13.57 29.22
CA ALA A 363 12.64 12.72 29.13
C ALA A 363 13.85 13.48 28.59
N ALA A 364 13.61 14.48 27.74
CA ALA A 364 14.70 15.31 27.25
C ALA A 364 15.23 16.22 28.36
N ALA A 365 14.32 16.79 29.15
CA ALA A 365 14.74 17.59 30.29
C ALA A 365 15.63 16.79 31.24
N ALA A 366 15.30 15.52 31.47
CA ALA A 366 16.08 14.70 32.40
C ALA A 366 17.46 14.36 31.84
N SER A 367 17.59 14.21 30.53
CA SER A 367 18.90 13.86 29.98
C SER A 367 19.85 15.06 29.99
N LEU A 368 19.31 16.28 29.82
CA LEU A 368 20.10 17.52 29.90
C LEU A 368 19.66 18.26 31.16
N GLY A 369 20.26 17.87 32.30
CA GLY A 369 19.97 18.51 33.57
C GLY A 369 19.15 17.61 34.47
N THR A 370 18.45 18.21 35.43
CA THR A 370 17.51 17.44 36.24
C THR A 370 16.08 17.67 35.74
N LEU A 371 15.23 16.71 36.13
CA LEU A 371 13.85 16.64 35.68
C LEU A 371 13.00 17.40 36.69
N GLU A 372 12.42 18.51 36.25
CA GLU A 372 11.36 19.17 36.99
C GLU A 372 10.02 18.51 36.67
N ARG A 373 9.19 18.35 37.69
CA ARG A 373 7.94 17.62 37.52
C ARG A 373 6.78 18.48 37.98
N PRO A 374 5.56 18.15 37.55
CA PRO A 374 4.38 18.88 38.05
C PRO A 374 4.25 18.68 39.55
N GLY A 375 3.46 19.55 40.17
CA GLY A 375 3.23 19.48 41.59
C GLY A 375 1.83 19.09 42.00
N LYS A 376 0.96 18.75 41.05
CA LYS A 376 -0.40 18.29 41.34
C LYS A 376 -0.81 17.31 40.26
N ARG A 377 -1.77 16.46 40.57
CA ARG A 377 -2.41 15.65 39.55
C ARG A 377 -3.09 16.54 38.50
N LEU A 378 -2.91 16.20 37.24
CA LEU A 378 -3.56 16.93 36.15
C LEU A 378 -5.08 16.78 36.22
N LEU A 379 -5.80 17.91 36.32
CA LEU A 379 -7.24 17.89 36.44
C LEU A 379 -7.97 18.38 35.19
N SER A 380 -7.31 19.17 34.34
CA SER A 380 -7.93 19.76 33.18
C SER A 380 -7.07 19.46 31.96
N ALA A 381 -7.75 19.06 30.88
CA ALA A 381 -7.13 18.83 29.59
C ALA A 381 -7.11 20.07 28.72
N SER A 382 -7.50 21.23 29.26
CA SER A 382 -7.76 22.44 28.50
C SER A 382 -6.45 23.16 28.22
N LEU A 383 -5.78 22.72 27.16
CA LEU A 383 -4.37 23.00 26.95
C LEU A 383 -4.01 23.50 25.56
N GLY A 384 -4.99 23.72 24.68
CA GLY A 384 -4.73 24.16 23.32
C GLY A 384 -5.00 25.65 23.18
N PRO A 385 -5.07 26.11 21.93
CA PRO A 385 -5.40 27.51 21.67
C PRO A 385 -6.83 27.83 22.10
N ALA A 386 -7.03 29.09 22.45
CA ALA A 386 -8.36 29.54 22.83
C ALA A 386 -9.06 30.09 21.59
N LEU A 387 -10.31 30.54 21.79
CA LEU A 387 -11.14 31.03 20.69
C LEU A 387 -10.82 32.47 20.33
N GLY A 388 -10.33 33.23 21.30
CA GLY A 388 -9.98 34.63 21.14
C GLY A 388 -10.52 35.46 22.28
N GLY A 389 -10.13 36.73 22.27
CA GLY A 389 -10.63 37.68 23.24
C GLY A 389 -12.08 38.08 22.98
N ARG A 390 -12.70 38.62 24.03
CA ARG A 390 -14.09 39.03 23.96
C ARG A 390 -14.38 39.88 22.73
N GLU A 391 -13.46 40.76 22.36
CA GLU A 391 -13.81 41.73 21.33
C GLU A 391 -13.58 41.20 19.93
N GLN A 392 -12.49 40.42 19.72
CA GLN A 392 -12.26 39.84 18.40
C GLN A 392 -13.27 38.74 18.11
N ILE A 393 -13.81 38.11 19.14
CA ILE A 393 -14.86 37.12 18.94
C ILE A 393 -16.14 37.80 18.47
N ARG A 394 -16.54 38.89 19.16
CA ARG A 394 -17.73 39.64 18.75
C ARG A 394 -17.55 40.24 17.36
N ALA A 395 -16.35 40.71 17.03
CA ALA A 395 -16.07 41.24 15.70
C ALA A 395 -16.11 40.16 14.63
N ARG A 396 -15.61 38.95 14.93
CA ARG A 396 -15.62 37.89 13.92
C ARG A 396 -17.01 37.33 13.71
N LEU A 397 -17.84 37.30 14.76
CA LEU A 397 -19.22 36.82 14.62
C LEU A 397 -20.04 37.79 13.79
N ALA A 398 -19.65 39.06 13.81
CA ALA A 398 -20.25 40.05 12.92
C ALA A 398 -20.00 39.72 11.46
N ASP A 399 -18.80 39.22 11.13
CA ASP A 399 -18.52 38.82 9.75
C ASP A 399 -19.41 37.67 9.30
N TRP A 400 -19.95 36.89 10.24
CA TRP A 400 -20.87 35.80 9.90
C TRP A 400 -22.34 36.24 9.92
N ALA A 401 -22.61 37.52 10.09
CA ALA A 401 -23.97 38.03 10.22
C ALA A 401 -24.93 37.58 9.11
N PRO A 402 -24.50 37.41 7.84
CA PRO A 402 -25.45 36.95 6.83
C PRO A 402 -25.91 35.52 7.01
N LEU A 403 -25.34 34.78 7.96
CA LEU A 403 -25.74 33.40 8.21
C LEU A 403 -26.24 33.16 9.62
N ILE A 404 -26.01 34.06 10.57
CA ILE A 404 -26.29 33.78 11.97
C ILE A 404 -26.91 34.99 12.67
N ASP A 405 -27.83 34.72 13.58
CA ASP A 405 -28.31 35.70 14.57
C ASP A 405 -27.62 35.43 15.90
N VAL A 406 -27.27 36.50 16.61
CA VAL A 406 -26.45 36.40 17.82
C VAL A 406 -27.14 37.15 18.96
N GLU A 407 -27.29 36.50 20.11
CA GLU A 407 -27.72 37.20 21.32
C GLU A 407 -26.58 37.25 22.34
N PHE A 408 -26.69 38.17 23.28
CA PHE A 408 -25.68 38.36 24.32
C PHE A 408 -26.38 38.38 25.66
N PRO A 409 -26.66 37.22 26.24
CA PRO A 409 -27.44 37.18 27.50
C PRO A 409 -26.60 37.64 28.69
N ASP A 410 -27.29 38.07 29.76
CA ASP A 410 -26.62 38.52 30.97
C ASP A 410 -25.81 37.40 31.60
N ASP A 411 -26.34 36.16 31.56
CA ASP A 411 -25.71 34.97 32.13
C ASP A 411 -25.93 33.83 31.15
N ALA A 412 -24.94 33.61 30.28
CA ALA A 412 -25.06 32.58 29.24
C ALA A 412 -25.16 31.19 29.84
N VAL A 413 -24.43 30.93 30.93
CA VAL A 413 -24.54 29.63 31.59
C VAL A 413 -25.96 29.41 32.09
N GLU A 414 -26.54 30.42 32.74
CA GLU A 414 -27.93 30.33 33.17
C GLU A 414 -28.86 30.14 31.98
N THR A 415 -28.65 30.88 30.89
CA THR A 415 -29.50 30.70 29.73
C THR A 415 -29.30 29.31 29.11
N ALA A 416 -28.06 28.81 29.08
CA ALA A 416 -27.82 27.53 28.43
C ALA A 416 -28.45 26.39 29.23
N ALA A 417 -28.43 26.47 30.56
CA ALA A 417 -29.10 25.46 31.38
C ALA A 417 -30.60 25.41 31.10
N GLY A 418 -31.23 26.57 30.94
CA GLY A 418 -32.65 26.60 30.65
C GLY A 418 -32.98 25.98 29.32
N LEU A 419 -32.22 26.37 28.28
CA LEU A 419 -32.36 25.76 26.97
C LEU A 419 -32.15 24.26 27.01
N LEU A 420 -31.20 23.79 27.82
CA LEU A 420 -30.99 22.35 27.91
C LEU A 420 -32.19 21.68 28.54
N ALA A 421 -32.82 22.33 29.53
CA ALA A 421 -34.00 21.75 30.18
C ALA A 421 -35.21 21.74 29.25
N GLU A 422 -35.23 22.64 28.26
CA GLU A 422 -36.25 22.70 27.21
C GLU A 422 -36.02 21.72 26.07
N GLY A 423 -35.07 20.80 26.18
CA GLY A 423 -34.86 19.81 25.12
C GLY A 423 -34.03 20.27 23.96
N GLN A 424 -33.28 21.35 24.14
CA GLN A 424 -32.41 21.84 23.09
C GLN A 424 -31.05 21.17 23.16
N VAL A 425 -30.53 20.83 21.98
CA VAL A 425 -29.20 20.26 21.83
C VAL A 425 -28.23 21.40 21.52
N LEU A 426 -27.25 21.61 22.40
CA LEU A 426 -26.35 22.74 22.32
C LEU A 426 -24.96 22.32 21.87
N GLY A 427 -24.36 23.20 21.08
CA GLY A 427 -22.90 23.31 20.98
C GLY A 427 -22.35 24.27 22.02
N TRP A 428 -21.22 23.87 22.60
CA TRP A 428 -20.61 24.51 23.78
C TRP A 428 -19.11 24.68 23.50
N ALA A 429 -18.68 25.92 23.20
CA ALA A 429 -17.30 26.20 22.83
C ALA A 429 -16.75 27.28 23.75
N TYR A 430 -15.84 26.93 24.65
CA TYR A 430 -15.30 27.86 25.63
C TYR A 430 -13.82 27.62 25.83
N GLY A 431 -13.05 28.70 25.85
CA GLY A 431 -11.66 28.64 26.30
C GLY A 431 -10.76 27.80 25.42
N ARG A 432 -9.78 27.15 26.05
CA ARG A 432 -8.74 26.39 25.35
C ARG A 432 -9.21 24.96 25.08
N SER A 433 -8.87 24.44 23.90
CA SER A 433 -9.39 23.14 23.51
C SER A 433 -8.75 21.98 24.29
N GLU A 434 -9.42 20.84 24.25
CA GLU A 434 -9.05 19.64 25.00
C GLU A 434 -7.93 18.89 24.31
N PHE A 435 -6.85 18.62 25.05
CA PHE A 435 -5.80 17.71 24.61
C PHE A 435 -6.27 16.27 24.79
N GLY A 436 -6.09 15.45 23.77
CA GLY A 436 -6.58 14.09 23.80
C GLY A 436 -7.94 13.99 23.15
N PRO A 437 -8.46 12.76 23.00
CA PRO A 437 -9.63 12.56 22.13
C PRO A 437 -10.98 12.98 22.72
N ARG A 438 -11.11 13.10 24.05
CA ARG A 438 -12.40 13.41 24.68
C ARG A 438 -12.65 14.92 24.79
N ALA A 439 -13.90 15.31 24.56
CA ALA A 439 -14.40 16.63 24.88
C ALA A 439 -14.89 16.66 26.34
N LEU A 440 -14.52 17.72 27.06
CA LEU A 440 -14.71 17.76 28.51
C LEU A 440 -15.29 19.09 28.99
N GLY A 441 -16.04 19.80 28.15
CA GLY A 441 -16.59 21.10 28.49
C GLY A 441 -15.98 22.29 27.77
N HIS A 442 -15.13 22.08 26.76
CA HIS A 442 -14.51 23.19 26.04
C HIS A 442 -14.73 23.16 24.53
N ARG A 443 -14.94 21.99 23.95
CA ARG A 443 -15.43 21.91 22.59
C ARG A 443 -16.44 20.77 22.61
N SER A 444 -17.58 21.00 23.26
CA SER A 444 -18.56 19.96 23.49
C SER A 444 -19.87 20.21 22.77
N ILE A 445 -20.60 19.12 22.58
CA ILE A 445 -22.02 19.12 22.29
C ILE A 445 -22.73 18.47 23.48
N VAL A 446 -23.71 19.18 24.06
CA VAL A 446 -24.39 18.69 25.25
C VAL A 446 -25.90 18.73 25.07
N ALA A 447 -26.57 17.84 25.79
CA ALA A 447 -28.02 17.78 25.79
C ALA A 447 -28.47 17.15 27.09
N ASP A 448 -29.78 17.21 27.32
CA ASP A 448 -30.40 16.48 28.42
C ASP A 448 -30.05 14.99 28.33
N ALA A 449 -29.58 14.43 29.45
CA ALA A 449 -29.18 13.03 29.48
C ALA A 449 -30.34 12.07 29.76
N ARG A 450 -31.51 12.59 30.16
CA ARG A 450 -32.60 11.73 30.63
C ARG A 450 -33.34 11.00 29.50
N PRO A 451 -33.84 11.65 28.45
CA PRO A 451 -34.66 10.91 27.48
C PRO A 451 -33.78 10.00 26.63
N GLU A 452 -34.19 8.72 26.54
CA GLU A 452 -33.47 7.76 25.71
C GLU A 452 -33.55 8.12 24.23
N GLU A 453 -34.56 8.92 23.84
CA GLU A 453 -34.64 9.39 22.47
C GLU A 453 -33.47 10.30 22.10
N ASN A 454 -32.81 10.95 23.08
CA ASN A 454 -31.73 11.86 22.71
C ASN A 454 -30.53 11.11 22.17
N ARG A 455 -30.27 9.91 22.68
CA ARG A 455 -29.30 9.01 22.06
C ARG A 455 -29.64 8.70 20.60
N THR A 456 -30.92 8.42 20.32
CA THR A 456 -31.31 8.05 18.97
C THR A 456 -31.16 9.23 18.01
N ARG A 457 -31.64 10.41 18.42
CA ARG A 457 -31.61 11.58 17.54
C ARG A 457 -30.20 12.11 17.37
N ILE A 458 -29.45 12.32 18.47
CA ILE A 458 -28.11 12.88 18.36
C ILE A 458 -27.21 11.95 17.56
N ASN A 459 -27.41 10.63 17.67
CA ASN A 459 -26.68 9.69 16.83
C ASN A 459 -27.05 9.83 15.36
N ALA A 460 -28.34 9.99 15.07
CA ALA A 460 -28.78 9.85 13.69
C ALA A 460 -28.89 11.17 12.94
N MET A 461 -29.09 12.29 13.63
CA MET A 461 -29.32 13.59 13.02
C MET A 461 -28.18 14.56 13.20
N VAL A 462 -27.48 14.45 14.32
CA VAL A 462 -26.46 15.41 14.73
C VAL A 462 -25.09 14.84 14.34
N LYS A 463 -24.59 13.87 15.11
CA LYS A 463 -23.26 13.33 14.83
C LYS A 463 -23.25 12.45 13.59
N LYS A 464 -24.42 12.02 13.11
CA LYS A 464 -24.57 11.22 11.90
C LYS A 464 -23.67 9.98 11.92
N ARG A 465 -23.98 9.07 12.86
CA ARG A 465 -23.16 7.89 13.15
C ARG A 465 -24.05 6.71 13.52
N GLU A 466 -23.41 5.61 13.95
CA GLU A 466 -24.08 4.32 14.07
C GLU A 466 -24.96 4.27 15.32
N GLY A 467 -26.15 3.70 15.16
CA GLY A 467 -27.15 3.76 16.22
C GLY A 467 -26.73 3.03 17.48
N PHE A 468 -25.82 2.08 17.37
CA PHE A 468 -25.43 1.35 18.56
C PHE A 468 -24.58 2.19 19.50
N ARG A 469 -24.10 3.34 19.06
CA ARG A 469 -23.06 4.05 19.79
C ARG A 469 -23.62 4.61 21.09
N PRO A 470 -22.86 4.54 22.18
CA PRO A 470 -23.31 5.12 23.45
C PRO A 470 -22.95 6.60 23.54
N PHE A 471 -23.45 7.24 24.60
CA PHE A 471 -23.16 8.65 24.87
C PHE A 471 -22.73 8.80 26.31
N ALA A 472 -21.67 9.57 26.51
CA ALA A 472 -20.97 9.70 27.78
C ALA A 472 -21.62 10.77 28.65
N PRO A 473 -21.92 10.49 29.91
CA PRO A 473 -22.47 11.54 30.79
C PRO A 473 -21.39 12.36 31.47
N VAL A 474 -21.69 13.64 31.70
CA VAL A 474 -20.92 14.44 32.64
C VAL A 474 -21.81 14.73 33.85
N VAL A 475 -21.27 14.48 35.05
CA VAL A 475 -21.98 14.69 36.31
C VAL A 475 -21.15 15.56 37.24
N THR A 476 -21.82 16.34 38.11
CA THR A 476 -21.06 17.13 39.08
C THR A 476 -20.35 16.22 40.08
N ALA A 477 -19.19 16.69 40.54
CA ALA A 477 -18.46 15.98 41.58
C ALA A 477 -19.32 15.67 42.80
N GLU A 478 -20.23 16.57 43.15
CA GLU A 478 -20.98 16.43 44.39
C GLU A 478 -22.11 15.41 44.29
N ALA A 479 -22.64 15.19 43.09
CA ALA A 479 -23.70 14.20 42.89
C ALA A 479 -23.23 12.93 42.21
N ALA A 480 -21.93 12.80 41.94
CA ALA A 480 -21.44 11.64 41.20
C ALA A 480 -21.95 10.34 41.82
N ARG A 481 -21.64 10.12 43.11
CA ARG A 481 -21.90 8.84 43.74
C ARG A 481 -23.37 8.58 43.95
N ASP A 482 -24.22 9.58 43.70
CA ASP A 482 -25.66 9.44 43.62
C ASP A 482 -26.12 8.70 42.38
N TYR A 483 -25.26 8.56 41.38
CA TYR A 483 -25.65 8.12 40.05
C TYR A 483 -24.79 6.97 39.52
N PHE A 484 -23.52 6.97 39.88
CA PHE A 484 -22.57 6.02 39.35
C PHE A 484 -21.89 5.26 40.48
N ASP A 485 -21.56 3.99 40.22
CA ASP A 485 -20.86 3.15 41.18
C ASP A 485 -19.36 3.32 40.98
N LEU A 486 -18.73 4.18 41.77
CA LEU A 486 -17.30 4.44 41.65
C LEU A 486 -16.44 3.54 42.54
N SER A 487 -17.05 2.56 43.22
CA SER A 487 -16.36 1.79 44.23
C SER A 487 -15.24 0.94 43.62
N GLY A 488 -14.40 0.42 44.50
CA GLY A 488 -13.18 -0.20 44.03
C GLY A 488 -12.06 0.79 44.21
N ALA A 489 -11.04 0.73 43.38
CA ALA A 489 -9.98 1.71 43.50
C ALA A 489 -10.51 3.12 43.28
N ASP A 490 -9.70 4.11 43.67
CA ASP A 490 -9.97 5.49 43.33
C ASP A 490 -9.33 5.76 41.97
N GLY A 491 -10.16 5.90 40.94
CA GLY A 491 -9.66 6.34 39.65
C GLY A 491 -9.92 7.82 39.44
N ASN A 492 -9.22 8.39 38.45
CA ASN A 492 -9.45 9.76 38.04
C ASN A 492 -10.49 9.78 36.92
N HIS A 493 -11.57 10.56 37.12
CA HIS A 493 -12.69 10.62 36.18
C HIS A 493 -12.83 11.98 35.52
N GLU A 494 -11.80 12.81 35.58
CA GLU A 494 -11.86 14.13 34.96
C GLU A 494 -11.78 14.06 33.43
N PHE A 495 -11.34 12.93 32.86
CA PHE A 495 -11.02 12.84 31.43
C PHE A 495 -11.74 11.68 30.73
N MET A 496 -12.79 11.15 31.37
CA MET A 496 -13.61 10.05 30.84
C MET A 496 -12.77 8.80 30.59
N SER A 497 -11.82 8.52 31.50
CA SER A 497 -10.94 7.38 31.33
C SER A 497 -11.58 6.05 31.73
N PHE A 498 -12.62 6.05 32.58
CA PHE A 498 -13.17 4.80 33.12
C PHE A 498 -14.65 4.62 32.82
N VAL A 499 -15.00 3.45 32.30
CA VAL A 499 -16.38 3.00 32.24
C VAL A 499 -16.81 2.49 33.62
N VAL A 500 -17.94 2.98 34.12
CA VAL A 500 -18.42 2.60 35.45
C VAL A 500 -19.87 2.17 35.37
N PRO A 501 -20.34 1.29 36.26
CA PRO A 501 -21.77 1.00 36.32
C PRO A 501 -22.56 2.22 36.73
N VAL A 502 -23.66 2.46 36.03
CA VAL A 502 -24.68 3.37 36.52
C VAL A 502 -25.49 2.65 37.58
N LEU A 503 -25.77 3.32 38.69
CA LEU A 503 -26.50 2.68 39.77
C LEU A 503 -27.83 2.14 39.26
N PRO A 504 -28.19 0.91 39.61
CA PRO A 504 -29.40 0.29 39.03
C PRO A 504 -30.63 1.17 39.11
N GLU A 505 -30.83 1.86 40.24
CA GLU A 505 -32.02 2.68 40.45
C GLU A 505 -31.95 4.03 39.74
N ARG A 506 -30.92 4.26 38.92
CA ARG A 506 -30.86 5.48 38.12
C ARG A 506 -30.83 5.21 36.62
N ARG A 507 -30.91 3.94 36.20
CA ARG A 507 -30.69 3.62 34.79
C ARG A 507 -31.82 4.14 33.92
N THR A 508 -33.06 4.14 34.42
CA THR A 508 -34.13 4.64 33.57
C THR A 508 -34.15 6.15 33.55
N GLU A 509 -33.79 6.79 34.67
CA GLU A 509 -33.64 8.24 34.71
C GLU A 509 -32.65 8.71 33.65
N LEU A 510 -31.49 8.10 33.59
CA LEU A 510 -30.44 8.50 32.65
C LEU A 510 -30.47 7.65 31.39
N GLY A 511 -31.56 7.78 30.61
CA GLY A 511 -31.77 6.88 29.48
C GLY A 511 -30.87 7.11 28.27
N ALA A 512 -30.35 8.33 28.10
CA ALA A 512 -29.51 8.61 26.94
C ALA A 512 -28.06 8.20 27.14
N VAL A 513 -27.60 8.15 28.39
CA VAL A 513 -26.19 7.96 28.68
C VAL A 513 -25.92 6.64 29.40
N THR A 514 -26.90 5.76 29.48
CA THR A 514 -26.74 4.44 30.06
C THR A 514 -26.69 3.39 28.95
N HIS A 515 -25.64 2.57 28.95
CA HIS A 515 -25.45 1.69 27.82
C HIS A 515 -26.23 0.39 28.04
N VAL A 516 -26.14 -0.53 27.09
CA VAL A 516 -26.92 -1.76 27.20
C VAL A 516 -26.45 -2.61 28.41
N ASP A 517 -25.17 -2.53 28.80
CA ASP A 517 -24.71 -3.21 30.02
C ASP A 517 -24.90 -2.39 31.30
N GLY A 518 -25.62 -1.28 31.25
CA GLY A 518 -25.78 -0.46 32.45
C GLY A 518 -24.57 0.34 32.87
N THR A 519 -23.59 0.54 31.97
CA THR A 519 -22.36 1.28 32.24
C THR A 519 -22.40 2.62 31.50
N ALA A 520 -21.47 3.49 31.90
CA ALA A 520 -21.30 4.78 31.25
C ALA A 520 -19.84 5.19 31.39
N ARG A 521 -19.31 5.84 30.36
CA ARG A 521 -17.96 6.41 30.35
C ARG A 521 -18.04 7.82 30.90
N VAL A 522 -17.99 7.92 32.25
CA VAL A 522 -18.44 9.10 32.99
C VAL A 522 -17.31 10.14 33.06
N GLN A 523 -17.69 11.41 33.03
CA GLN A 523 -16.82 12.52 33.42
C GLN A 523 -17.38 13.11 34.69
N VAL A 524 -16.54 13.27 35.69
CA VAL A 524 -16.90 13.93 36.93
C VAL A 524 -16.28 15.32 36.88
N VAL A 525 -17.09 16.33 36.63
CA VAL A 525 -16.62 17.70 36.55
C VAL A 525 -16.70 18.31 37.94
N SER A 526 -15.68 19.05 38.31
CA SER A 526 -15.64 19.76 39.57
C SER A 526 -15.27 21.22 39.31
N ALA A 527 -15.46 22.06 40.33
CA ALA A 527 -15.09 23.46 40.21
C ALA A 527 -13.63 23.63 39.87
N GLU A 528 -12.78 22.72 40.36
CA GLU A 528 -11.36 22.84 40.07
C GLU A 528 -11.01 22.28 38.69
N SER A 529 -11.78 21.33 38.15
CA SER A 529 -11.40 20.74 36.87
C SER A 529 -11.91 21.56 35.70
N GLY A 530 -13.14 22.07 35.80
CA GLY A 530 -13.70 22.97 34.83
C GLY A 530 -14.81 23.76 35.48
N GLU A 531 -14.44 24.94 36.00
CA GLU A 531 -15.36 25.74 36.80
C GLU A 531 -16.66 26.05 36.06
N ARG A 532 -16.56 26.53 34.81
CA ARG A 532 -17.76 26.93 34.08
C ARG A 532 -18.60 25.74 33.66
N PHE A 533 -17.97 24.61 33.30
CA PHE A 533 -18.74 23.44 32.91
C PHE A 533 -19.45 22.84 34.11
N HIS A 534 -18.78 22.87 35.27
CA HIS A 534 -19.41 22.45 36.51
C HIS A 534 -20.60 23.34 36.84
N ARG A 535 -20.46 24.66 36.61
CA ARG A 535 -21.59 25.55 36.82
C ARG A 535 -22.76 25.17 35.94
N LEU A 536 -22.51 24.87 34.65
CA LEU A 536 -23.59 24.47 33.76
C LEU A 536 -24.30 23.22 34.27
N VAL A 537 -23.54 22.20 34.68
CA VAL A 537 -24.17 20.94 35.06
C VAL A 537 -24.89 21.08 36.39
N ARG A 538 -24.36 21.90 37.30
CA ARG A 538 -25.00 22.09 38.60
C ARG A 538 -26.33 22.83 38.44
N ARG A 539 -26.34 23.86 37.60
CA ARG A 539 -27.53 24.67 37.44
C ARG A 539 -28.63 23.92 36.69
N PHE A 540 -28.25 23.12 35.69
CA PHE A 540 -29.18 22.20 35.05
C PHE A 540 -29.85 21.25 36.07
N GLY A 541 -29.05 20.71 37.00
CA GLY A 541 -29.61 19.83 38.01
C GLY A 541 -30.55 20.54 38.97
N GLU A 542 -30.24 21.81 39.30
CA GLU A 542 -31.16 22.60 40.11
C GLU A 542 -32.49 22.82 39.40
N LEU A 543 -32.48 22.93 38.08
CA LEU A 543 -33.73 23.16 37.37
C LEU A 543 -34.51 21.87 37.11
N THR A 544 -33.86 20.71 37.08
CA THR A 544 -34.49 19.49 36.60
C THR A 544 -34.50 18.35 37.59
N GLY A 545 -33.63 18.41 38.61
CA GLY A 545 -33.42 17.30 39.50
C GLY A 545 -32.37 16.31 39.07
N THR A 546 -31.65 16.57 37.98
CA THR A 546 -30.69 15.60 37.45
C THR A 546 -29.42 16.33 37.03
N PRO A 547 -28.42 16.42 37.93
CA PRO A 547 -27.16 17.10 37.56
C PRO A 547 -26.28 16.22 36.68
N VAL A 548 -26.82 15.83 35.53
CA VAL A 548 -26.11 14.99 34.57
C VAL A 548 -26.46 15.48 33.17
N LEU A 549 -25.46 15.64 32.33
CA LEU A 549 -25.67 16.01 30.94
C LEU A 549 -25.00 15.00 30.01
N LEU A 550 -25.61 14.79 28.85
CA LEU A 550 -24.94 14.12 27.73
C LEU A 550 -23.84 15.01 27.17
N ASN A 551 -22.66 14.44 26.93
CA ASN A 551 -21.50 15.25 26.53
C ASN A 551 -20.70 14.51 25.44
N THR A 552 -21.01 14.78 24.18
CA THR A 552 -20.25 14.21 23.08
C THR A 552 -19.35 15.29 22.48
N SER A 553 -18.41 14.88 21.63
CA SER A 553 -17.45 15.82 21.09
C SER A 553 -18.07 16.68 19.98
N PHE A 554 -17.67 17.94 19.94
CA PHE A 554 -18.16 18.95 19.00
C PHE A 554 -17.38 18.83 17.68
N ASN A 555 -17.88 17.94 16.82
CA ASN A 555 -17.35 17.68 15.48
C ASN A 555 -18.36 16.82 14.74
N ASN A 556 -18.48 17.03 13.43
CA ASN A 556 -19.29 16.15 12.62
C ASN A 556 -18.45 14.95 12.17
N ASN A 557 -19.02 14.12 11.31
CA ASN A 557 -18.36 12.87 10.93
C ASN A 557 -17.13 13.07 10.06
N ALA A 558 -16.85 14.30 9.58
CA ALA A 558 -15.83 14.55 8.57
C ALA A 558 -14.61 15.31 9.08
N GLU A 559 -14.47 15.49 10.39
CA GLU A 559 -13.50 16.43 10.93
C GLU A 559 -13.09 15.99 12.32
N PRO A 560 -11.91 16.40 12.79
CA PRO A 560 -11.61 16.29 14.23
C PRO A 560 -12.32 17.38 15.01
N ILE A 561 -12.25 17.28 16.34
CA ILE A 561 -12.80 18.28 17.26
C ILE A 561 -12.51 19.69 16.77
N VAL A 562 -13.55 20.54 16.75
CA VAL A 562 -13.36 21.91 16.30
C VAL A 562 -12.42 22.69 17.23
N GLN A 563 -11.54 23.48 16.59
CA GLN A 563 -10.55 24.32 17.26
C GLN A 563 -10.95 25.79 17.33
N SER A 564 -10.95 26.50 16.18
CA SER A 564 -11.04 27.96 16.11
C SER A 564 -12.50 28.41 16.10
N LEU A 565 -12.70 29.72 16.27
CA LEU A 565 -14.07 30.20 16.19
C LEU A 565 -14.70 29.86 14.84
N ASP A 566 -13.96 30.05 13.74
CA ASP A 566 -14.53 29.71 12.45
C ASP A 566 -14.86 28.22 12.36
N ASP A 567 -14.02 27.36 12.96
CA ASP A 567 -14.34 25.93 13.09
C ASP A 567 -15.67 25.71 13.80
N VAL A 568 -15.86 26.40 14.91
CA VAL A 568 -17.07 26.22 15.71
C VAL A 568 -18.30 26.62 14.92
N VAL A 569 -18.26 27.79 14.27
CA VAL A 569 -19.42 28.26 13.52
C VAL A 569 -19.67 27.37 12.31
N THR A 570 -18.63 27.12 11.51
CA THR A 570 -18.77 26.16 10.40
C THR A 570 -19.44 24.87 10.87
N SER A 571 -18.94 24.27 11.94
CA SER A 571 -19.49 22.99 12.36
C SER A 571 -20.93 23.15 12.82
N PHE A 572 -21.23 24.24 13.54
CA PHE A 572 -22.60 24.47 13.98
C PHE A 572 -23.56 24.64 12.80
N LEU A 573 -23.17 25.42 11.79
CA LEU A 573 -24.08 25.59 10.66
C LEU A 573 -24.25 24.32 9.83
N THR A 574 -23.27 23.41 9.82
CA THR A 574 -23.32 22.23 8.96
C THR A 574 -23.69 20.97 9.71
N THR A 575 -23.90 21.04 11.01
CA THR A 575 -24.58 19.96 11.70
C THR A 575 -25.97 20.46 12.07
N ASP A 576 -26.77 19.62 12.71
CA ASP A 576 -28.13 20.04 13.01
C ASP A 576 -28.28 20.32 14.50
N LEU A 577 -27.46 21.22 15.02
CA LEU A 577 -27.56 21.65 16.41
C LEU A 577 -28.60 22.77 16.54
N ASP A 578 -29.24 22.81 17.70
CA ASP A 578 -30.25 23.84 17.95
C ASP A 578 -29.62 25.20 18.23
N VAL A 579 -28.70 25.29 19.19
CA VAL A 579 -28.11 26.56 19.60
C VAL A 579 -26.62 26.37 19.82
N LEU A 580 -25.84 27.40 19.51
CA LEU A 580 -24.41 27.42 19.80
C LEU A 580 -24.13 28.41 20.91
N VAL A 581 -23.48 27.96 21.98
CA VAL A 581 -23.02 28.86 23.02
C VAL A 581 -21.51 28.95 22.91
N VAL A 582 -21.00 30.03 22.34
CA VAL A 582 -19.56 30.22 22.20
C VAL A 582 -19.17 31.52 22.91
N GLU A 583 -18.26 31.40 23.88
CA GLU A 583 -17.77 32.51 24.70
C GLU A 583 -18.85 33.54 25.03
N ASP A 584 -19.91 33.05 25.69
CA ASP A 584 -21.02 33.82 26.25
C ASP A 584 -21.96 34.40 25.19
N CYS A 585 -21.75 34.09 23.91
CA CYS A 585 -22.66 34.50 22.85
C CYS A 585 -23.59 33.33 22.48
N LEU A 586 -24.86 33.66 22.23
CA LEU A 586 -25.88 32.71 21.78
C LEU A 586 -26.05 32.84 20.28
N VAL A 587 -25.67 31.80 19.54
CA VAL A 587 -25.65 31.83 18.09
C VAL A 587 -26.73 30.89 17.57
N ARG A 588 -27.54 31.38 16.63
CA ARG A 588 -28.49 30.53 15.93
C ARG A 588 -28.35 30.78 14.44
N GLY A 589 -28.78 29.79 13.67
CA GLY A 589 -28.74 29.91 12.24
C GLY A 589 -29.87 30.80 11.74
N LYS A 590 -29.56 31.58 10.72
CA LYS A 590 -30.57 32.39 10.06
C LYS A 590 -31.55 31.51 9.30
N ALA A 591 -32.80 31.99 9.26
CA ALA A 591 -33.86 31.47 8.41
C ALA A 591 -33.32 31.11 7.05
N SER A 592 -32.93 32.13 6.27
CA SER A 592 -32.34 31.90 4.96
C SER A 592 -30.91 32.41 5.02
N PRO A 593 -29.94 31.54 5.28
CA PRO A 593 -28.55 31.97 5.33
C PRO A 593 -28.01 32.23 3.92
N ASP A 594 -27.18 33.27 3.79
CA ASP A 594 -26.57 33.69 2.53
C ASP A 594 -25.18 33.07 2.38
N LEU A 595 -25.10 31.90 1.75
CA LEU A 595 -23.81 31.25 1.49
C LEU A 595 -22.91 32.07 0.56
N GLY A 596 -23.47 33.01 -0.21
CA GLY A 596 -22.73 33.70 -1.24
C GLY A 596 -21.72 34.70 -0.72
N VAL A 597 -21.86 35.15 0.52
CA VAL A 597 -20.84 36.02 1.10
C VAL A 597 -19.59 35.29 1.53
N LEU A 598 -19.59 33.95 1.52
CA LEU A 598 -18.48 33.19 2.08
C LEU A 598 -17.38 33.04 1.04
N VAL A 599 -16.13 33.08 1.52
CA VAL A 599 -14.96 33.06 0.64
C VAL A 599 -14.45 31.62 0.55
N PRO A 600 -14.57 30.97 -0.60
CA PRO A 600 -14.00 29.62 -0.76
C PRO A 600 -12.47 29.66 -0.78
N ARG A 601 -11.86 28.71 -0.07
CA ARG A 601 -10.42 28.55 -0.04
C ARG A 601 -10.08 27.06 -0.08
N PHE A 602 -9.13 26.67 -0.94
CA PHE A 602 -8.62 25.30 -0.95
C PHE A 602 -7.85 24.98 0.33
N ARG A 603 -8.09 23.78 0.87
CA ARG A 603 -7.17 23.22 1.84
C ARG A 603 -5.90 22.82 1.11
N PRO A 604 -4.76 22.78 1.82
CA PRO A 604 -3.53 22.35 1.15
C PRO A 604 -3.62 20.98 0.53
N VAL A 605 -4.57 20.14 0.98
CA VAL A 605 -4.74 18.81 0.40
C VAL A 605 -5.87 18.72 -0.63
N THR A 606 -6.63 19.80 -0.84
CA THR A 606 -7.76 19.78 -1.77
C THR A 606 -7.26 19.63 -3.21
N ARG A 607 -7.92 18.77 -3.98
CA ARG A 607 -7.57 18.54 -5.38
C ARG A 607 -8.85 18.48 -6.21
N LEU A 608 -8.75 18.98 -7.44
CA LEU A 608 -9.83 19.00 -8.42
C LEU A 608 -9.41 18.18 -9.62
N VAL A 609 -10.25 17.26 -10.06
CA VAL A 609 -9.88 16.40 -11.18
C VAL A 609 -11.03 16.31 -12.16
N GLU A 610 -10.70 16.39 -13.45
CA GLU A 610 -11.57 16.00 -14.56
C GLU A 610 -10.96 14.75 -15.17
N ARG A 611 -11.70 13.68 -15.18
CA ARG A 611 -11.13 12.39 -15.54
C ARG A 611 -11.96 11.73 -16.64
N ARG A 612 -11.27 11.06 -17.56
CA ARG A 612 -11.90 10.19 -18.55
C ARG A 612 -11.27 8.79 -18.48
N THR A 613 -12.11 7.77 -18.49
CA THR A 613 -11.72 6.36 -18.45
C THR A 613 -11.83 5.77 -19.86
N ALA A 614 -11.36 4.53 -20.05
CA ALA A 614 -11.72 3.82 -21.27
C ALA A 614 -13.23 3.68 -21.34
N GLY A 615 -13.77 3.78 -22.54
CA GLY A 615 -15.18 3.61 -22.74
C GLY A 615 -15.47 2.49 -23.70
N PRO A 616 -16.74 2.32 -24.07
CA PRO A 616 -17.10 1.23 -25.00
C PRO A 616 -16.32 1.33 -26.29
N ASP A 617 -15.84 0.18 -26.77
CA ASP A 617 -15.10 0.08 -28.03
C ASP A 617 -13.78 0.86 -27.99
N ALA A 618 -13.09 0.83 -26.85
CA ALA A 618 -11.77 1.45 -26.69
C ALA A 618 -11.83 2.97 -26.92
N SER A 619 -12.96 3.59 -26.60
CA SER A 619 -13.12 5.03 -26.75
C SER A 619 -12.73 5.75 -25.46
N ALA A 620 -12.60 7.08 -25.55
CA ALA A 620 -12.53 7.89 -24.35
C ALA A 620 -13.90 7.91 -23.68
N GLY A 621 -13.94 7.49 -22.41
CA GLY A 621 -15.19 7.54 -21.67
C GLY A 621 -15.66 8.96 -21.47
N ALA A 622 -16.88 9.07 -20.96
CA ALA A 622 -17.45 10.38 -20.64
C ALA A 622 -16.72 11.01 -19.45
N LYS A 623 -16.60 12.35 -19.49
CA LYS A 623 -15.96 13.08 -18.41
C LYS A 623 -16.73 12.90 -17.11
N THR A 624 -15.99 12.87 -16.00
CA THR A 624 -16.54 13.07 -14.67
C THR A 624 -15.64 14.06 -13.95
N HIS A 625 -16.18 14.61 -12.86
CA HIS A 625 -15.53 15.67 -12.12
C HIS A 625 -15.55 15.29 -10.64
N GLU A 626 -14.40 15.37 -9.98
CA GLU A 626 -14.25 14.95 -8.59
C GLU A 626 -13.43 15.98 -7.83
N ILE A 627 -13.82 16.23 -6.60
CA ILE A 627 -12.98 16.91 -5.63
C ILE A 627 -12.48 15.85 -4.64
N HIS A 628 -11.22 15.95 -4.21
CA HIS A 628 -10.77 15.03 -3.19
C HIS A 628 -9.67 15.66 -2.34
N LEU A 629 -9.37 15.00 -1.23
CA LEU A 629 -8.30 15.40 -0.32
C LEU A 629 -7.14 14.44 -0.48
N ASP A 630 -5.95 14.99 -0.71
CA ASP A 630 -4.79 14.21 -1.16
C ASP A 630 -3.98 13.71 0.03
N TYR A 631 -4.55 12.74 0.75
CA TYR A 631 -3.81 12.03 1.79
C TYR A 631 -4.41 10.64 1.92
N ASP A 632 -3.64 9.74 2.52
CA ASP A 632 -4.08 8.35 2.61
C ASP A 632 -5.34 8.23 3.48
N GLY A 633 -6.38 7.61 2.92
CA GLY A 633 -7.66 7.55 3.56
C GLY A 633 -8.58 8.73 3.28
N GLY A 634 -8.11 9.73 2.54
CA GLY A 634 -8.88 10.93 2.33
C GLY A 634 -10.08 10.76 1.42
N PRO A 635 -11.17 11.48 1.71
CA PRO A 635 -12.42 11.26 0.98
C PRO A 635 -12.39 11.87 -0.40
N SER A 636 -13.44 11.57 -1.16
CA SER A 636 -13.63 12.15 -2.48
C SER A 636 -15.13 12.26 -2.76
N ALA A 637 -15.46 13.04 -3.79
CA ALA A 637 -16.84 13.39 -4.07
C ALA A 637 -16.98 13.86 -5.51
N LYS A 638 -18.05 13.42 -6.17
CA LYS A 638 -18.35 13.90 -7.51
C LYS A 638 -18.96 15.29 -7.45
N VAL A 639 -18.59 16.14 -8.40
CA VAL A 639 -19.10 17.49 -8.52
C VAL A 639 -19.60 17.70 -9.95
N SER A 640 -20.58 18.61 -10.09
CA SER A 640 -21.14 18.90 -11.40
C SER A 640 -20.10 19.57 -12.28
N PRO A 641 -20.32 19.59 -13.60
CA PRO A 641 -19.46 20.42 -14.47
C PRO A 641 -19.48 21.90 -14.09
N GLU A 642 -20.63 22.43 -13.67
CA GLU A 642 -20.70 23.86 -13.32
C GLU A 642 -19.83 24.17 -12.12
N LEU A 643 -19.97 23.36 -11.05
CA LEU A 643 -19.17 23.58 -9.85
C LEU A 643 -17.69 23.32 -10.11
N TYR A 644 -17.39 22.36 -10.99
CA TYR A 644 -16.00 22.15 -11.38
C TYR A 644 -15.41 23.42 -11.98
N GLU A 645 -16.18 24.10 -12.84
CA GLU A 645 -15.73 25.36 -13.41
C GLU A 645 -15.65 26.46 -12.35
N LEU A 646 -16.57 26.43 -11.38
CA LEU A 646 -16.57 27.46 -10.34
C LEU A 646 -15.38 27.30 -9.40
N LEU A 647 -15.21 26.10 -8.83
CA LEU A 647 -14.08 25.88 -7.93
C LEU A 647 -12.73 26.10 -8.59
N GLY A 648 -12.64 25.97 -9.91
CA GLY A 648 -11.39 26.24 -10.59
C GLY A 648 -10.99 27.69 -10.58
N ALA A 649 -11.95 28.59 -10.35
CA ALA A 649 -11.72 30.02 -10.29
C ALA A 649 -11.39 30.52 -8.90
N VAL A 650 -11.34 29.62 -7.91
CA VAL A 650 -11.12 30.03 -6.54
C VAL A 650 -9.75 30.68 -6.38
N ASP A 651 -9.74 31.86 -5.77
CA ASP A 651 -8.52 32.63 -5.58
C ASP A 651 -8.22 32.93 -4.11
N GLY A 652 -9.10 32.53 -3.20
CA GLY A 652 -8.90 32.77 -1.79
C GLY A 652 -9.42 34.11 -1.28
N THR A 653 -9.92 34.96 -2.16
CA THR A 653 -10.37 36.27 -1.70
C THR A 653 -11.76 36.64 -2.22
N THR A 654 -12.10 36.19 -3.43
CA THR A 654 -13.43 36.41 -4.00
C THR A 654 -14.48 35.54 -3.32
N THR A 655 -15.66 36.11 -3.07
CA THR A 655 -16.73 35.37 -2.45
C THR A 655 -17.34 34.37 -3.42
N LEU A 656 -17.99 33.35 -2.84
CA LEU A 656 -18.68 32.33 -3.60
C LEU A 656 -19.74 32.94 -4.53
N GLY A 657 -20.31 34.08 -4.12
CA GLY A 657 -21.30 34.74 -4.96
C GLY A 657 -20.71 35.34 -6.22
N ASP A 658 -19.57 36.02 -6.09
CA ASP A 658 -18.97 36.62 -7.27
C ASP A 658 -18.28 35.59 -8.15
N LEU A 659 -17.75 34.52 -7.56
CA LEU A 659 -17.24 33.40 -8.35
C LEU A 659 -18.34 32.76 -9.17
N ALA A 660 -19.53 32.61 -8.59
CA ALA A 660 -20.62 31.91 -9.25
C ALA A 660 -21.13 32.65 -10.48
N LYS A 661 -20.80 33.93 -10.62
CA LYS A 661 -21.25 34.69 -11.78
C LYS A 661 -20.69 34.13 -13.09
N THR A 662 -19.46 33.59 -13.06
CA THR A 662 -18.82 32.98 -14.22
C THR A 662 -19.46 31.67 -14.65
N VAL A 663 -20.35 31.09 -13.86
CA VAL A 663 -21.19 30.00 -14.32
C VAL A 663 -22.65 30.43 -14.34
N GLY A 664 -22.89 31.74 -14.34
CA GLY A 664 -24.21 32.30 -14.50
C GLY A 664 -24.97 32.50 -13.21
N GLY A 665 -24.26 32.79 -12.12
CA GLY A 665 -24.90 33.08 -10.86
C GLY A 665 -25.01 31.86 -9.96
N LEU A 666 -25.21 32.13 -8.67
CA LEU A 666 -25.27 31.09 -7.64
C LEU A 666 -26.70 30.59 -7.52
N SER A 667 -27.07 29.66 -8.38
CA SER A 667 -28.41 29.10 -8.30
C SER A 667 -28.57 28.32 -7.01
N ASP A 668 -29.83 28.02 -6.67
CA ASP A 668 -30.11 27.19 -5.49
C ASP A 668 -29.48 25.81 -5.64
N ALA A 669 -29.43 25.28 -6.87
CA ALA A 669 -28.77 24.01 -7.10
C ALA A 669 -27.31 24.07 -6.70
N LEU A 670 -26.60 25.12 -7.12
CA LEU A 670 -25.18 25.23 -6.84
C LEU A 670 -24.90 25.44 -5.36
N ALA A 671 -25.68 26.29 -4.69
CA ALA A 671 -25.42 26.50 -3.28
C ALA A 671 -25.62 25.22 -2.48
N THR A 672 -26.67 24.45 -2.79
CA THR A 672 -26.87 23.16 -2.13
C THR A 672 -25.68 22.22 -2.39
N GLU A 673 -25.19 22.19 -3.63
CA GLU A 673 -24.08 21.29 -3.92
C GLU A 673 -22.84 21.71 -3.15
N VAL A 674 -22.57 23.01 -3.12
CA VAL A 674 -21.46 23.57 -2.34
C VAL A 674 -21.68 23.29 -0.85
N PHE A 675 -22.91 23.48 -0.37
CA PHE A 675 -23.18 23.20 1.04
C PHE A 675 -22.82 21.77 1.41
N ALA A 676 -22.89 20.84 0.48
CA ALA A 676 -22.59 19.47 0.86
C ALA A 676 -21.09 19.22 0.81
N LEU A 677 -20.37 19.88 -0.09
CA LEU A 677 -18.93 19.79 -0.06
C LEU A 677 -18.39 20.44 1.20
N TRP A 678 -19.06 21.50 1.66
CA TRP A 678 -18.64 22.20 2.87
C TRP A 678 -18.77 21.29 4.09
N GLU A 679 -19.84 20.51 4.11
CA GLU A 679 -20.14 19.65 5.24
C GLU A 679 -19.14 18.50 5.32
N GLN A 680 -18.65 18.04 4.17
CA GLN A 680 -17.59 17.03 4.14
C GLN A 680 -16.20 17.63 4.21
N ARG A 681 -16.11 18.96 4.36
CA ARG A 681 -14.86 19.68 4.60
C ARG A 681 -13.90 19.60 3.41
N PHE A 682 -14.42 19.48 2.19
CA PHE A 682 -13.52 19.42 1.04
C PHE A 682 -12.78 20.72 0.82
N LEU A 683 -13.24 21.82 1.40
CA LEU A 683 -12.59 23.13 1.27
C LEU A 683 -13.13 24.00 2.38
N THR A 684 -12.50 25.15 2.57
CA THR A 684 -12.86 26.05 3.66
C THR A 684 -13.84 27.08 3.13
N LEU A 685 -14.97 27.22 3.81
CA LEU A 685 -15.94 28.27 3.54
C LEU A 685 -16.10 29.11 4.80
N ALA A 686 -15.70 30.37 4.73
CA ALA A 686 -15.75 31.25 5.88
C ALA A 686 -15.76 32.68 5.36
N PRO A 687 -16.30 33.63 6.13
CA PRO A 687 -16.35 35.02 5.68
C PRO A 687 -14.95 35.57 5.42
N ALA A 688 -14.91 36.69 4.68
CA ALA A 688 -13.63 37.31 4.32
C ALA A 688 -12.84 37.65 5.58
N GLY A 689 -11.52 37.48 5.49
CA GLY A 689 -10.64 37.75 6.61
C GLY A 689 -10.55 36.59 7.58
N ASP A 690 -10.11 36.92 8.79
CA ASP A 690 -10.04 35.95 9.87
C ASP A 690 -10.06 36.71 11.18
N ILE A 691 -10.02 35.95 12.28
CA ILE A 691 -10.14 36.54 13.61
C ILE A 691 -8.88 37.29 14.01
N GLY A 692 -7.72 36.93 13.43
CA GLY A 692 -6.46 37.52 13.82
C GLY A 692 -5.84 36.86 15.04
N PRO A 693 -4.60 37.25 15.35
CA PRO A 693 -3.91 36.69 16.54
C PRO A 693 -4.78 36.74 17.79
N LEU A 694 -4.64 35.73 18.64
CA LEU A 694 -5.62 35.52 19.71
C LEU A 694 -5.36 36.39 20.95
N MET B 21 -8.42 -36.04 -22.97
CA MET B 21 -8.17 -35.45 -21.66
C MET B 21 -7.57 -34.03 -21.80
N LEU B 22 -8.39 -33.00 -21.63
CA LEU B 22 -8.00 -31.61 -21.96
C LEU B 22 -8.05 -30.74 -20.70
N VAL B 23 -6.91 -30.22 -20.27
CA VAL B 23 -6.82 -29.54 -18.97
C VAL B 23 -6.30 -28.11 -19.14
N LEU B 24 -7.03 -27.16 -18.54
CA LEU B 24 -6.64 -25.76 -18.44
C LEU B 24 -5.88 -25.49 -17.15
N GLY B 25 -4.75 -24.81 -17.25
CA GLY B 25 -3.99 -24.37 -16.08
C GLY B 25 -4.02 -22.86 -15.93
N LEU B 26 -4.39 -22.40 -14.72
CA LEU B 26 -4.56 -20.98 -14.43
C LEU B 26 -3.62 -20.51 -13.31
N ASN B 27 -3.19 -19.27 -13.42
CA ASN B 27 -2.45 -18.59 -12.37
C ASN B 27 -2.65 -17.09 -12.51
N GLY B 28 -2.45 -16.38 -11.40
CA GLY B 28 -2.67 -14.95 -11.33
C GLY B 28 -3.88 -14.60 -10.49
N ASN B 29 -4.18 -13.31 -10.46
CA ASN B 29 -5.28 -12.75 -9.70
C ASN B 29 -6.52 -12.73 -10.59
N PHE B 30 -7.58 -12.05 -10.15
CA PHE B 30 -8.90 -12.17 -10.78
C PHE B 30 -9.47 -10.84 -11.23
N SER B 31 -8.63 -9.82 -11.37
CA SER B 31 -9.06 -8.50 -11.80
C SER B 31 -9.56 -8.51 -13.25
N ALA B 32 -10.52 -7.63 -13.54
CA ALA B 32 -10.98 -7.39 -14.89
C ALA B 32 -9.93 -6.61 -15.68
N ALA B 33 -10.27 -6.27 -16.92
CA ALA B 33 -9.32 -5.53 -17.76
C ALA B 33 -9.12 -4.11 -17.27
N ASP B 34 -10.21 -3.45 -16.83
CA ASP B 34 -10.19 -2.02 -16.55
C ASP B 34 -10.08 -1.65 -15.08
N THR B 35 -10.23 -2.61 -14.14
CA THR B 35 -10.14 -2.36 -12.71
C THR B 35 -9.41 -3.52 -12.04
N ASP B 36 -9.07 -3.35 -10.75
CA ASP B 36 -8.48 -4.43 -9.98
C ASP B 36 -9.45 -4.86 -8.88
N VAL B 37 -9.25 -6.08 -8.36
CA VAL B 37 -10.18 -6.61 -7.34
C VAL B 37 -10.30 -5.64 -6.18
N VAL B 38 -9.19 -5.09 -5.72
CA VAL B 38 -9.22 -3.94 -4.85
C VAL B 38 -8.46 -2.83 -5.57
N PRO B 39 -8.78 -1.57 -5.31
CA PRO B 39 -8.18 -0.49 -6.09
C PRO B 39 -6.68 -0.44 -5.90
N GLN B 40 -5.97 -0.22 -7.00
CA GLN B 40 -4.52 -0.11 -7.00
C GLN B 40 -3.85 -1.33 -6.38
N LEU B 41 -4.49 -2.49 -6.56
CA LEU B 41 -3.96 -3.79 -6.16
C LEU B 41 -2.47 -3.91 -6.45
N GLY B 42 -1.71 -4.22 -5.40
CA GLY B 42 -0.27 -4.26 -5.52
C GLY B 42 0.19 -5.28 -6.53
N GLU B 43 1.24 -4.90 -7.28
CA GLU B 43 1.78 -5.65 -8.41
C GLU B 43 2.34 -7.02 -8.04
N VAL B 44 2.45 -7.32 -6.74
CA VAL B 44 2.99 -8.61 -6.28
C VAL B 44 1.91 -9.64 -5.99
N PHE B 45 0.64 -9.24 -5.97
CA PHE B 45 -0.44 -10.11 -5.51
C PHE B 45 -0.92 -10.97 -6.66
N PHE B 46 -0.20 -12.09 -6.86
CA PHE B 46 -0.48 -13.14 -7.83
C PHE B 46 -0.25 -12.63 -9.25
N HIS B 47 1.03 -12.52 -9.58
CA HIS B 47 1.56 -11.90 -10.78
C HIS B 47 1.79 -12.93 -11.88
N ASP B 48 2.24 -12.43 -13.04
CA ASP B 48 2.59 -13.25 -14.20
C ASP B 48 1.43 -14.13 -14.61
N SER B 49 0.22 -13.56 -14.65
CA SER B 49 -0.97 -14.28 -15.05
C SER B 49 -0.80 -14.94 -16.40
N ALA B 50 -1.23 -16.19 -16.48
CA ALA B 50 -1.10 -16.95 -17.71
C ALA B 50 -2.14 -18.06 -17.72
N ALA B 51 -2.49 -18.48 -18.93
CA ALA B 51 -3.27 -19.69 -19.15
C ALA B 51 -2.43 -20.68 -19.93
N SER B 52 -2.65 -21.98 -19.63
CA SER B 52 -1.99 -23.09 -20.31
C SER B 52 -3.00 -24.18 -20.63
N LEU B 53 -2.78 -24.89 -21.74
CA LEU B 53 -3.65 -25.98 -22.18
C LEU B 53 -2.81 -27.23 -22.43
N ILE B 54 -3.12 -28.32 -21.73
CA ILE B 54 -2.52 -29.62 -22.00
C ILE B 54 -3.61 -30.58 -22.47
N ARG B 55 -3.30 -31.35 -23.50
CA ARG B 55 -4.21 -32.33 -24.09
C ARG B 55 -3.43 -33.64 -24.20
N ASP B 56 -3.98 -34.70 -23.60
CA ASP B 56 -3.35 -36.03 -23.60
C ASP B 56 -1.88 -35.92 -23.18
N GLY B 57 -1.61 -35.06 -22.20
CA GLY B 57 -0.31 -34.99 -21.59
C GLY B 57 0.67 -34.05 -22.25
N GLU B 58 0.32 -33.43 -23.38
CA GLU B 58 1.23 -32.55 -24.08
C GLU B 58 0.81 -31.09 -23.91
N LEU B 59 1.79 -30.21 -23.76
CA LEU B 59 1.51 -28.79 -23.65
C LEU B 59 1.20 -28.25 -25.03
N VAL B 60 -0.09 -28.10 -25.33
CA VAL B 60 -0.46 -27.67 -26.68
C VAL B 60 -0.48 -26.15 -26.83
N ALA B 61 -0.60 -25.39 -25.74
CA ALA B 61 -0.77 -23.94 -25.84
C ALA B 61 -0.52 -23.29 -24.48
N ALA B 62 0.12 -22.12 -24.51
CA ALA B 62 0.42 -21.39 -23.29
C ALA B 62 0.93 -19.99 -23.61
N VAL B 63 0.25 -18.98 -23.08
CA VAL B 63 0.65 -17.59 -23.25
C VAL B 63 0.48 -16.87 -21.92
N GLU B 64 1.46 -16.06 -21.56
CA GLU B 64 1.27 -15.17 -20.42
C GLU B 64 0.32 -14.02 -20.77
N GLU B 65 -0.55 -13.64 -19.84
CA GLU B 65 -1.52 -12.57 -20.11
C GLU B 65 -0.83 -11.23 -20.39
N GLU B 66 0.39 -11.04 -19.88
CA GLU B 66 1.12 -9.81 -20.16
C GLU B 66 1.24 -9.56 -21.67
N ARG B 67 1.44 -10.62 -22.46
CA ARG B 67 1.59 -10.46 -23.92
C ARG B 67 0.35 -9.86 -24.56
N LEU B 68 -0.83 -10.10 -23.97
CA LEU B 68 -2.08 -9.70 -24.60
C LEU B 68 -2.66 -8.41 -24.04
N ASN B 69 -2.58 -8.16 -22.73
CA ASN B 69 -3.02 -6.86 -22.22
C ASN B 69 -1.88 -5.87 -22.06
N ARG B 70 -0.65 -6.29 -22.38
CA ARG B 70 0.48 -5.39 -22.58
C ARG B 70 1.00 -4.78 -21.28
N ILE B 71 0.75 -5.44 -20.15
CA ILE B 71 1.17 -4.97 -18.82
C ILE B 71 2.17 -5.97 -18.29
N LYS B 72 3.46 -5.65 -18.35
CA LYS B 72 4.51 -6.57 -17.88
C LYS B 72 4.09 -7.26 -16.57
N LYS B 73 4.19 -8.60 -16.56
CA LYS B 73 3.95 -9.42 -15.38
C LYS B 73 2.61 -9.09 -14.72
N THR B 74 1.59 -8.79 -15.54
CA THR B 74 0.29 -8.38 -15.02
C THR B 74 -0.26 -9.37 -13.99
N THR B 75 -1.07 -8.86 -13.09
CA THR B 75 -1.77 -9.67 -12.12
C THR B 75 -3.21 -9.94 -12.53
N LYS B 76 -3.66 -9.36 -13.64
CA LYS B 76 -5.07 -9.42 -13.99
C LYS B 76 -5.46 -10.84 -14.43
N PHE B 77 -6.75 -11.14 -14.34
CA PHE B 77 -7.20 -12.47 -14.71
C PHE B 77 -6.84 -12.75 -16.16
N PRO B 78 -6.30 -13.94 -16.47
CA PRO B 78 -5.77 -14.22 -17.82
C PRO B 78 -6.85 -14.69 -18.81
N LEU B 79 -7.95 -13.94 -18.87
CA LEU B 79 -9.08 -14.34 -19.72
C LEU B 79 -8.71 -14.38 -21.20
N ASN B 80 -7.91 -13.41 -21.66
CA ASN B 80 -7.46 -13.44 -23.05
C ASN B 80 -6.64 -14.67 -23.31
N ALA B 81 -5.63 -14.92 -22.46
CA ALA B 81 -4.80 -16.11 -22.62
C ALA B 81 -5.65 -17.37 -22.74
N VAL B 82 -6.71 -17.47 -21.95
CA VAL B 82 -7.58 -18.64 -22.02
C VAL B 82 -8.24 -18.76 -23.40
N ARG B 83 -8.74 -17.64 -23.92
CA ARG B 83 -9.36 -17.64 -25.24
C ARG B 83 -8.34 -18.00 -26.33
N GLU B 84 -7.12 -17.46 -26.26
CA GLU B 84 -6.11 -17.83 -27.23
C GLU B 84 -5.79 -19.32 -27.17
N CYS B 85 -5.67 -19.88 -25.97
CA CYS B 85 -5.30 -21.27 -25.85
C CYS B 85 -6.39 -22.18 -26.37
N LEU B 86 -7.65 -21.85 -26.07
CA LEU B 86 -8.74 -22.64 -26.62
C LEU B 86 -8.74 -22.61 -28.14
N ALA B 87 -8.39 -21.47 -28.73
CA ALA B 87 -8.44 -21.36 -30.18
C ALA B 87 -7.27 -22.08 -30.85
N LEU B 88 -6.09 -22.08 -30.24
CA LEU B 88 -4.97 -22.83 -30.79
C LEU B 88 -5.16 -24.33 -30.72
N ALA B 89 -6.06 -24.79 -29.87
CA ALA B 89 -6.33 -26.21 -29.68
C ALA B 89 -7.61 -26.63 -30.38
N GLY B 90 -8.29 -25.70 -31.04
CA GLY B 90 -9.57 -25.99 -31.68
C GLY B 90 -10.62 -26.48 -30.70
N ALA B 91 -10.71 -25.85 -29.54
CA ALA B 91 -11.58 -26.34 -28.48
C ALA B 91 -12.59 -25.27 -28.11
N ARG B 92 -13.75 -25.72 -27.85
CA ARG B 92 -14.77 -24.95 -27.18
C ARG B 92 -14.43 -24.86 -25.71
N PRO B 93 -14.85 -23.79 -25.04
CA PRO B 93 -14.65 -23.76 -23.58
C PRO B 93 -15.27 -24.97 -22.90
N GLU B 94 -16.44 -25.40 -23.36
CA GLU B 94 -17.08 -26.58 -22.78
C GLU B 94 -16.34 -27.88 -23.12
N ASP B 95 -15.31 -27.84 -23.94
CA ASP B 95 -14.54 -29.07 -24.16
C ASP B 95 -13.56 -29.37 -23.04
N VAL B 96 -13.26 -28.40 -22.17
CA VAL B 96 -12.24 -28.62 -21.14
C VAL B 96 -12.76 -29.54 -20.04
N ASP B 97 -11.92 -30.50 -19.64
CA ASP B 97 -12.31 -31.50 -18.65
C ASP B 97 -11.96 -31.12 -17.23
N ALA B 98 -10.92 -30.31 -17.02
CA ALA B 98 -10.62 -29.78 -15.69
C ALA B 98 -9.86 -28.47 -15.83
N VAL B 99 -10.03 -27.62 -14.80
CA VAL B 99 -9.25 -26.40 -14.65
C VAL B 99 -8.44 -26.51 -13.38
N GLY B 100 -7.16 -26.17 -13.45
CA GLY B 100 -6.27 -26.17 -12.28
C GLY B 100 -5.77 -24.77 -11.94
N TYR B 101 -5.71 -24.48 -10.64
CA TYR B 101 -5.26 -23.21 -10.11
C TYR B 101 -4.04 -23.41 -9.22
N TYR B 102 -3.06 -22.53 -9.36
CA TYR B 102 -1.71 -22.84 -8.90
C TYR B 102 -1.49 -22.59 -7.39
N PHE B 103 -2.54 -22.41 -6.60
CA PHE B 103 -2.49 -22.25 -5.15
C PHE B 103 -3.67 -23.00 -4.55
N PRO B 104 -3.57 -23.42 -3.29
CA PRO B 104 -4.72 -24.04 -2.61
C PRO B 104 -5.79 -22.99 -2.27
N GLU B 105 -7.04 -23.46 -2.14
CA GLU B 105 -8.18 -22.55 -2.06
C GLU B 105 -8.16 -21.73 -0.78
N ASN B 106 -7.84 -22.35 0.36
CA ASN B 106 -7.80 -21.59 1.62
C ASN B 106 -6.79 -20.46 1.52
N HIS B 107 -5.69 -20.67 0.78
CA HIS B 107 -4.62 -19.68 0.79
C HIS B 107 -5.02 -18.45 -0.02
N ILE B 108 -5.47 -18.65 -1.26
CA ILE B 108 -5.83 -17.49 -2.06
C ILE B 108 -7.02 -16.79 -1.43
N ASP B 109 -7.98 -17.55 -0.94
CA ASP B 109 -9.15 -16.92 -0.36
C ASP B 109 -8.82 -16.21 0.95
N THR B 110 -7.78 -16.64 1.67
CA THR B 110 -7.40 -15.93 2.87
C THR B 110 -6.70 -14.62 2.53
N VAL B 111 -5.88 -14.63 1.49
CA VAL B 111 -5.27 -13.40 1.02
C VAL B 111 -6.34 -12.45 0.50
N LEU B 112 -7.34 -12.97 -0.22
CA LEU B 112 -8.43 -12.12 -0.70
C LEU B 112 -9.18 -11.51 0.46
N ASN B 113 -9.47 -12.32 1.46
CA ASN B 113 -10.11 -11.84 2.67
C ASN B 113 -9.34 -10.70 3.29
N HIS B 114 -8.02 -10.79 3.28
CA HIS B 114 -7.26 -9.72 3.89
C HIS B 114 -7.35 -8.46 3.06
N LEU B 115 -7.19 -8.59 1.73
CA LEU B 115 -7.46 -7.46 0.86
C LEU B 115 -8.85 -6.90 1.13
N TYR B 116 -9.81 -7.76 1.43
CA TYR B 116 -11.14 -7.24 1.69
C TYR B 116 -11.28 -6.56 3.05
N THR B 117 -10.49 -6.92 4.06
CA THR B 117 -10.62 -6.16 5.31
C THR B 117 -9.99 -4.78 5.21
N GLU B 118 -9.02 -4.60 4.32
CA GLU B 118 -8.40 -3.29 4.17
C GLU B 118 -9.16 -2.37 3.24
N TYR B 119 -10.06 -2.92 2.43
CA TYR B 119 -10.93 -2.13 1.54
C TYR B 119 -12.34 -2.59 1.85
N PRO B 120 -13.02 -1.94 2.80
CA PRO B 120 -14.32 -2.46 3.26
C PRO B 120 -15.44 -2.27 2.26
N ARG B 121 -15.22 -1.55 1.17
CA ARG B 121 -16.24 -1.42 0.13
C ARG B 121 -16.15 -2.49 -0.94
N ALA B 122 -15.23 -3.45 -0.81
CA ALA B 122 -15.06 -4.43 -1.87
C ALA B 122 -15.99 -5.60 -1.66
N PRO B 123 -16.78 -6.00 -2.65
CA PRO B 123 -17.70 -7.14 -2.47
C PRO B 123 -16.94 -8.41 -2.12
N LEU B 124 -17.54 -9.22 -1.23
CA LEU B 124 -16.85 -10.41 -0.75
C LEU B 124 -17.01 -11.53 -1.79
N ARG B 125 -16.08 -11.57 -2.74
CA ARG B 125 -16.04 -12.60 -3.78
C ARG B 125 -14.69 -13.30 -3.67
N TYR B 126 -14.73 -14.62 -3.52
CA TYR B 126 -13.51 -15.40 -3.44
C TYR B 126 -13.32 -16.20 -4.72
N SER B 127 -12.24 -16.97 -4.76
CA SER B 127 -11.59 -17.33 -6.02
C SER B 127 -12.49 -18.20 -6.88
N ARG B 128 -13.17 -19.16 -6.26
CA ARG B 128 -14.08 -20.03 -6.99
C ARG B 128 -15.19 -19.21 -7.65
N GLU B 129 -15.83 -18.32 -6.89
CA GLU B 129 -16.80 -17.43 -7.50
C GLU B 129 -16.18 -16.55 -8.58
N LEU B 130 -14.92 -16.12 -8.39
CA LEU B 130 -14.35 -15.15 -9.33
C LEU B 130 -13.88 -15.81 -10.62
N ILE B 131 -13.31 -17.01 -10.52
CA ILE B 131 -12.98 -17.77 -11.72
C ILE B 131 -14.23 -18.07 -12.54
N ARG B 132 -15.30 -18.49 -11.86
CA ARG B 132 -16.50 -18.85 -12.61
C ARG B 132 -17.11 -17.65 -13.28
N GLN B 133 -17.04 -16.49 -12.65
CA GLN B 133 -17.67 -15.30 -13.21
C GLN B 133 -16.88 -14.78 -14.40
N ARG B 134 -15.54 -14.82 -14.30
CA ARG B 134 -14.74 -14.38 -15.43
C ARG B 134 -14.93 -15.29 -16.64
N LEU B 135 -15.17 -16.58 -16.40
CA LEU B 135 -15.36 -17.51 -17.50
C LEU B 135 -16.79 -17.49 -18.05
N LYS B 136 -17.80 -17.25 -17.20
CA LYS B 136 -19.17 -17.11 -17.69
C LYS B 136 -19.36 -15.82 -18.45
N GLU B 137 -18.92 -14.69 -17.87
CA GLU B 137 -19.06 -13.42 -18.57
C GLU B 137 -18.13 -13.29 -19.76
N GLY B 138 -16.93 -13.87 -19.68
CA GLY B 138 -15.90 -13.62 -20.67
C GLY B 138 -15.91 -14.61 -21.81
N LEU B 139 -16.35 -15.86 -21.53
CA LEU B 139 -16.41 -16.92 -22.53
C LEU B 139 -17.75 -17.67 -22.61
N GLY B 140 -18.75 -17.30 -21.82
CA GLY B 140 -19.99 -18.07 -21.89
C GLY B 140 -19.92 -19.43 -21.25
N TRP B 141 -18.84 -19.71 -20.51
CA TRP B 141 -18.55 -21.03 -19.98
C TRP B 141 -19.07 -21.13 -18.53
N ASP B 142 -20.15 -21.90 -18.34
CA ASP B 142 -20.59 -22.22 -16.99
C ASP B 142 -19.70 -23.34 -16.49
N LEU B 143 -18.70 -22.98 -15.67
CA LEU B 143 -17.74 -23.97 -15.21
C LEU B 143 -18.34 -24.79 -14.06
N PRO B 144 -18.51 -26.11 -14.23
CA PRO B 144 -19.00 -26.92 -13.10
C PRO B 144 -18.02 -26.90 -11.96
N ASP B 145 -18.53 -26.86 -10.73
CA ASP B 145 -17.67 -26.77 -9.56
C ASP B 145 -16.74 -27.97 -9.41
N GLU B 146 -17.12 -29.12 -9.91
CA GLU B 146 -16.29 -30.32 -9.77
C GLU B 146 -15.08 -30.31 -10.68
N LYS B 147 -15.01 -29.39 -11.65
CA LYS B 147 -13.87 -29.33 -12.56
C LYS B 147 -12.72 -28.48 -12.04
N LEU B 148 -12.95 -27.68 -10.99
CA LEU B 148 -11.95 -26.75 -10.50
C LEU B 148 -11.14 -27.44 -9.41
N VAL B 149 -9.85 -27.62 -9.67
CA VAL B 149 -8.92 -28.30 -8.76
C VAL B 149 -7.86 -27.31 -8.33
N TYR B 150 -7.74 -27.10 -7.02
CA TYR B 150 -6.70 -26.21 -6.55
C TYR B 150 -5.49 -27.03 -6.12
N VAL B 151 -4.31 -26.46 -6.32
CA VAL B 151 -3.09 -27.27 -6.30
C VAL B 151 -2.06 -26.62 -5.38
N PRO B 152 -1.32 -27.41 -4.60
CA PRO B 152 -0.17 -26.86 -3.86
C PRO B 152 0.86 -26.20 -4.76
N HIS B 153 1.32 -25.01 -4.35
CA HIS B 153 2.05 -24.14 -5.27
C HIS B 153 3.37 -24.74 -5.71
N HIS B 154 4.12 -25.33 -4.79
CA HIS B 154 5.37 -25.95 -5.19
C HIS B 154 5.15 -27.27 -5.88
N GLU B 155 3.97 -27.87 -5.72
CA GLU B 155 3.64 -29.04 -6.50
C GLU B 155 3.42 -28.68 -7.95
N ALA B 156 2.79 -27.54 -8.21
CA ALA B 156 2.62 -27.14 -9.60
C ALA B 156 3.97 -26.86 -10.26
N HIS B 157 4.79 -26.00 -9.64
CA HIS B 157 6.15 -25.78 -10.11
C HIS B 157 6.85 -27.08 -10.46
N ALA B 158 6.77 -28.07 -9.56
CA ALA B 158 7.55 -29.27 -9.68
C ALA B 158 7.12 -30.07 -10.90
N TYR B 159 5.82 -30.17 -11.13
CA TYR B 159 5.34 -30.93 -12.27
C TYR B 159 5.83 -30.31 -13.58
N SER B 160 5.68 -28.99 -13.69
CA SER B 160 6.14 -28.26 -14.87
C SER B 160 7.60 -28.56 -15.16
N SER B 161 8.46 -28.41 -14.14
CA SER B 161 9.90 -28.58 -14.33
C SER B 161 10.26 -30.02 -14.65
N TYR B 162 9.63 -31.00 -14.00
CA TYR B 162 10.01 -32.40 -14.20
C TYR B 162 9.33 -33.08 -15.39
N LEU B 163 8.03 -32.85 -15.63
CA LEU B 163 7.39 -33.57 -16.73
C LEU B 163 7.92 -33.16 -18.11
N HIS B 164 8.66 -32.05 -18.21
CA HIS B 164 9.21 -31.64 -19.49
C HIS B 164 10.70 -31.93 -19.60
N SER B 165 11.31 -32.56 -18.61
CA SER B 165 12.74 -32.78 -18.67
C SER B 165 13.15 -33.91 -19.60
N GLY B 166 12.22 -34.76 -20.05
CA GLY B 166 12.61 -36.02 -20.63
C GLY B 166 13.26 -37.02 -19.68
N MET B 167 13.27 -36.74 -18.39
CA MET B 167 13.85 -37.64 -17.42
C MET B 167 12.81 -38.59 -16.87
N ASP B 168 13.27 -39.82 -16.56
CA ASP B 168 12.41 -40.82 -15.92
C ASP B 168 12.48 -40.79 -14.40
N SER B 169 13.51 -40.16 -13.85
CA SER B 169 13.59 -39.90 -12.42
C SER B 169 14.48 -38.68 -12.27
N ALA B 170 14.29 -37.96 -11.17
CA ALA B 170 15.13 -36.80 -10.89
C ALA B 170 14.83 -36.31 -9.48
N LEU B 171 15.82 -35.61 -8.92
CA LEU B 171 15.63 -34.68 -7.82
C LEU B 171 15.10 -33.36 -8.36
N VAL B 172 14.00 -32.89 -7.78
CA VAL B 172 13.36 -31.62 -8.11
C VAL B 172 13.54 -30.64 -6.95
N LEU B 173 14.16 -29.49 -7.23
CA LEU B 173 14.24 -28.35 -6.32
C LEU B 173 13.36 -27.23 -6.82
N VAL B 174 12.41 -26.82 -5.99
CA VAL B 174 11.59 -25.65 -6.28
C VAL B 174 11.95 -24.59 -5.25
N LEU B 175 12.50 -23.48 -5.73
CA LEU B 175 12.91 -22.34 -4.90
C LEU B 175 12.33 -21.08 -5.50
N ASP B 176 11.34 -20.48 -4.85
CA ASP B 176 10.80 -19.21 -5.33
C ASP B 176 10.69 -18.21 -4.17
N GLY B 177 9.72 -17.30 -4.27
CA GLY B 177 9.43 -16.39 -3.21
C GLY B 177 8.59 -17.03 -2.12
N ARG B 178 7.57 -17.76 -2.49
CA ARG B 178 6.51 -18.10 -1.55
C ARG B 178 5.54 -19.02 -2.25
N GLY B 179 5.18 -20.09 -1.55
CA GLY B 179 3.97 -20.82 -1.90
C GLY B 179 3.01 -20.63 -0.73
N GLU B 180 2.00 -21.51 -0.60
CA GLU B 180 1.05 -21.40 0.51
C GLU B 180 1.78 -21.45 1.86
N LEU B 181 2.78 -22.34 2.01
CA LEU B 181 3.43 -22.51 3.29
C LEU B 181 4.96 -22.54 3.23
N HIS B 182 5.58 -22.57 2.05
CA HIS B 182 7.02 -22.82 1.92
C HIS B 182 7.63 -21.85 0.91
N SER B 183 8.94 -21.63 1.07
CA SER B 183 9.75 -20.85 0.14
C SER B 183 10.71 -21.70 -0.66
N GLY B 184 10.91 -22.96 -0.26
CA GLY B 184 11.58 -23.93 -1.09
C GLY B 184 11.05 -25.31 -0.81
N THR B 185 11.00 -26.17 -1.83
CA THR B 185 10.61 -27.55 -1.62
C THR B 185 11.54 -28.46 -2.41
N VAL B 186 11.84 -29.62 -1.84
CA VAL B 186 12.65 -30.65 -2.50
C VAL B 186 11.80 -31.88 -2.73
N TYR B 187 11.82 -32.39 -3.96
CA TYR B 187 11.06 -33.59 -4.32
C TYR B 187 11.99 -34.68 -4.89
N ARG B 188 11.51 -35.92 -4.79
CA ARG B 188 11.99 -37.02 -5.62
C ARG B 188 10.90 -37.31 -6.65
N ALA B 189 11.30 -37.39 -7.92
CA ALA B 189 10.38 -37.65 -9.02
C ALA B 189 10.78 -38.96 -9.69
N GLU B 190 9.82 -39.86 -9.86
CA GLU B 190 9.98 -41.14 -10.55
C GLU B 190 8.75 -41.32 -11.42
N GLY B 191 8.94 -41.47 -12.73
CA GLY B 191 7.83 -41.63 -13.64
C GLY B 191 6.88 -40.45 -13.61
N THR B 192 5.73 -40.60 -12.95
CA THR B 192 4.78 -39.49 -12.79
C THR B 192 4.42 -39.24 -11.34
N ARG B 193 5.20 -39.75 -10.39
CA ARG B 193 4.93 -39.59 -8.98
C ARG B 193 5.90 -38.58 -8.39
N LEU B 194 5.37 -37.63 -7.63
CA LEU B 194 6.21 -36.74 -6.83
C LEU B 194 6.19 -37.19 -5.38
N GLU B 195 7.36 -37.20 -4.75
CA GLU B 195 7.50 -37.56 -3.35
C GLU B 195 8.30 -36.45 -2.68
N LYS B 196 7.69 -35.81 -1.66
CA LYS B 196 8.30 -34.65 -1.03
C LYS B 196 9.36 -35.11 -0.05
N LEU B 197 10.52 -34.49 -0.12
CA LEU B 197 11.61 -34.89 0.76
C LEU B 197 11.88 -33.88 1.86
N ALA B 198 11.63 -32.60 1.59
CA ALA B 198 12.01 -31.52 2.49
C ALA B 198 11.30 -30.24 2.09
N ASP B 199 11.36 -29.25 2.99
CA ASP B 199 10.88 -27.91 2.69
C ASP B 199 11.61 -26.90 3.56
N TYR B 200 11.45 -25.62 3.19
CA TYR B 200 11.98 -24.48 3.91
C TYR B 200 10.85 -23.48 4.12
N PRO B 201 10.69 -22.93 5.33
CA PRO B 201 9.54 -22.07 5.63
C PRO B 201 9.63 -20.73 4.92
N VAL B 202 8.51 -20.00 4.96
CA VAL B 202 8.42 -18.74 4.24
C VAL B 202 9.49 -17.75 4.66
N PRO B 203 9.77 -17.56 5.94
CA PRO B 203 10.79 -16.56 6.30
C PRO B 203 12.22 -16.87 5.85
N LYS B 204 12.47 -17.98 5.19
CA LYS B 204 13.80 -18.24 4.64
C LYS B 204 13.88 -17.94 3.14
N SER B 205 12.86 -17.29 2.59
CA SER B 205 12.75 -17.16 1.14
C SER B 205 14.00 -16.51 0.55
N LEU B 206 14.62 -17.21 -0.40
CA LEU B 206 15.70 -16.61 -1.15
C LEU B 206 15.16 -15.66 -2.20
N GLY B 207 14.00 -15.98 -2.78
CA GLY B 207 13.29 -15.03 -3.60
C GLY B 207 13.02 -13.74 -2.87
N GLY B 208 12.58 -13.85 -1.62
CA GLY B 208 12.34 -12.66 -0.82
C GLY B 208 13.63 -11.92 -0.53
N LEU B 209 14.69 -12.66 -0.17
CA LEU B 209 16.00 -12.07 0.04
C LEU B 209 16.44 -11.27 -1.17
N TYR B 210 16.30 -11.87 -2.36
CA TYR B 210 16.75 -11.21 -3.56
C TYR B 210 15.94 -9.96 -3.84
N LEU B 211 14.60 -10.07 -3.73
CA LEU B 211 13.74 -8.92 -4.01
C LEU B 211 13.94 -7.83 -2.97
N ASN B 212 14.13 -8.20 -1.70
CA ASN B 212 14.47 -7.20 -0.71
C ASN B 212 15.72 -6.43 -1.11
N ALA B 213 16.76 -7.15 -1.56
CA ALA B 213 18.01 -6.48 -1.92
C ALA B 213 17.86 -5.63 -3.18
N THR B 214 17.01 -6.05 -4.10
CA THR B 214 16.79 -5.28 -5.33
C THR B 214 16.27 -3.87 -5.02
N TYR B 215 15.47 -3.71 -3.97
CA TYR B 215 14.92 -2.40 -3.64
C TYR B 215 16.01 -1.42 -3.22
N LEU B 216 17.10 -1.90 -2.61
CA LEU B 216 18.19 -1.00 -2.25
C LEU B 216 18.96 -0.46 -3.46
N LEU B 217 18.75 -1.02 -4.64
CA LEU B 217 19.44 -0.54 -5.83
C LEU B 217 18.52 0.31 -6.71
N GLY B 218 17.46 0.87 -6.14
CA GLY B 218 16.59 1.74 -6.88
C GLY B 218 15.74 1.03 -7.90
N TYR B 219 15.68 -0.29 -7.82
CA TYR B 219 14.88 -1.14 -8.68
C TYR B 219 13.74 -1.72 -7.88
N GLY B 220 12.96 -2.56 -8.53
CA GLY B 220 11.84 -3.12 -7.83
C GLY B 220 11.42 -4.46 -8.37
N PHE B 221 10.20 -4.87 -8.07
CA PHE B 221 9.72 -6.15 -8.54
C PHE B 221 9.87 -6.27 -10.04
N GLY B 222 10.33 -7.44 -10.49
CA GLY B 222 10.57 -7.67 -11.89
C GLY B 222 11.93 -7.23 -12.40
N ASP B 223 12.76 -6.59 -11.56
CA ASP B 223 14.08 -6.16 -11.98
C ASP B 223 15.20 -7.07 -11.48
N GLU B 224 14.87 -8.24 -10.91
CA GLU B 224 15.92 -9.05 -10.30
C GLU B 224 16.97 -9.44 -11.32
N TYR B 225 16.56 -9.74 -12.54
CA TYR B 225 17.53 -10.17 -13.53
C TYR B 225 18.48 -9.03 -13.90
N LYS B 226 18.02 -7.78 -13.80
CA LYS B 226 18.94 -6.66 -13.94
C LYS B 226 20.00 -6.68 -12.85
N VAL B 227 19.61 -6.97 -11.61
CA VAL B 227 20.58 -7.04 -10.50
C VAL B 227 21.59 -8.17 -10.74
N MET B 228 21.11 -9.33 -11.17
CA MET B 228 22.02 -10.39 -11.57
C MET B 228 22.97 -9.92 -12.66
N GLY B 229 22.44 -9.21 -13.67
CA GLY B 229 23.27 -8.69 -14.74
C GLY B 229 24.28 -7.64 -14.31
N LEU B 230 24.01 -6.93 -13.20
CA LEU B 230 24.99 -5.97 -12.69
C LEU B 230 26.10 -6.66 -11.90
N ALA B 231 25.82 -7.80 -11.26
CA ALA B 231 26.74 -8.39 -10.29
C ALA B 231 28.16 -8.63 -10.81
N PRO B 232 28.39 -9.08 -12.05
CA PRO B 232 29.79 -9.29 -12.48
C PRO B 232 30.64 -8.02 -12.45
N TRP B 233 30.04 -6.83 -12.58
CA TRP B 233 30.77 -5.55 -12.55
C TRP B 233 31.32 -5.18 -11.18
N GLY B 234 31.27 -6.06 -10.17
CA GLY B 234 31.55 -5.66 -8.83
C GLY B 234 32.28 -6.74 -8.07
N ASN B 235 32.85 -6.35 -6.93
CA ASN B 235 33.69 -7.23 -6.12
C ASN B 235 32.94 -7.72 -4.90
N PRO B 236 32.59 -9.01 -4.84
CA PRO B 236 31.74 -9.53 -3.75
C PRO B 236 32.41 -9.50 -2.38
N GLU B 237 33.64 -9.02 -2.28
CA GLU B 237 34.33 -9.03 -0.99
C GLU B 237 33.92 -7.86 -0.10
N THR B 238 33.51 -6.76 -0.73
CA THR B 238 33.24 -5.51 -0.02
C THR B 238 32.17 -5.70 1.04
N TYR B 239 31.06 -6.32 0.66
CA TYR B 239 29.94 -6.51 1.58
C TYR B 239 29.76 -7.98 1.96
N ARG B 240 30.77 -8.84 1.72
CA ARG B 240 30.63 -10.25 2.08
C ARG B 240 30.41 -10.43 3.58
N ASP B 241 31.19 -9.74 4.42
CA ASP B 241 31.05 -9.87 5.87
C ASP B 241 29.75 -9.23 6.39
N THR B 242 29.18 -8.28 5.65
CA THR B 242 27.89 -7.71 6.03
C THR B 242 26.74 -8.70 5.77
N PHE B 243 26.73 -9.31 4.59
CA PHE B 243 25.71 -10.32 4.30
C PHE B 243 25.85 -11.51 5.24
N ALA B 244 27.09 -11.89 5.61
CA ALA B 244 27.27 -12.99 6.56
C ALA B 244 26.43 -12.81 7.82
N LYS B 245 26.15 -11.58 8.23
CA LYS B 245 25.31 -11.40 9.41
C LYS B 245 23.85 -11.76 9.16
N LEU B 246 23.40 -11.79 7.90
CA LEU B 246 22.01 -12.05 7.57
C LEU B 246 21.69 -13.53 7.36
N TYR B 247 22.68 -14.43 7.32
CA TYR B 247 22.40 -15.83 7.11
C TYR B 247 23.46 -16.70 7.78
N THR B 248 23.12 -17.99 7.92
CA THR B 248 23.97 -19.00 8.55
C THR B 248 23.73 -20.34 7.89
N LEU B 249 24.80 -20.98 7.42
CA LEU B 249 24.69 -22.32 6.90
C LEU B 249 24.75 -23.30 8.08
N GLN B 250 23.83 -24.25 8.08
CA GLN B 250 23.66 -25.19 9.17
C GLN B 250 23.86 -26.61 8.66
N ASP B 251 23.84 -27.56 9.58
CA ASP B 251 24.04 -28.94 9.17
C ASP B 251 22.76 -29.50 8.56
N ASN B 252 22.94 -30.56 7.79
CA ASN B 252 21.85 -31.28 7.13
C ASN B 252 21.13 -30.45 6.07
N GLY B 253 21.89 -29.62 5.39
CA GLY B 253 21.31 -28.76 4.37
C GLY B 253 20.33 -27.70 4.84
N GLU B 254 20.45 -27.24 6.09
CA GLU B 254 19.61 -26.18 6.62
C GLU B 254 20.33 -24.84 6.54
N TYR B 255 19.55 -23.77 6.49
CA TYR B 255 20.07 -22.42 6.61
C TYR B 255 19.06 -21.61 7.38
N GLU B 256 19.53 -20.53 7.99
CA GLU B 256 18.68 -19.56 8.68
C GLU B 256 18.92 -18.21 8.05
N LEU B 257 17.83 -17.46 7.86
CA LEU B 257 17.92 -16.03 7.56
C LEU B 257 17.52 -15.30 8.83
N HIS B 258 18.25 -14.21 9.13
CA HIS B 258 18.11 -13.46 10.38
C HIS B 258 17.32 -12.17 10.14
N GLY B 259 16.10 -12.16 10.66
CA GLY B 259 15.19 -11.07 10.43
C GLY B 259 15.44 -9.92 11.35
N ASN B 260 14.44 -9.07 11.45
CA ASN B 260 14.46 -7.92 12.33
C ASN B 260 13.03 -7.49 12.53
N ILE B 261 12.77 -6.81 13.64
CA ILE B 261 11.45 -6.32 13.92
C ILE B 261 11.28 -4.86 13.51
N MET B 262 12.16 -4.35 12.65
CA MET B 262 12.09 -2.94 12.30
C MET B 262 11.27 -2.70 11.03
N VAL B 263 11.59 -3.37 9.92
CA VAL B 263 10.88 -3.10 8.67
C VAL B 263 10.68 -4.40 7.90
N PRO B 264 9.64 -4.49 7.01
CA PRO B 264 9.43 -5.72 6.24
C PRO B 264 10.45 -5.86 5.12
N ASN B 265 11.73 -5.89 5.48
CA ASN B 265 12.83 -6.07 4.55
C ASN B 265 14.01 -6.63 5.32
N LEU B 266 14.58 -7.73 4.80
CA LEU B 266 15.63 -8.45 5.52
C LEU B 266 16.95 -7.72 5.50
N VAL B 267 17.18 -6.89 4.49
CA VAL B 267 18.50 -6.38 4.16
C VAL B 267 18.69 -4.93 4.60
N SER B 268 17.65 -4.10 4.47
CA SER B 268 17.84 -2.65 4.58
C SER B 268 18.31 -2.17 5.95
N PRO B 269 17.79 -2.66 7.08
CA PRO B 269 18.18 -2.04 8.37
C PRO B 269 19.67 -2.17 8.69
N LEU B 270 20.24 -3.37 8.51
CA LEU B 270 21.67 -3.54 8.74
C LEU B 270 22.49 -2.67 7.79
N PHE B 271 22.16 -2.68 6.50
CA PHE B 271 22.93 -1.87 5.58
C PHE B 271 22.73 -0.38 5.85
N TYR B 272 21.53 0.02 6.30
CA TYR B 272 21.39 1.42 6.70
C TYR B 272 22.32 1.74 7.85
N ALA B 273 22.48 0.81 8.79
CA ALA B 273 23.33 1.07 9.96
C ALA B 273 24.82 1.16 9.59
N GLU B 274 25.23 0.64 8.45
CA GLU B 274 26.62 0.66 8.04
C GLU B 274 26.91 1.69 6.95
N GLY B 275 26.05 2.69 6.80
CA GLY B 275 26.27 3.76 5.85
C GLY B 275 25.88 3.47 4.42
N PHE B 276 25.30 2.31 4.11
CA PHE B 276 24.86 2.08 2.74
C PHE B 276 23.57 2.83 2.50
N ARG B 277 23.53 3.60 1.42
CA ARG B 277 22.34 4.40 1.14
C ARG B 277 21.73 4.00 -0.21
N PRO B 278 20.44 3.69 -0.25
CA PRO B 278 19.83 3.09 -1.46
C PRO B 278 19.79 4.02 -2.66
N ARG B 279 20.00 3.42 -3.84
CA ARG B 279 20.13 4.18 -5.07
C ARG B 279 18.82 4.87 -5.42
N ARG B 280 18.93 6.10 -5.95
CA ARG B 280 17.77 6.87 -6.37
C ARG B 280 17.57 6.71 -7.87
N LYS B 281 16.36 7.00 -8.35
CA LYS B 281 16.11 6.83 -9.77
C LYS B 281 16.95 7.83 -10.55
N GLY B 282 17.54 7.37 -11.65
CA GLY B 282 18.38 8.25 -12.41
C GLY B 282 19.75 8.49 -11.85
N GLU B 283 20.08 7.92 -10.70
CA GLU B 283 21.47 8.02 -10.28
C GLU B 283 22.33 6.99 -11.00
N PRO B 284 23.59 7.33 -11.30
CA PRO B 284 24.50 6.32 -11.83
C PRO B 284 24.80 5.25 -10.78
N PHE B 285 25.08 4.05 -11.26
CA PHE B 285 25.44 2.94 -10.37
C PHE B 285 26.86 3.15 -9.86
N THR B 286 27.02 3.48 -8.57
CA THR B 286 28.35 3.67 -8.02
C THR B 286 29.02 2.32 -7.76
N GLN B 287 30.34 2.35 -7.54
CA GLN B 287 31.07 1.12 -7.26
C GLN B 287 30.48 0.36 -6.08
N ALA B 288 30.00 1.08 -5.06
CA ALA B 288 29.36 0.41 -3.93
C ALA B 288 28.07 -0.30 -4.36
N HIS B 289 27.31 0.32 -5.27
CA HIS B 289 26.15 -0.38 -5.82
C HIS B 289 26.56 -1.68 -6.51
N ARG B 290 27.59 -1.63 -7.36
CA ARG B 290 28.05 -2.81 -8.08
C ARG B 290 28.54 -3.88 -7.11
N ASP B 291 29.27 -3.48 -6.08
CA ASP B 291 29.76 -4.46 -5.12
C ASP B 291 28.62 -5.11 -4.35
N PHE B 292 27.62 -4.31 -3.97
CA PHE B 292 26.46 -4.83 -3.27
C PHE B 292 25.77 -5.93 -4.08
N ALA B 293 25.51 -5.65 -5.36
CA ALA B 293 24.89 -6.68 -6.20
C ALA B 293 25.76 -7.92 -6.27
N ALA B 294 27.08 -7.75 -6.40
CA ALA B 294 27.96 -8.90 -6.45
C ALA B 294 27.90 -9.70 -5.16
N ALA B 295 27.93 -9.04 -4.01
CA ALA B 295 27.82 -9.73 -2.73
C ALA B 295 26.43 -10.37 -2.57
N LEU B 296 25.37 -9.74 -3.07
CA LEU B 296 24.05 -10.35 -3.02
C LEU B 296 24.02 -11.64 -3.82
N GLN B 297 24.54 -11.60 -5.06
CA GLN B 297 24.50 -12.79 -5.92
C GLN B 297 25.36 -13.91 -5.34
N GLU B 298 26.46 -13.57 -4.69
CA GLU B 298 27.33 -14.59 -4.12
C GLU B 298 26.65 -15.32 -2.97
N THR B 299 25.84 -14.59 -2.19
CA THR B 299 25.12 -15.20 -1.08
C THR B 299 24.10 -16.23 -1.56
N VAL B 300 23.22 -15.85 -2.50
CA VAL B 300 22.18 -16.78 -2.94
C VAL B 300 22.79 -18.01 -3.57
N GLU B 301 23.88 -17.85 -4.32
CA GLU B 301 24.60 -19.02 -4.82
C GLU B 301 25.08 -19.89 -3.67
N LYS B 302 25.77 -19.29 -2.69
CA LYS B 302 26.33 -20.06 -1.59
C LYS B 302 25.26 -20.87 -0.86
N ILE B 303 24.09 -20.28 -0.64
CA ILE B 303 23.05 -21.00 0.08
C ILE B 303 22.46 -22.08 -0.80
N VAL B 304 22.12 -21.74 -2.05
CA VAL B 304 21.48 -22.73 -2.91
C VAL B 304 22.44 -23.88 -3.19
N LEU B 305 23.74 -23.60 -3.29
CA LEU B 305 24.69 -24.70 -3.44
C LEU B 305 24.79 -25.51 -2.14
N HIS B 306 24.64 -24.87 -0.98
CA HIS B 306 24.62 -25.60 0.29
C HIS B 306 23.43 -26.54 0.37
N ILE B 307 22.25 -26.09 -0.07
CA ILE B 307 21.09 -26.96 -0.15
C ILE B 307 21.36 -28.15 -1.03
N LEU B 308 22.00 -27.93 -2.19
CA LEU B 308 22.07 -28.95 -3.22
C LEU B 308 23.17 -29.98 -2.95
N GLU B 309 24.32 -29.56 -2.40
CA GLU B 309 25.31 -30.53 -1.96
C GLU B 309 24.67 -31.54 -1.01
N TYR B 310 23.85 -31.08 -0.07
CA TYR B 310 23.22 -32.02 0.85
C TYR B 310 22.25 -32.93 0.13
N TRP B 311 21.34 -32.38 -0.65
CA TRP B 311 20.34 -33.26 -1.24
C TRP B 311 20.84 -34.05 -2.43
N ALA B 312 22.02 -33.72 -2.97
CA ALA B 312 22.55 -34.61 -3.99
C ALA B 312 23.21 -35.85 -3.37
N LYS B 313 23.90 -35.68 -2.23
CA LYS B 313 24.45 -36.83 -1.51
C LYS B 313 23.34 -37.64 -0.88
N THR B 314 22.42 -36.98 -0.17
CA THR B 314 21.42 -37.70 0.60
C THR B 314 20.44 -38.44 -0.29
N SER B 315 20.00 -37.83 -1.38
CA SER B 315 19.14 -38.61 -2.27
C SER B 315 19.95 -39.53 -3.16
N GLY B 316 21.23 -39.22 -3.35
CA GLY B 316 22.05 -40.00 -4.25
C GLY B 316 21.75 -39.83 -5.71
N HIS B 317 20.87 -38.90 -6.09
CA HIS B 317 20.45 -38.79 -7.48
C HIS B 317 21.46 -37.98 -8.31
N SER B 318 21.48 -38.26 -9.61
CA SER B 318 22.41 -37.60 -10.51
C SER B 318 21.72 -36.67 -11.49
N ARG B 319 20.40 -36.58 -11.43
CA ARG B 319 19.63 -35.69 -12.31
C ARG B 319 18.84 -34.68 -11.49
N LEU B 320 18.86 -33.41 -11.93
CA LEU B 320 18.24 -32.29 -11.22
C LEU B 320 17.30 -31.52 -12.14
N CYS B 321 16.06 -31.33 -11.71
CA CYS B 321 15.17 -30.32 -12.29
C CYS B 321 15.03 -29.17 -11.31
N PHE B 322 15.25 -27.93 -11.80
CA PHE B 322 15.25 -26.72 -10.99
C PHE B 322 14.11 -25.80 -11.45
N GLY B 323 13.27 -25.39 -10.51
CA GLY B 323 12.07 -24.62 -10.81
C GLY B 323 11.83 -23.57 -9.74
N GLY B 324 10.83 -22.71 -10.01
CA GLY B 324 10.56 -21.52 -9.24
C GLY B 324 11.26 -20.31 -9.83
N GLY B 325 10.68 -19.13 -9.56
CA GLY B 325 11.27 -17.89 -10.05
C GLY B 325 12.77 -17.74 -9.83
N VAL B 326 13.32 -18.34 -8.76
CA VAL B 326 14.75 -18.21 -8.52
C VAL B 326 15.55 -18.95 -9.59
N ALA B 327 14.93 -19.91 -10.25
CA ALA B 327 15.59 -20.62 -11.33
C ALA B 327 15.70 -19.81 -12.61
N HIS B 328 15.22 -18.57 -12.63
CA HIS B 328 15.56 -17.68 -13.73
C HIS B 328 16.84 -16.91 -13.48
N ASN B 329 17.50 -17.16 -12.35
CA ASN B 329 18.85 -16.68 -12.08
C ASN B 329 19.82 -17.56 -12.84
N SER B 330 20.09 -17.18 -14.10
CA SER B 330 20.94 -17.99 -14.98
C SER B 330 22.40 -18.06 -14.49
N SER B 331 22.88 -17.05 -13.78
CA SER B 331 24.18 -17.14 -13.12
C SER B 331 24.22 -18.30 -12.13
N LEU B 332 23.25 -18.34 -11.21
CA LEU B 332 23.10 -19.45 -10.28
C LEU B 332 23.03 -20.79 -11.02
N ASN B 333 22.22 -20.86 -12.08
CA ASN B 333 22.06 -22.10 -12.83
C ASN B 333 23.38 -22.58 -13.44
N GLY B 334 24.16 -21.66 -14.00
CA GLY B 334 25.44 -22.04 -14.55
C GLY B 334 26.38 -22.59 -13.50
N LEU B 335 26.43 -21.94 -12.33
CA LEU B 335 27.28 -22.43 -11.25
C LEU B 335 26.85 -23.82 -10.81
N ILE B 336 25.55 -24.08 -10.78
CA ILE B 336 25.08 -25.43 -10.46
C ILE B 336 25.56 -26.41 -11.52
N LEU B 337 25.51 -26.00 -12.78
CA LEU B 337 26.02 -26.82 -13.87
C LEU B 337 27.51 -27.12 -13.70
N LYS B 338 28.31 -26.10 -13.38
CA LYS B 338 29.77 -26.29 -13.24
C LYS B 338 30.17 -27.02 -11.97
N SER B 339 29.29 -27.04 -10.96
CA SER B 339 29.51 -27.95 -9.86
C SER B 339 29.41 -29.39 -10.37
N GLY B 340 30.18 -30.27 -9.75
CA GLY B 340 30.11 -31.65 -10.17
C GLY B 340 29.05 -32.45 -9.44
N LEU B 341 28.00 -31.79 -8.96
CA LEU B 341 27.02 -32.50 -8.15
C LEU B 341 26.02 -33.28 -8.98
N PHE B 342 25.79 -32.90 -10.24
CA PHE B 342 24.80 -33.58 -11.06
C PHE B 342 25.37 -33.91 -12.44
N ASP B 343 24.83 -34.96 -13.04
CA ASP B 343 25.18 -35.28 -14.42
C ASP B 343 24.30 -34.54 -15.44
N GLU B 344 23.00 -34.43 -15.15
CA GLU B 344 22.07 -33.67 -15.98
C GLU B 344 21.36 -32.64 -15.12
N VAL B 345 21.00 -31.51 -15.73
CA VAL B 345 20.25 -30.43 -15.09
C VAL B 345 19.30 -29.83 -16.11
N PHE B 346 18.00 -29.84 -15.81
CA PHE B 346 16.95 -29.29 -16.67
C PHE B 346 16.28 -28.08 -16.03
N VAL B 347 16.00 -27.05 -16.83
CA VAL B 347 15.26 -25.86 -16.40
C VAL B 347 14.23 -25.50 -17.46
N HIS B 348 12.96 -25.47 -17.06
CA HIS B 348 11.84 -25.08 -17.91
C HIS B 348 11.94 -23.60 -18.34
N PRO B 349 11.52 -23.28 -19.56
CA PRO B 349 11.61 -21.88 -20.04
C PRO B 349 10.76 -20.89 -19.25
N ALA B 350 9.66 -21.33 -18.64
CA ALA B 350 8.84 -20.55 -17.71
C ALA B 350 8.88 -21.20 -16.33
N SER B 351 9.96 -20.93 -15.58
CA SER B 351 10.11 -21.42 -14.20
C SER B 351 9.49 -20.48 -13.16
N HIS B 352 9.00 -19.30 -13.54
CA HIS B 352 8.21 -18.45 -12.65
C HIS B 352 6.76 -18.93 -12.63
N ASP B 353 5.87 -18.12 -12.07
CA ASP B 353 4.54 -18.61 -11.70
C ASP B 353 3.72 -19.06 -12.91
N ALA B 354 4.05 -18.56 -14.10
CA ALA B 354 3.38 -19.02 -15.31
C ALA B 354 3.59 -20.52 -15.53
N GLY B 355 4.73 -21.04 -15.09
CA GLY B 355 4.93 -22.47 -15.14
C GLY B 355 4.15 -23.23 -14.07
N ALA B 356 4.04 -22.66 -12.86
CA ALA B 356 3.14 -23.25 -11.88
C ALA B 356 1.72 -23.37 -12.41
N GLY B 357 1.30 -22.42 -13.25
CA GLY B 357 -0.03 -22.53 -13.85
C GLY B 357 -0.15 -23.67 -14.82
N GLU B 358 0.91 -23.94 -15.61
CA GLU B 358 0.93 -25.15 -16.41
C GLU B 358 0.94 -26.39 -15.51
N GLY B 359 1.92 -26.48 -14.60
CA GLY B 359 1.95 -27.59 -13.65
C GLY B 359 0.62 -27.80 -12.92
N ALA B 360 -0.07 -26.70 -12.59
CA ALA B 360 -1.41 -26.81 -12.01
C ALA B 360 -2.33 -27.64 -12.88
N ALA B 361 -2.13 -27.59 -14.21
CA ALA B 361 -2.95 -28.41 -15.11
C ALA B 361 -2.67 -29.89 -14.91
N TYR B 362 -1.39 -30.28 -14.89
CA TYR B 362 -1.03 -31.66 -14.68
C TYR B 362 -1.54 -32.19 -13.34
N ALA B 363 -1.33 -31.41 -12.27
CA ALA B 363 -1.76 -31.86 -10.95
C ALA B 363 -3.27 -31.99 -10.89
N ALA B 364 -4.00 -31.20 -11.67
CA ALA B 364 -5.43 -31.41 -11.71
C ALA B 364 -5.76 -32.69 -12.46
N ALA B 365 -5.01 -33.00 -13.51
CA ALA B 365 -5.21 -34.27 -14.21
C ALA B 365 -4.89 -35.47 -13.33
N ALA B 366 -3.86 -35.34 -12.49
CA ALA B 366 -3.51 -36.40 -11.55
C ALA B 366 -4.60 -36.58 -10.51
N SER B 367 -5.07 -35.47 -9.94
CA SER B 367 -6.17 -35.51 -8.98
C SER B 367 -7.42 -36.14 -9.61
N LEU B 368 -7.92 -35.52 -10.68
CA LEU B 368 -9.11 -36.00 -11.40
C LEU B 368 -8.69 -36.98 -12.49
N GLY B 369 -8.41 -38.21 -12.04
CA GLY B 369 -8.14 -39.32 -12.94
C GLY B 369 -6.64 -39.62 -13.01
N THR B 370 -6.17 -39.80 -14.25
CA THR B 370 -4.81 -40.24 -14.51
C THR B 370 -4.01 -39.14 -15.19
N LEU B 371 -2.71 -39.14 -14.86
CA LEU B 371 -1.77 -38.12 -15.28
C LEU B 371 -1.06 -38.64 -16.52
N GLU B 372 -1.27 -37.97 -17.66
CA GLU B 372 -0.51 -38.21 -18.87
C GLU B 372 0.64 -37.22 -18.94
N ARG B 373 1.82 -37.72 -19.32
CA ARG B 373 3.04 -36.92 -19.30
C ARG B 373 3.60 -36.69 -20.71
N PRO B 374 4.41 -35.65 -20.91
CA PRO B 374 4.96 -35.37 -22.24
C PRO B 374 5.94 -36.44 -22.68
N GLY B 375 5.86 -36.79 -23.97
CA GLY B 375 6.70 -37.84 -24.50
C GLY B 375 8.17 -37.50 -24.42
N LYS B 376 8.54 -36.31 -24.86
CA LYS B 376 9.94 -35.96 -25.01
C LYS B 376 10.29 -34.75 -24.15
N ARG B 377 11.58 -34.47 -24.05
CA ARG B 377 12.02 -33.24 -23.40
C ARG B 377 11.56 -32.05 -24.22
N LEU B 378 11.14 -30.99 -23.51
CA LEU B 378 10.68 -29.78 -24.19
C LEU B 378 11.87 -29.06 -24.79
N LEU B 379 11.78 -28.77 -26.09
CA LEU B 379 12.86 -28.13 -26.84
C LEU B 379 12.53 -26.73 -27.31
N SER B 380 11.25 -26.42 -27.50
CA SER B 380 10.82 -25.16 -28.06
C SER B 380 9.74 -24.53 -27.17
N ALA B 381 9.99 -23.27 -26.77
CA ALA B 381 9.02 -22.48 -26.01
C ALA B 381 7.97 -21.80 -26.89
N SER B 382 7.91 -22.13 -28.19
CA SER B 382 7.11 -21.40 -29.16
C SER B 382 5.64 -21.83 -29.07
N LEU B 383 5.01 -21.48 -27.94
CA LEU B 383 3.70 -22.00 -27.58
C LEU B 383 2.58 -20.98 -27.61
N GLY B 384 2.83 -19.74 -28.01
CA GLY B 384 1.84 -18.69 -27.93
C GLY B 384 0.91 -18.64 -29.12
N PRO B 385 0.12 -17.57 -29.24
CA PRO B 385 -0.56 -17.31 -30.50
C PRO B 385 0.46 -17.01 -31.59
N ALA B 386 0.03 -17.15 -32.84
CA ALA B 386 0.90 -16.86 -33.98
C ALA B 386 0.50 -15.53 -34.62
N LEU B 387 1.41 -15.01 -35.45
CA LEU B 387 1.19 -13.71 -36.07
C LEU B 387 -0.01 -13.73 -37.03
N GLY B 388 -0.19 -14.82 -37.77
CA GLY B 388 -1.34 -14.99 -38.64
C GLY B 388 -0.97 -15.75 -39.90
N GLY B 389 -1.93 -15.92 -40.82
CA GLY B 389 -1.64 -16.56 -42.09
C GLY B 389 -0.91 -15.63 -43.05
N ARG B 390 -0.42 -16.22 -44.15
CA ARG B 390 0.34 -15.46 -45.14
C ARG B 390 -0.50 -14.35 -45.79
N GLU B 391 -1.76 -14.66 -46.12
CA GLU B 391 -2.60 -13.67 -46.79
C GLU B 391 -2.95 -12.52 -45.87
N GLN B 392 -3.43 -12.80 -44.66
CA GLN B 392 -3.88 -11.71 -43.79
C GLN B 392 -2.70 -10.88 -43.27
N ILE B 393 -1.52 -11.49 -43.10
CA ILE B 393 -0.34 -10.70 -42.78
C ILE B 393 -0.07 -9.69 -43.89
N ARG B 394 -0.12 -10.15 -45.15
CA ARG B 394 0.06 -9.24 -46.27
C ARG B 394 -1.02 -8.18 -46.29
N ALA B 395 -2.26 -8.56 -45.96
CA ALA B 395 -3.36 -7.60 -45.94
C ALA B 395 -3.17 -6.55 -44.84
N ARG B 396 -2.77 -6.99 -43.64
CA ARG B 396 -2.61 -6.05 -42.53
C ARG B 396 -1.43 -5.12 -42.75
N LEU B 397 -0.32 -5.65 -43.29
CA LEU B 397 0.79 -4.80 -43.67
C LEU B 397 0.40 -3.78 -44.73
N ALA B 398 -0.67 -4.05 -45.48
CA ALA B 398 -1.16 -3.06 -46.45
C ALA B 398 -1.82 -1.90 -45.75
N ASP B 399 -2.57 -2.17 -44.67
CA ASP B 399 -3.14 -1.09 -43.88
C ASP B 399 -2.07 -0.17 -43.32
N TRP B 400 -0.86 -0.69 -43.09
CA TRP B 400 0.24 0.09 -42.56
C TRP B 400 1.03 0.80 -43.65
N ALA B 401 0.55 0.75 -44.90
CA ALA B 401 1.29 1.35 -46.01
C ALA B 401 1.71 2.80 -45.77
N PRO B 402 0.88 3.70 -45.21
CA PRO B 402 1.34 5.09 -45.05
C PRO B 402 2.56 5.27 -44.16
N LEU B 403 3.06 4.22 -43.51
CA LEU B 403 4.20 4.37 -42.61
C LEU B 403 5.38 3.49 -42.94
N ILE B 404 5.19 2.40 -43.69
CA ILE B 404 6.24 1.41 -43.92
C ILE B 404 6.37 1.13 -45.42
N ASP B 405 7.54 0.63 -45.78
CA ASP B 405 7.81 0.04 -47.09
C ASP B 405 8.06 -1.45 -46.88
N VAL B 406 7.54 -2.27 -47.78
CA VAL B 406 7.59 -3.72 -47.60
C VAL B 406 8.06 -4.40 -48.89
N GLU B 407 9.16 -5.18 -48.80
CA GLU B 407 9.58 -6.11 -49.84
C GLU B 407 9.17 -7.54 -49.46
N PHE B 408 9.08 -8.42 -50.47
CA PHE B 408 8.71 -9.83 -50.31
C PHE B 408 9.80 -10.72 -50.88
N PRO B 409 10.96 -10.81 -50.22
CA PRO B 409 12.09 -11.55 -50.78
C PRO B 409 11.72 -12.99 -51.08
N ASP B 410 12.67 -13.65 -51.75
CA ASP B 410 12.49 -15.03 -52.18
C ASP B 410 12.96 -16.02 -51.11
N ASP B 411 14.07 -15.73 -50.45
CA ASP B 411 14.49 -16.39 -49.21
C ASP B 411 14.82 -15.30 -48.19
N ALA B 412 13.87 -15.05 -47.28
CA ALA B 412 14.04 -14.01 -46.27
C ALA B 412 15.23 -14.30 -45.34
N VAL B 413 15.40 -15.56 -44.94
CA VAL B 413 16.53 -15.93 -44.09
C VAL B 413 17.84 -15.52 -44.74
N GLU B 414 17.99 -15.81 -46.04
CA GLU B 414 19.21 -15.48 -46.75
C GLU B 414 19.40 -13.97 -46.84
N THR B 415 18.31 -13.24 -47.13
CA THR B 415 18.38 -11.78 -47.14
C THR B 415 18.76 -11.23 -45.78
N ALA B 416 18.18 -11.82 -44.73
CA ALA B 416 18.42 -11.35 -43.37
C ALA B 416 19.86 -11.63 -42.97
N ALA B 417 20.40 -12.79 -43.36
CA ALA B 417 21.75 -13.14 -42.96
C ALA B 417 22.77 -12.16 -43.53
N GLY B 418 22.56 -11.70 -44.77
CA GLY B 418 23.46 -10.69 -45.33
C GLY B 418 23.35 -9.35 -44.63
N LEU B 419 22.11 -8.88 -44.42
CA LEU B 419 21.87 -7.67 -43.64
C LEU B 419 22.61 -7.71 -42.30
N LEU B 420 22.49 -8.80 -41.55
CA LEU B 420 23.21 -8.93 -40.29
C LEU B 420 24.72 -8.87 -40.50
N ALA B 421 25.21 -9.53 -41.56
CA ALA B 421 26.63 -9.43 -41.87
C ALA B 421 27.01 -8.01 -42.26
N GLU B 422 26.05 -7.25 -42.80
CA GLU B 422 26.29 -5.87 -43.17
C GLU B 422 26.33 -4.92 -41.98
N GLY B 423 25.81 -5.35 -40.82
CA GLY B 423 25.81 -4.52 -39.63
C GLY B 423 24.45 -3.96 -39.23
N GLN B 424 23.38 -4.44 -39.84
CA GLN B 424 22.05 -4.01 -39.44
C GLN B 424 21.59 -4.75 -38.18
N VAL B 425 20.77 -4.06 -37.37
CA VAL B 425 20.05 -4.66 -36.26
C VAL B 425 18.65 -5.00 -36.76
N LEU B 426 18.16 -6.20 -36.42
CA LEU B 426 16.97 -6.73 -37.07
C LEU B 426 15.87 -7.07 -36.08
N GLY B 427 14.65 -6.65 -36.41
CA GLY B 427 13.47 -7.20 -35.77
C GLY B 427 13.09 -8.49 -36.47
N TRP B 428 12.78 -9.52 -35.67
CA TRP B 428 12.61 -10.88 -36.18
C TRP B 428 11.38 -11.47 -35.53
N ALA B 429 10.32 -11.72 -36.31
CA ALA B 429 9.05 -12.14 -35.74
C ALA B 429 8.43 -13.26 -36.57
N TYR B 430 8.35 -14.47 -36.01
CA TYR B 430 7.88 -15.64 -36.76
C TYR B 430 7.08 -16.56 -35.87
N GLY B 431 6.01 -17.13 -36.43
CA GLY B 431 5.38 -18.27 -35.79
C GLY B 431 4.69 -17.90 -34.50
N ARG B 432 4.74 -18.82 -33.53
CA ARG B 432 4.10 -18.65 -32.24
C ARG B 432 5.07 -18.05 -31.21
N SER B 433 4.52 -17.28 -30.28
CA SER B 433 5.34 -16.49 -29.35
C SER B 433 5.85 -17.34 -28.19
N GLU B 434 7.00 -16.92 -27.65
CA GLU B 434 7.71 -17.69 -26.63
C GLU B 434 7.05 -17.58 -25.26
N PHE B 435 6.67 -18.73 -24.70
CA PHE B 435 6.34 -18.82 -23.29
C PHE B 435 7.57 -18.54 -22.44
N GLY B 436 7.43 -17.66 -21.45
CA GLY B 436 8.53 -17.35 -20.56
C GLY B 436 9.26 -16.07 -20.96
N PRO B 437 10.14 -15.61 -20.07
CA PRO B 437 10.70 -14.26 -20.23
C PRO B 437 11.71 -14.10 -21.37
N ARG B 438 12.24 -15.20 -21.93
CA ARG B 438 13.28 -15.14 -22.97
C ARG B 438 12.72 -15.21 -24.39
N ALA B 439 13.31 -14.40 -25.27
CA ALA B 439 13.04 -14.46 -26.70
C ALA B 439 14.08 -15.35 -27.38
N LEU B 440 13.60 -16.32 -28.17
CA LEU B 440 14.42 -17.44 -28.65
C LEU B 440 14.37 -17.64 -30.15
N GLY B 441 14.00 -16.61 -30.92
CA GLY B 441 13.86 -16.72 -32.35
C GLY B 441 12.44 -16.70 -32.87
N HIS B 442 11.48 -16.21 -32.09
CA HIS B 442 10.12 -16.00 -32.57
C HIS B 442 9.61 -14.59 -32.33
N ARG B 443 10.14 -13.89 -31.33
CA ARG B 443 9.89 -12.48 -31.13
C ARG B 443 11.21 -11.88 -30.66
N SER B 444 12.19 -11.85 -31.57
CA SER B 444 13.55 -11.47 -31.19
C SER B 444 14.03 -10.23 -31.95
N ILE B 445 15.07 -9.62 -31.37
CA ILE B 445 15.90 -8.61 -32.03
C ILE B 445 17.31 -9.19 -32.13
N VAL B 446 17.86 -9.22 -33.34
CA VAL B 446 19.07 -9.97 -33.60
C VAL B 446 20.06 -9.10 -34.37
N ALA B 447 21.35 -9.26 -34.05
CA ALA B 447 22.42 -8.52 -34.70
C ALA B 447 23.71 -9.31 -34.62
N ASP B 448 24.68 -8.91 -35.45
CA ASP B 448 26.02 -9.47 -35.39
C ASP B 448 26.53 -9.42 -33.95
N ALA B 449 27.03 -10.56 -33.46
CA ALA B 449 27.51 -10.66 -32.10
C ALA B 449 28.97 -10.26 -31.92
N ARG B 450 29.72 -10.00 -33.02
CA ARG B 450 31.15 -9.76 -32.91
C ARG B 450 31.53 -8.37 -32.39
N PRO B 451 30.94 -7.26 -32.87
CA PRO B 451 31.44 -5.94 -32.46
C PRO B 451 30.96 -5.53 -31.07
N GLU B 452 31.92 -5.19 -30.21
CA GLU B 452 31.59 -4.76 -28.85
C GLU B 452 30.74 -3.49 -28.84
N GLU B 453 30.88 -2.64 -29.86
CA GLU B 453 30.08 -1.41 -29.93
C GLU B 453 28.59 -1.71 -30.06
N ASN B 454 28.23 -2.83 -30.69
CA ASN B 454 26.82 -3.18 -30.87
C ASN B 454 26.06 -3.25 -29.56
N ARG B 455 26.78 -3.38 -28.43
CA ARG B 455 26.13 -3.35 -27.12
C ARG B 455 25.48 -2.01 -26.87
N THR B 456 26.28 -0.95 -26.74
CA THR B 456 25.69 0.36 -26.48
C THR B 456 24.80 0.83 -27.63
N ARG B 457 25.05 0.36 -28.86
CA ARG B 457 24.19 0.69 -29.99
C ARG B 457 22.76 0.20 -29.77
N ILE B 458 22.62 -1.06 -29.40
CA ILE B 458 21.32 -1.64 -29.21
C ILE B 458 20.77 -1.33 -27.82
N ASN B 459 21.63 -1.17 -26.81
CA ASN B 459 21.17 -0.78 -25.48
C ASN B 459 20.69 0.65 -25.47
N ALA B 460 21.54 1.59 -25.86
CA ALA B 460 21.22 3.00 -25.62
C ALA B 460 20.26 3.54 -26.66
N MET B 461 20.24 2.99 -27.87
CA MET B 461 19.50 3.58 -28.97
C MET B 461 18.35 2.70 -29.45
N VAL B 462 18.15 1.53 -28.88
CA VAL B 462 17.19 0.62 -29.45
C VAL B 462 16.31 0.07 -28.34
N LYS B 463 16.90 -0.64 -27.39
CA LYS B 463 16.15 -1.02 -26.19
C LYS B 463 15.94 0.18 -25.27
N LYS B 464 16.87 1.14 -25.27
CA LYS B 464 16.83 2.30 -24.36
C LYS B 464 16.80 1.85 -22.90
N ARG B 465 17.93 1.26 -22.49
CA ARG B 465 18.11 0.77 -21.13
C ARG B 465 19.54 1.03 -20.69
N GLU B 466 19.85 0.64 -19.47
CA GLU B 466 21.18 0.83 -18.90
C GLU B 466 22.24 0.16 -19.77
N GLY B 467 23.42 0.77 -19.86
CA GLY B 467 24.44 0.28 -20.80
C GLY B 467 25.24 -0.91 -20.27
N PHE B 468 25.32 -1.07 -18.95
CA PHE B 468 26.00 -2.22 -18.38
C PHE B 468 25.39 -3.55 -18.80
N ARG B 469 24.11 -3.53 -19.21
CA ARG B 469 23.32 -4.71 -19.52
C ARG B 469 23.98 -5.54 -20.62
N PRO B 470 24.47 -6.75 -20.29
CA PRO B 470 25.08 -7.63 -21.31
C PRO B 470 24.04 -8.25 -22.24
N PHE B 471 24.48 -8.93 -23.30
CA PHE B 471 23.54 -9.42 -24.30
C PHE B 471 23.74 -10.90 -24.56
N ALA B 472 22.65 -11.59 -24.80
CA ALA B 472 22.72 -13.04 -24.86
C ALA B 472 23.07 -13.52 -26.26
N PRO B 473 23.97 -14.48 -26.42
CA PRO B 473 24.25 -15.06 -27.75
C PRO B 473 23.38 -16.25 -28.10
N VAL B 474 23.11 -16.42 -29.40
CA VAL B 474 22.51 -17.65 -29.93
C VAL B 474 23.49 -18.32 -30.89
N VAL B 475 23.92 -19.54 -30.56
CA VAL B 475 24.90 -20.31 -31.30
C VAL B 475 24.21 -21.55 -31.85
N THR B 476 24.82 -22.16 -32.88
CA THR B 476 24.25 -23.37 -33.44
C THR B 476 24.65 -24.58 -32.60
N ALA B 477 23.81 -25.61 -32.65
CA ALA B 477 24.14 -26.85 -31.94
C ALA B 477 25.49 -27.40 -32.36
N GLU B 478 25.82 -27.28 -33.66
CA GLU B 478 27.06 -27.79 -34.23
C GLU B 478 28.27 -26.98 -33.79
N ALA B 479 28.19 -25.65 -33.86
CA ALA B 479 29.29 -24.80 -33.45
C ALA B 479 29.38 -24.58 -31.95
N ALA B 480 28.36 -24.98 -31.19
CA ALA B 480 28.20 -24.53 -29.81
C ALA B 480 29.49 -24.66 -29.01
N ARG B 481 30.08 -25.87 -29.02
CA ARG B 481 31.24 -26.21 -28.20
C ARG B 481 32.51 -25.58 -28.71
N ASP B 482 32.51 -25.00 -29.92
CA ASP B 482 33.62 -24.21 -30.43
C ASP B 482 33.68 -22.81 -29.83
N TYR B 483 32.71 -22.42 -29.00
CA TYR B 483 32.63 -21.07 -28.46
C TYR B 483 32.41 -21.04 -26.95
N PHE B 484 31.68 -21.99 -26.41
CA PHE B 484 31.32 -21.94 -25.00
C PHE B 484 31.74 -23.25 -24.31
N ASP B 485 32.09 -23.12 -23.03
CA ASP B 485 32.39 -24.26 -22.15
C ASP B 485 31.09 -24.79 -21.55
N LEU B 486 30.36 -25.59 -22.32
CA LEU B 486 29.14 -26.23 -21.85
C LEU B 486 29.39 -27.44 -20.95
N SER B 487 30.62 -27.59 -20.43
CA SER B 487 31.02 -28.77 -19.68
C SER B 487 30.39 -28.75 -18.28
N GLY B 488 30.92 -29.61 -17.41
CA GLY B 488 30.44 -29.81 -16.03
C GLY B 488 29.23 -30.75 -15.84
N ALA B 489 28.35 -30.80 -16.83
CA ALA B 489 27.12 -31.57 -16.77
C ALA B 489 26.35 -31.21 -18.03
N ASP B 490 25.33 -32.02 -18.30
CA ASP B 490 24.56 -31.88 -19.53
C ASP B 490 23.32 -31.06 -19.18
N GLY B 491 23.41 -29.75 -19.34
CA GLY B 491 22.30 -28.85 -19.10
C GLY B 491 21.59 -28.57 -20.41
N ASN B 492 20.28 -28.33 -20.33
CA ASN B 492 19.52 -27.93 -21.51
C ASN B 492 19.74 -26.44 -21.79
N HIS B 493 20.12 -26.13 -23.02
CA HIS B 493 20.50 -24.77 -23.39
C HIS B 493 19.58 -24.19 -24.47
N GLU B 494 18.37 -24.73 -24.59
CA GLU B 494 17.43 -24.27 -25.60
C GLU B 494 16.66 -23.04 -25.18
N PHE B 495 16.77 -22.62 -23.90
CA PHE B 495 15.98 -21.51 -23.37
C PHE B 495 16.82 -20.48 -22.64
N MET B 496 18.15 -20.52 -22.76
CA MET B 496 19.04 -19.57 -22.09
C MET B 496 18.96 -19.66 -20.58
N SER B 497 18.64 -20.84 -20.05
CA SER B 497 18.59 -21.00 -18.61
C SER B 497 19.98 -21.00 -17.95
N PHE B 498 21.06 -21.20 -18.72
CA PHE B 498 22.38 -21.36 -18.13
C PHE B 498 23.36 -20.33 -18.67
N VAL B 499 23.99 -19.62 -17.75
CA VAL B 499 25.19 -18.84 -18.04
C VAL B 499 26.38 -19.80 -18.06
N VAL B 500 27.23 -19.66 -19.07
CA VAL B 500 28.37 -20.57 -19.26
C VAL B 500 29.60 -19.76 -19.64
N PRO B 501 30.80 -20.29 -19.40
CA PRO B 501 32.00 -19.52 -19.77
C PRO B 501 32.16 -19.49 -21.28
N VAL B 502 32.58 -18.33 -21.80
CA VAL B 502 32.97 -18.20 -23.20
C VAL B 502 34.45 -18.55 -23.28
N LEU B 503 34.80 -19.41 -24.23
CA LEU B 503 36.17 -19.92 -24.31
C LEU B 503 37.15 -18.76 -24.49
N PRO B 504 38.21 -18.66 -23.66
CA PRO B 504 39.03 -17.42 -23.62
C PRO B 504 39.55 -16.98 -24.98
N GLU B 505 39.92 -17.94 -25.84
CA GLU B 505 40.37 -17.62 -27.19
C GLU B 505 39.25 -17.12 -28.11
N ARG B 506 38.01 -17.02 -27.64
CA ARG B 506 36.94 -16.44 -28.44
C ARG B 506 36.37 -15.15 -27.85
N ARG B 507 36.75 -14.79 -26.62
CA ARG B 507 36.12 -13.67 -25.93
C ARG B 507 36.27 -12.35 -26.67
N THR B 508 37.38 -12.17 -27.39
CA THR B 508 37.50 -10.97 -28.20
C THR B 508 36.68 -11.08 -29.48
N GLU B 509 36.56 -12.28 -30.04
CA GLU B 509 35.76 -12.44 -31.26
C GLU B 509 34.29 -12.12 -30.99
N LEU B 510 33.80 -12.49 -29.81
CA LEU B 510 32.40 -12.31 -29.42
C LEU B 510 32.30 -11.16 -28.41
N GLY B 511 32.41 -9.94 -28.94
CA GLY B 511 32.53 -8.77 -28.09
C GLY B 511 31.21 -8.22 -27.56
N ALA B 512 30.11 -8.39 -28.32
CA ALA B 512 28.82 -7.89 -27.88
C ALA B 512 28.11 -8.80 -26.87
N VAL B 513 28.55 -10.05 -26.73
CA VAL B 513 27.80 -11.04 -25.97
C VAL B 513 28.64 -11.69 -24.87
N THR B 514 29.77 -11.09 -24.53
CA THR B 514 30.64 -11.61 -23.49
C THR B 514 30.65 -10.62 -22.34
N HIS B 515 30.17 -11.06 -21.18
CA HIS B 515 30.13 -10.21 -20.01
C HIS B 515 31.55 -9.87 -19.55
N VAL B 516 31.64 -9.04 -18.51
CA VAL B 516 32.94 -8.61 -17.99
C VAL B 516 33.70 -9.74 -17.30
N ASP B 517 33.02 -10.80 -16.88
CA ASP B 517 33.70 -11.93 -16.25
C ASP B 517 33.87 -13.10 -17.21
N GLY B 518 33.64 -12.90 -18.50
CA GLY B 518 33.93 -13.91 -19.50
C GLY B 518 32.79 -14.85 -19.83
N THR B 519 31.60 -14.65 -19.28
CA THR B 519 30.49 -15.58 -19.37
C THR B 519 29.40 -15.07 -20.30
N ALA B 520 28.44 -15.93 -20.60
CA ALA B 520 27.34 -15.55 -21.46
C ALA B 520 26.15 -16.45 -21.20
N ARG B 521 24.95 -15.91 -21.41
CA ARG B 521 23.70 -16.63 -21.21
C ARG B 521 23.26 -17.23 -22.55
N VAL B 522 23.81 -18.39 -22.87
CA VAL B 522 23.78 -18.87 -24.25
C VAL B 522 22.48 -19.61 -24.55
N GLN B 523 21.87 -19.27 -25.68
CA GLN B 523 20.92 -20.13 -26.35
C GLN B 523 21.68 -21.01 -27.34
N VAL B 524 21.30 -22.28 -27.41
CA VAL B 524 21.85 -23.22 -28.37
C VAL B 524 20.69 -23.70 -29.24
N VAL B 525 20.64 -23.25 -30.48
CA VAL B 525 19.52 -23.51 -31.36
C VAL B 525 19.86 -24.68 -32.24
N SER B 526 18.94 -25.62 -32.33
CA SER B 526 19.15 -26.79 -33.15
C SER B 526 18.09 -26.82 -34.25
N ALA B 527 18.29 -27.70 -35.22
CA ALA B 527 17.25 -27.94 -36.20
C ALA B 527 15.97 -28.47 -35.56
N GLU B 528 16.08 -29.06 -34.37
CA GLU B 528 14.93 -29.61 -33.69
C GLU B 528 14.20 -28.57 -32.82
N SER B 529 14.93 -27.64 -32.20
CA SER B 529 14.30 -26.64 -31.34
C SER B 529 13.69 -25.50 -32.14
N GLY B 530 14.43 -24.95 -33.09
CA GLY B 530 13.93 -23.88 -33.94
C GLY B 530 14.54 -23.90 -35.32
N GLU B 531 13.83 -24.47 -36.29
CA GLU B 531 14.43 -24.72 -37.60
C GLU B 531 14.81 -23.41 -38.29
N ARG B 532 13.83 -22.52 -38.45
CA ARG B 532 14.09 -21.28 -39.18
C ARG B 532 15.19 -20.48 -38.49
N PHE B 533 15.13 -20.39 -37.17
CA PHE B 533 16.16 -19.64 -36.45
C PHE B 533 17.53 -20.31 -36.62
N HIS B 534 17.55 -21.64 -36.68
CA HIS B 534 18.83 -22.35 -36.82
C HIS B 534 19.43 -22.12 -38.19
N ARG B 535 18.61 -22.23 -39.25
CA ARG B 535 19.07 -21.86 -40.58
C ARG B 535 19.66 -20.44 -40.57
N LEU B 536 18.96 -19.51 -39.92
CA LEU B 536 19.39 -18.11 -39.91
C LEU B 536 20.78 -17.96 -39.31
N VAL B 537 21.01 -18.57 -38.15
CA VAL B 537 22.32 -18.43 -37.49
C VAL B 537 23.40 -19.18 -38.26
N ARG B 538 23.06 -20.36 -38.78
CA ARG B 538 24.04 -21.12 -39.55
C ARG B 538 24.50 -20.32 -40.76
N ARG B 539 23.54 -19.78 -41.53
CA ARG B 539 23.85 -19.00 -42.73
C ARG B 539 24.73 -17.80 -42.45
N PHE B 540 24.47 -17.09 -41.34
CA PHE B 540 25.30 -15.94 -40.99
C PHE B 540 26.71 -16.39 -40.67
N GLY B 541 26.85 -17.59 -40.09
CA GLY B 541 28.17 -18.13 -39.83
C GLY B 541 28.91 -18.53 -41.09
N GLU B 542 28.19 -19.09 -42.07
CA GLU B 542 28.81 -19.33 -43.37
C GLU B 542 29.25 -18.04 -44.03
N LEU B 543 28.54 -16.94 -43.79
CA LEU B 543 28.92 -15.68 -44.41
C LEU B 543 30.03 -14.98 -43.65
N THR B 544 30.28 -15.34 -42.40
CA THR B 544 31.17 -14.55 -41.56
C THR B 544 32.23 -15.36 -40.85
N GLY B 545 32.06 -16.68 -40.73
CA GLY B 545 32.95 -17.48 -39.92
C GLY B 545 32.72 -17.34 -38.43
N THR B 546 31.51 -16.90 -38.05
CA THR B 546 31.11 -16.80 -36.65
C THR B 546 29.62 -17.10 -36.64
N PRO B 547 29.23 -18.34 -36.36
CA PRO B 547 27.80 -18.68 -36.32
C PRO B 547 27.13 -18.34 -34.99
N VAL B 548 27.43 -17.16 -34.46
CA VAL B 548 26.82 -16.63 -33.24
C VAL B 548 26.12 -15.33 -33.59
N LEU B 549 24.87 -15.21 -33.17
CA LEU B 549 24.16 -13.94 -33.22
C LEU B 549 23.82 -13.48 -31.80
N LEU B 550 23.82 -12.16 -31.61
CA LEU B 550 23.22 -11.57 -30.42
C LEU B 550 21.70 -11.72 -30.50
N ASN B 551 21.07 -12.04 -29.37
CA ASN B 551 19.62 -12.28 -29.38
C ASN B 551 18.96 -11.68 -28.14
N THR B 552 18.19 -10.62 -28.34
CA THR B 552 17.49 -9.96 -27.26
C THR B 552 15.99 -9.94 -27.55
N SER B 553 15.20 -9.70 -26.50
CA SER B 553 13.74 -9.66 -26.63
C SER B 553 13.31 -8.48 -27.48
N PHE B 554 12.31 -8.71 -28.34
CA PHE B 554 11.68 -7.70 -29.20
C PHE B 554 10.65 -6.92 -28.39
N ASN B 555 11.10 -5.83 -27.75
CA ASN B 555 10.28 -4.93 -26.94
C ASN B 555 11.14 -3.73 -26.51
N ASN B 556 10.51 -2.54 -26.45
CA ASN B 556 11.20 -1.37 -25.89
C ASN B 556 11.03 -1.36 -24.37
N ASN B 557 11.39 -0.25 -23.72
CA ASN B 557 11.41 -0.25 -22.27
C ASN B 557 10.01 -0.29 -21.65
N ALA B 558 8.95 -0.03 -22.42
CA ALA B 558 7.62 0.23 -21.89
C ALA B 558 6.58 -0.84 -22.27
N GLU B 559 7.02 -2.07 -22.54
CA GLU B 559 6.11 -3.13 -22.95
C GLU B 559 6.76 -4.48 -22.69
N PRO B 560 5.97 -5.54 -22.55
CA PRO B 560 6.52 -6.90 -22.61
C PRO B 560 6.78 -7.28 -24.07
N ILE B 561 7.41 -8.46 -24.24
CA ILE B 561 7.63 -9.02 -25.57
C ILE B 561 6.37 -8.90 -26.42
N VAL B 562 6.56 -8.50 -27.68
CA VAL B 562 5.42 -8.20 -28.55
C VAL B 562 4.67 -9.48 -28.92
N GLN B 563 3.41 -9.31 -29.30
CA GLN B 563 2.61 -10.49 -29.60
C GLN B 563 2.05 -10.51 -31.02
N SER B 564 1.04 -9.66 -31.28
CA SER B 564 0.37 -9.54 -32.57
C SER B 564 1.28 -8.85 -33.60
N LEU B 565 0.88 -8.95 -34.86
CA LEU B 565 1.57 -8.20 -35.90
C LEU B 565 1.56 -6.71 -35.58
N ASP B 566 0.41 -6.13 -35.24
CA ASP B 566 0.36 -4.71 -34.92
C ASP B 566 1.30 -4.39 -33.77
N ASP B 567 1.42 -5.28 -32.78
CA ASP B 567 2.45 -5.09 -31.76
C ASP B 567 3.84 -5.02 -32.38
N VAL B 568 4.13 -5.90 -33.34
CA VAL B 568 5.46 -6.00 -33.90
C VAL B 568 5.79 -4.78 -34.74
N VAL B 569 4.82 -4.32 -35.55
CA VAL B 569 5.01 -3.10 -36.34
C VAL B 569 5.11 -1.87 -35.44
N THR B 570 4.19 -1.72 -34.47
CA THR B 570 4.26 -0.61 -33.52
C THR B 570 5.65 -0.50 -32.89
N SER B 571 6.17 -1.64 -32.46
CA SER B 571 7.45 -1.67 -31.76
C SER B 571 8.60 -1.30 -32.69
N PHE B 572 8.53 -1.75 -33.94
CA PHE B 572 9.56 -1.41 -34.91
C PHE B 572 9.56 0.09 -35.23
N LEU B 573 8.37 0.68 -35.38
CA LEU B 573 8.28 2.11 -35.69
C LEU B 573 8.67 3.00 -34.52
N THR B 574 8.68 2.49 -33.29
CA THR B 574 8.91 3.31 -32.11
C THR B 574 10.24 2.99 -31.44
N THR B 575 11.04 2.14 -32.07
CA THR B 575 12.45 1.96 -31.73
C THR B 575 13.28 2.27 -32.95
N ASP B 576 14.60 2.17 -32.80
CA ASP B 576 15.44 2.56 -33.92
C ASP B 576 16.07 1.35 -34.59
N LEU B 577 15.23 0.36 -34.91
CA LEU B 577 15.70 -0.82 -35.63
C LEU B 577 15.81 -0.52 -37.12
N ASP B 578 16.81 -1.14 -37.75
CA ASP B 578 17.09 -0.90 -39.17
C ASP B 578 16.07 -1.58 -40.05
N VAL B 579 15.83 -2.88 -39.84
CA VAL B 579 14.88 -3.64 -40.65
C VAL B 579 14.07 -4.55 -39.73
N LEU B 580 12.84 -4.84 -40.14
CA LEU B 580 12.00 -5.83 -39.49
C LEU B 580 11.73 -6.99 -40.44
N VAL B 581 12.06 -8.20 -40.02
CA VAL B 581 11.68 -9.41 -40.74
C VAL B 581 10.48 -10.01 -40.03
N VAL B 582 9.33 -10.05 -40.70
CA VAL B 582 8.14 -10.61 -40.07
C VAL B 582 7.42 -11.53 -41.04
N GLU B 583 7.56 -12.84 -40.85
CA GLU B 583 6.91 -13.84 -41.71
C GLU B 583 7.26 -13.65 -43.19
N ASP B 584 8.56 -13.53 -43.46
CA ASP B 584 9.20 -13.46 -44.77
C ASP B 584 9.06 -12.09 -45.42
N CYS B 585 8.39 -11.12 -44.80
CA CYS B 585 8.30 -9.78 -45.33
C CYS B 585 9.37 -8.89 -44.72
N LEU B 586 10.03 -8.08 -45.56
CA LEU B 586 10.99 -7.09 -45.09
C LEU B 586 10.31 -5.74 -45.00
N VAL B 587 10.30 -5.16 -43.80
CA VAL B 587 9.62 -3.91 -43.51
C VAL B 587 10.66 -2.89 -43.10
N ARG B 588 10.60 -1.70 -43.71
CA ARG B 588 11.38 -0.56 -43.28
C ARG B 588 10.45 0.63 -43.08
N GLY B 589 10.89 1.57 -42.25
CA GLY B 589 10.10 2.77 -41.99
C GLY B 589 10.24 3.79 -43.10
N LYS B 590 9.11 4.27 -43.61
CA LYS B 590 9.05 5.31 -44.63
C LYS B 590 9.83 6.56 -44.25
N ALA B 591 10.24 7.34 -45.26
CA ALA B 591 11.04 8.53 -45.02
C ALA B 591 10.34 9.47 -44.06
N SER B 592 9.06 9.74 -44.32
CA SER B 592 8.19 10.51 -43.43
C SER B 592 6.92 9.69 -43.24
N PRO B 593 6.80 8.98 -42.14
CA PRO B 593 5.59 8.19 -41.91
C PRO B 593 4.41 9.11 -41.58
N ASP B 594 3.21 8.63 -41.93
CA ASP B 594 1.98 9.42 -41.81
C ASP B 594 1.20 8.99 -40.57
N LEU B 595 1.48 9.64 -39.45
CA LEU B 595 0.80 9.29 -38.20
C LEU B 595 -0.70 9.53 -38.30
N GLY B 596 -1.12 10.45 -39.17
CA GLY B 596 -2.52 10.84 -39.21
C GLY B 596 -3.48 9.71 -39.51
N VAL B 597 -3.00 8.61 -40.10
CA VAL B 597 -3.87 7.51 -40.50
C VAL B 597 -4.13 6.52 -39.37
N LEU B 598 -3.29 6.53 -38.34
CA LEU B 598 -3.48 5.65 -37.20
C LEU B 598 -4.74 6.05 -36.44
N VAL B 599 -5.49 5.05 -36.01
CA VAL B 599 -6.71 5.26 -35.22
C VAL B 599 -6.36 5.11 -33.74
N PRO B 600 -6.41 6.17 -32.94
CA PRO B 600 -6.17 6.01 -31.50
C PRO B 600 -7.28 5.23 -30.85
N ARG B 601 -6.89 4.36 -29.92
CA ARG B 601 -7.79 3.63 -29.03
C ARG B 601 -7.25 3.72 -27.60
N PHE B 602 -8.14 3.91 -26.63
CA PHE B 602 -7.74 3.81 -25.23
C PHE B 602 -7.48 2.35 -24.87
N ARG B 603 -6.42 2.11 -24.10
CA ARG B 603 -6.30 0.82 -23.43
C ARG B 603 -7.29 0.77 -22.27
N PRO B 604 -7.66 -0.42 -21.80
CA PRO B 604 -8.64 -0.47 -20.70
C PRO B 604 -8.17 0.28 -19.45
N VAL B 605 -6.86 0.46 -19.29
CA VAL B 605 -6.30 1.14 -18.12
C VAL B 605 -5.84 2.56 -18.44
N THR B 606 -6.15 3.09 -19.64
CA THR B 606 -5.82 4.48 -19.93
C THR B 606 -6.75 5.42 -19.17
N ARG B 607 -6.18 6.45 -18.55
CA ARG B 607 -6.94 7.50 -17.89
C ARG B 607 -6.40 8.83 -18.36
N LEU B 608 -7.28 9.71 -18.78
CA LEU B 608 -6.91 11.05 -19.18
C LEU B 608 -7.48 12.02 -18.15
N VAL B 609 -6.64 12.94 -17.67
CA VAL B 609 -6.93 13.67 -16.43
C VAL B 609 -6.55 15.13 -16.56
N GLU B 610 -7.46 16.03 -16.17
CA GLU B 610 -7.14 17.42 -15.88
C GLU B 610 -7.15 17.61 -14.37
N ARG B 611 -6.07 18.17 -13.83
CA ARG B 611 -5.84 18.20 -12.39
C ARG B 611 -5.60 19.64 -11.96
N ARG B 612 -6.14 20.02 -10.80
CA ARG B 612 -5.77 21.27 -10.13
C ARG B 612 -5.39 20.93 -8.69
N THR B 613 -4.35 21.55 -8.20
CA THR B 613 -3.84 21.30 -6.86
C THR B 613 -4.12 22.53 -6.03
N ALA B 614 -3.78 22.48 -4.74
CA ALA B 614 -3.86 23.69 -3.93
C ALA B 614 -2.78 24.69 -4.37
N GLY B 615 -3.13 25.97 -4.36
CA GLY B 615 -2.23 27.04 -4.71
C GLY B 615 -1.88 27.92 -3.54
N PRO B 616 -1.01 28.90 -3.77
CA PRO B 616 -0.69 29.88 -2.72
C PRO B 616 -1.90 30.74 -2.37
N ASP B 617 -1.91 31.23 -1.12
CA ASP B 617 -3.02 32.01 -0.58
C ASP B 617 -4.31 31.18 -0.46
N ALA B 618 -4.18 29.85 -0.47
CA ALA B 618 -5.31 28.92 -0.41
C ALA B 618 -6.17 29.02 -1.66
N SER B 619 -5.53 29.22 -2.81
CA SER B 619 -6.24 29.34 -4.08
C SER B 619 -6.29 27.99 -4.79
N ALA B 620 -6.90 27.98 -5.99
CA ALA B 620 -6.81 26.85 -6.89
C ALA B 620 -5.55 26.98 -7.75
N GLY B 621 -4.77 25.90 -7.78
CA GLY B 621 -3.54 25.85 -8.56
C GLY B 621 -3.77 25.82 -10.05
N ALA B 622 -2.70 25.47 -10.77
CA ALA B 622 -2.68 25.43 -12.23
C ALA B 622 -3.26 24.13 -12.73
N LYS B 623 -4.05 24.21 -13.81
CA LYS B 623 -4.50 23.02 -14.55
C LYS B 623 -3.29 22.36 -15.19
N THR B 624 -2.88 21.22 -14.65
CA THR B 624 -2.00 20.31 -15.34
C THR B 624 -2.87 19.24 -16.02
N HIS B 625 -2.46 18.84 -17.23
CA HIS B 625 -3.11 17.76 -17.96
C HIS B 625 -2.12 16.60 -18.09
N GLU B 626 -2.62 15.37 -17.90
CA GLU B 626 -1.77 14.19 -17.86
C GLU B 626 -2.53 12.97 -18.35
N ILE B 627 -1.78 12.04 -18.95
CA ILE B 627 -2.26 10.70 -19.29
C ILE B 627 -1.52 9.71 -18.41
N HIS B 628 -2.21 8.64 -17.99
CA HIS B 628 -1.57 7.63 -17.17
C HIS B 628 -2.27 6.29 -17.31
N LEU B 629 -1.54 5.24 -16.94
CA LEU B 629 -2.05 3.87 -16.93
C LEU B 629 -2.39 3.51 -15.49
N ASP B 630 -3.66 3.13 -15.26
CA ASP B 630 -4.22 2.94 -13.93
C ASP B 630 -4.04 1.49 -13.49
N TYR B 631 -2.81 1.18 -13.09
CA TYR B 631 -2.49 -0.03 -12.37
C TYR B 631 -1.27 0.26 -11.52
N ASP B 632 -1.08 -0.54 -10.46
CA ASP B 632 0.03 -0.30 -9.55
C ASP B 632 1.35 -0.29 -10.29
N GLY B 633 2.07 0.83 -10.17
CA GLY B 633 3.34 1.00 -10.84
C GLY B 633 3.26 1.42 -12.29
N GLY B 634 2.08 1.85 -12.77
CA GLY B 634 1.89 2.21 -14.15
C GLY B 634 2.40 3.60 -14.44
N PRO B 635 2.82 3.83 -15.68
CA PRO B 635 3.47 5.11 -16.02
C PRO B 635 2.47 6.24 -16.12
N SER B 636 3.01 7.45 -16.24
CA SER B 636 2.19 8.65 -16.41
C SER B 636 3.03 9.68 -17.14
N ALA B 637 2.36 10.63 -17.82
CA ALA B 637 3.03 11.66 -18.61
C ALA B 637 2.15 12.91 -18.72
N LYS B 638 2.78 14.09 -18.59
CA LYS B 638 2.13 15.37 -18.85
C LYS B 638 1.78 15.53 -20.33
N VAL B 639 0.64 16.15 -20.61
CA VAL B 639 0.21 16.40 -21.98
C VAL B 639 -0.20 17.86 -22.08
N SER B 640 -0.08 18.37 -23.31
CA SER B 640 -0.40 19.75 -23.60
C SER B 640 -1.90 19.92 -23.56
N PRO B 641 -2.38 21.15 -23.37
CA PRO B 641 -3.82 21.39 -23.45
C PRO B 641 -4.41 20.96 -24.79
N GLU B 642 -3.67 21.10 -25.89
CA GLU B 642 -4.22 20.72 -27.19
C GLU B 642 -4.34 19.21 -27.33
N LEU B 643 -3.35 18.48 -26.83
CA LEU B 643 -3.45 17.03 -26.95
C LEU B 643 -4.52 16.50 -26.01
N TYR B 644 -4.71 17.18 -24.86
CA TYR B 644 -5.76 16.81 -23.93
C TYR B 644 -7.15 16.97 -24.55
N GLU B 645 -7.36 18.04 -25.31
CA GLU B 645 -8.65 18.20 -25.99
C GLU B 645 -8.83 17.12 -27.05
N LEU B 646 -7.77 16.84 -27.80
CA LEU B 646 -7.83 15.84 -28.87
C LEU B 646 -8.07 14.44 -28.30
N LEU B 647 -7.23 14.01 -27.36
CA LEU B 647 -7.39 12.66 -26.81
C LEU B 647 -8.77 12.46 -26.21
N GLY B 648 -9.35 13.49 -25.61
CA GLY B 648 -10.68 13.36 -25.03
C GLY B 648 -11.77 13.06 -26.04
N ALA B 649 -11.50 13.29 -27.32
CA ALA B 649 -12.47 13.02 -28.36
C ALA B 649 -12.25 11.69 -29.03
N VAL B 650 -11.25 10.93 -28.57
CA VAL B 650 -11.00 9.62 -29.16
C VAL B 650 -12.26 8.80 -29.04
N ASP B 651 -12.77 8.33 -30.17
CA ASP B 651 -13.93 7.48 -30.19
C ASP B 651 -13.62 6.06 -30.61
N GLY B 652 -12.34 5.73 -30.84
CA GLY B 652 -11.93 4.38 -31.18
C GLY B 652 -12.16 3.96 -32.61
N THR B 653 -12.61 4.87 -33.48
CA THR B 653 -12.77 4.59 -34.91
C THR B 653 -12.17 5.70 -35.76
N THR B 654 -12.47 6.95 -35.42
CA THR B 654 -11.91 8.10 -36.12
C THR B 654 -10.38 8.13 -36.02
N THR B 655 -9.72 8.50 -37.13
CA THR B 655 -8.25 8.54 -37.17
C THR B 655 -7.72 9.75 -36.41
N LEU B 656 -6.44 9.67 -36.05
CA LEU B 656 -5.77 10.77 -35.36
C LEU B 656 -5.80 12.05 -36.20
N GLY B 657 -5.61 11.91 -37.52
CA GLY B 657 -5.65 13.08 -38.39
C GLY B 657 -7.00 13.74 -38.44
N ASP B 658 -8.08 12.95 -38.41
CA ASP B 658 -9.41 13.54 -38.40
C ASP B 658 -9.77 14.09 -37.01
N LEU B 659 -9.37 13.39 -35.94
CA LEU B 659 -9.54 13.95 -34.61
C LEU B 659 -8.78 15.26 -34.47
N ALA B 660 -7.55 15.32 -35.01
CA ALA B 660 -6.71 16.50 -34.88
C ALA B 660 -7.31 17.74 -35.53
N LYS B 661 -8.27 17.59 -36.44
CA LYS B 661 -8.86 18.76 -37.06
C LYS B 661 -9.67 19.58 -36.05
N THR B 662 -10.19 18.96 -34.98
CA THR B 662 -10.92 19.77 -34.02
C THR B 662 -10.00 20.71 -33.24
N VAL B 663 -8.67 20.58 -33.37
CA VAL B 663 -7.74 21.50 -32.75
C VAL B 663 -6.77 22.08 -33.78
N GLY B 664 -7.22 22.30 -34.99
CA GLY B 664 -6.41 23.03 -35.95
C GLY B 664 -5.57 22.18 -36.86
N GLY B 665 -5.65 20.86 -36.74
CA GLY B 665 -4.91 19.94 -37.58
C GLY B 665 -3.71 19.34 -36.87
N LEU B 666 -3.23 18.23 -37.42
CA LEU B 666 -2.08 17.52 -36.87
C LEU B 666 -0.80 18.26 -37.28
N SER B 667 -0.46 19.29 -36.50
CA SER B 667 0.80 19.99 -36.65
C SER B 667 1.96 19.06 -36.32
N ASP B 668 3.18 19.43 -36.76
CA ASP B 668 4.35 18.63 -36.41
C ASP B 668 4.52 18.54 -34.91
N ALA B 669 4.18 19.62 -34.20
CA ALA B 669 4.27 19.58 -32.74
C ALA B 669 3.38 18.50 -32.16
N LEU B 670 2.12 18.43 -32.59
CA LEU B 670 1.22 17.42 -32.05
C LEU B 670 1.69 16.02 -32.40
N ALA B 671 2.15 15.83 -33.64
CA ALA B 671 2.57 14.50 -34.06
C ALA B 671 3.76 14.01 -33.23
N THR B 672 4.69 14.91 -32.89
CA THR B 672 5.80 14.51 -32.05
C THR B 672 5.32 14.13 -30.66
N GLU B 673 4.44 14.95 -30.09
CA GLU B 673 3.91 14.69 -28.76
C GLU B 673 3.16 13.37 -28.71
N VAL B 674 2.27 13.16 -29.69
CA VAL B 674 1.56 11.89 -29.81
C VAL B 674 2.55 10.74 -29.94
N PHE B 675 3.55 10.89 -30.82
CA PHE B 675 4.56 9.86 -31.01
C PHE B 675 5.27 9.50 -29.71
N ALA B 676 5.60 10.50 -28.88
CA ALA B 676 6.24 10.18 -27.61
C ALA B 676 5.30 9.47 -26.67
N LEU B 677 4.00 9.74 -26.79
CA LEU B 677 3.01 9.01 -26.00
C LEU B 677 2.84 7.59 -26.52
N TRP B 678 2.84 7.44 -27.85
CA TRP B 678 2.86 6.13 -28.49
C TRP B 678 4.05 5.31 -28.00
N GLU B 679 5.21 5.96 -27.89
CA GLU B 679 6.41 5.23 -27.54
C GLU B 679 6.34 4.68 -26.11
N GLN B 680 5.61 5.36 -25.23
CA GLN B 680 5.39 4.88 -23.87
C GLN B 680 4.11 4.08 -23.73
N ARG B 681 3.40 3.81 -24.83
CA ARG B 681 2.30 2.85 -24.86
C ARG B 681 1.09 3.32 -24.05
N PHE B 682 0.93 4.64 -23.87
CA PHE B 682 -0.23 5.16 -23.16
C PHE B 682 -1.53 4.82 -23.86
N LEU B 683 -1.47 4.49 -25.14
CA LEU B 683 -2.69 4.21 -25.87
C LEU B 683 -2.31 3.38 -27.08
N THR B 684 -3.30 2.78 -27.70
CA THR B 684 -3.08 1.98 -28.88
C THR B 684 -3.18 2.87 -30.12
N LEU B 685 -2.11 2.98 -30.87
CA LEU B 685 -2.12 3.62 -32.18
C LEU B 685 -1.92 2.55 -33.23
N ALA B 686 -2.87 2.43 -34.16
CA ALA B 686 -2.85 1.37 -35.15
C ALA B 686 -3.87 1.65 -36.25
N PRO B 687 -3.62 1.17 -37.47
CA PRO B 687 -4.53 1.46 -38.59
C PRO B 687 -5.94 0.91 -38.35
N ALA B 688 -6.89 1.46 -39.09
CA ALA B 688 -8.28 1.10 -38.88
C ALA B 688 -8.48 -0.40 -39.12
N GLY B 689 -9.27 -1.01 -38.25
CA GLY B 689 -9.49 -2.44 -38.31
C GLY B 689 -8.50 -3.25 -37.49
N ASP B 690 -8.43 -4.55 -37.83
CA ASP B 690 -7.52 -5.48 -37.18
C ASP B 690 -7.05 -6.47 -38.23
N ILE B 691 -6.17 -7.37 -37.82
CA ILE B 691 -5.79 -8.45 -38.73
C ILE B 691 -6.89 -9.50 -38.87
N GLY B 692 -7.91 -9.47 -38.02
CA GLY B 692 -8.97 -10.44 -38.07
C GLY B 692 -8.62 -11.73 -37.36
N PRO B 693 -9.63 -12.61 -37.17
CA PRO B 693 -9.38 -13.93 -36.53
C PRO B 693 -8.23 -14.68 -37.17
N LEU B 694 -7.23 -15.01 -36.34
CA LEU B 694 -6.04 -15.74 -36.79
C LEU B 694 -6.44 -17.08 -37.39
N ALA B 695 -6.17 -17.24 -38.69
CA ALA B 695 -6.73 -18.39 -39.40
C ALA B 695 -5.90 -19.65 -39.11
N ASP B 696 -6.53 -20.78 -39.43
CA ASP B 696 -5.95 -22.09 -39.17
C ASP B 696 -4.89 -22.45 -40.22
N ASP B 697 -3.74 -22.97 -39.76
CA ASP B 697 -2.66 -23.43 -40.67
C ASP B 697 -2.81 -24.88 -41.18
#